data_1YD7
# 
_entry.id   1YD7 
# 
_audit_conform.dict_name       mmcif_pdbx.dic 
_audit_conform.dict_version    5.399 
_audit_conform.dict_location   http://mmcif.pdb.org/dictionaries/ascii/mmcif_pdbx.dic 
# 
loop_
_database_2.database_id 
_database_2.database_code 
_database_2.pdbx_database_accession 
_database_2.pdbx_DOI 
PDB   1YD7         pdb_00001yd7 10.2210/pdb1yd7/pdb 
RCSB  RCSB031397   ?            ?                   
WWPDB D_1000031397 ?            ?                   
# 
loop_
_pdbx_audit_revision_history.ordinal 
_pdbx_audit_revision_history.data_content_type 
_pdbx_audit_revision_history.major_revision 
_pdbx_audit_revision_history.minor_revision 
_pdbx_audit_revision_history.revision_date 
1 'Structure model' 1 0 2005-02-08 
2 'Structure model' 1 1 2008-04-30 
3 'Structure model' 1 2 2011-07-13 
4 'Structure model' 1 3 2017-10-11 
5 'Structure model' 1 4 2024-03-06 
6 'Structure model' 1 5 2024-11-20 
# 
_pdbx_audit_revision_details.ordinal             1 
_pdbx_audit_revision_details.revision_ordinal    1 
_pdbx_audit_revision_details.data_content_type   'Structure model' 
_pdbx_audit_revision_details.provider            repository 
_pdbx_audit_revision_details.type                'Initial release' 
_pdbx_audit_revision_details.description         ? 
_pdbx_audit_revision_details.details             ? 
# 
loop_
_pdbx_audit_revision_group.ordinal 
_pdbx_audit_revision_group.revision_ordinal 
_pdbx_audit_revision_group.data_content_type 
_pdbx_audit_revision_group.group 
1 2 'Structure model' 'Version format compliance' 
2 3 'Structure model' 'Version format compliance' 
3 4 'Structure model' 'Refinement description'    
4 5 'Structure model' 'Data collection'           
5 5 'Structure model' 'Database references'       
6 5 'Structure model' 'Derived calculations'      
7 6 'Structure model' 'Structure summary'         
# 
loop_
_pdbx_audit_revision_category.ordinal 
_pdbx_audit_revision_category.revision_ordinal 
_pdbx_audit_revision_category.data_content_type 
_pdbx_audit_revision_category.category 
1  4 'Structure model' software                  
2  5 'Structure model' chem_comp_atom            
3  5 'Structure model' chem_comp_bond            
4  5 'Structure model' database_2                
5  5 'Structure model' pdbx_database_related     
6  5 'Structure model' struct_conn               
7  5 'Structure model' struct_ref_seq_dif        
8  5 'Structure model' struct_site               
9  6 'Structure model' pdbx_entry_details        
10 6 'Structure model' pdbx_modification_feature 
# 
loop_
_pdbx_audit_revision_item.ordinal 
_pdbx_audit_revision_item.revision_ordinal 
_pdbx_audit_revision_item.data_content_type 
_pdbx_audit_revision_item.item 
1  4 'Structure model' '_software.classification'            
2  4 'Structure model' '_software.contact_author'            
3  4 'Structure model' '_software.contact_author_email'      
4  4 'Structure model' '_software.date'                      
5  4 'Structure model' '_software.language'                  
6  4 'Structure model' '_software.location'                  
7  4 'Structure model' '_software.name'                      
8  4 'Structure model' '_software.type'                      
9  4 'Structure model' '_software.version'                   
10 5 'Structure model' '_database_2.pdbx_DOI'                
11 5 'Structure model' '_database_2.pdbx_database_accession' 
12 5 'Structure model' '_pdbx_database_related.db_name'      
13 5 'Structure model' '_struct_conn.pdbx_leaving_atom_flag' 
14 5 'Structure model' '_struct_ref_seq_dif.details'         
15 5 'Structure model' '_struct_site.pdbx_auth_asym_id'      
16 5 'Structure model' '_struct_site.pdbx_auth_comp_id'      
17 5 'Structure model' '_struct_site.pdbx_auth_seq_id'       
# 
_pdbx_database_status.entry_id                        1YD7 
_pdbx_database_status.deposit_site                    RCSB 
_pdbx_database_status.process_site                    RCSB 
_pdbx_database_status.recvd_initial_deposition_date   2004-12-23 
_pdbx_database_status.status_code                     REL 
_pdbx_database_status.status_code_sf                  REL 
_pdbx_database_status.status_code_mr                  ? 
_pdbx_database_status.SG_entry                        Y 
_pdbx_database_status.pdb_format_compatible           Y 
_pdbx_database_status.status_code_cs                  ? 
_pdbx_database_status.methods_development_category    ? 
_pdbx_database_status.status_code_nmr_data            ? 
# 
_pdbx_database_related.db_name        TargetDB 
_pdbx_database_related.db_id          Pfu-1647980-001 
_pdbx_database_related.details        . 
_pdbx_database_related.content_type   unspecified 
# 
loop_
_audit_author.name 
_audit_author.pdbx_ordinal 
'Horanyi, P.'                                             1  
'Florence, Q.'                                            2  
'Zhou, W.'                                                3  
'Chang, J.'                                               4  
'Zhao, M.'                                                5  
'Habel, J.'                                               6  
'Xu, H.'                                                  7  
'Chen, L.'                                                8  
'Lee, D.'                                                 9  
'Nguyen, D.'                                              10 
'Chang, S.-H.'                                            11 
'Tempel, W.'                                              12 
'Lin, D.'                                                 13 
'Zhang, H.'                                               14 
'Praissman, J.'                                           15 
'Jenney Jr., F.E.'                                        16 
'Adams, M.W.W.'                                           17 
'Liu, Z.-J.'                                              18 
'Rose, J.P.'                                              19 
'Wang, B.-C.'                                             20 
'Southeast Collaboratory for Structural Genomics (SECSG)' 21 
# 
_citation.id                        primary 
_citation.title                     'Conserved hypothetical protein Pfu-1647980-001 from Pyrococcus furiosus' 
_citation.journal_abbrev            'To be published' 
_citation.journal_volume            ? 
_citation.page_first                ? 
_citation.page_last                 ? 
_citation.year                      ? 
_citation.journal_id_ASTM           ? 
_citation.country                   ? 
_citation.journal_id_ISSN           ? 
_citation.journal_id_CSD            0353 
_citation.book_publisher            ? 
_citation.pdbx_database_id_PubMed   ? 
_citation.pdbx_database_id_DOI      ? 
# 
loop_
_citation_author.citation_id 
_citation_author.name 
_citation_author.ordinal 
_citation_author.identifier_ORCID 
primary 'Horanyi, P.'                                             1  ? 
primary 'Florence, Q.'                                            2  ? 
primary 'Zhou, W.'                                                3  ? 
primary 'Chang, J.'                                               4  ? 
primary 'Zhao, M.'                                                5  ? 
primary 'Habel, J.'                                               6  ? 
primary 'Xu, H.'                                                  7  ? 
primary 'Chen, L.'                                                8  ? 
primary 'Lee, D.'                                                 9  ? 
primary 'Nguyen, D.'                                              10 ? 
primary 'Chang, S.-H.'                                            11 ? 
primary 'Tempel, W.'                                              12 ? 
primary 'Lin, D.'                                                 13 ? 
primary 'Zhang, H.'                                               14 ? 
primary 'Praissman, J.'                                           15 ? 
primary 'Jenney Jr., F.E.'                                        16 ? 
primary 'Adams, M.W.W.'                                           17 ? 
primary 'Liu, Z.-J.'                                              18 ? 
primary 'Rose, J.P.'                                              19 ? 
primary 'Wang, B.-C.'                                             20 ? 
primary 'Southeast Collaboratory for Structural Genomics (SECSG)' 21 ? 
# 
loop_
_entity.id 
_entity.type 
_entity.src_method 
_entity.pdbx_description 
_entity.formula_weight 
_entity.pdbx_number_of_molecules 
_entity.pdbx_ec 
_entity.pdbx_mutation 
_entity.pdbx_fragment 
_entity.details 
1 polymer     man '2-keto acid:ferredoxin oxidoreductase subunit alpha' 44659.164 1  ? ? ? ? 
2 non-polymer syn 'UNKNOWN ATOM OR ION'                                 ?         6  ? ? ? ? 
3 water       nat water                                                 18.015    25 ? ? ? ? 
# 
_entity_poly.entity_id                      1 
_entity_poly.type                           'polypeptide(L)' 
_entity_poly.nstd_linkage                   no 
_entity_poly.nstd_monomer                   yes 
_entity_poly.pdbx_seq_one_letter_code       
;AHHHHHHGSNKRFPFPVGEPDFIQGDEAIARAAILAGCRFYAGYPITPASEIFEA(MSE)ALY(MSE)PLVDGVVIQ
(MSE)EDEIASIAAAIGASWAGAKA(MSE)TATSGPGFSL(MSE)QENIGYAV(MSE)TETPVVIVDVQRSGPSTGQPTL
PAQGDI(MSE)QAIWGTHGDHSLIVLSPSTVQEAFDFTIRAFNLSEKYRTPVILLTDAEVGH(MSE)RERVYIPNPDEIE
IINRKLPRNEEEAKLPFGDPHGDGVPP(MSE)PIFGKGYRTYVTGLTHDEKGRPRTVDREVHERLIKRIVEKIEKNKKDI
FTYETYELEDAEIGVVATGIVARSALRAVK(MSE)LREEGIKAGLLKIETIWPFDFELIERIAERVDKLYVPE(MSE)NL
GQLYHLIKEGANGKAEVKLISKIGGEVHTP(MSE)EIFEFIRREFK
;
_entity_poly.pdbx_seq_one_letter_code_can   
;AHHHHHHGSNKRFPFPVGEPDFIQGDEAIARAAILAGCRFYAGYPITPASEIFEAMALYMPLVDGVVIQMEDEIASIAAA
IGASWAGAKAMTATSGPGFSLMQENIGYAVMTETPVVIVDVQRSGPSTGQPTLPAQGDIMQAIWGTHGDHSLIVLSPSTV
QEAFDFTIRAFNLSEKYRTPVILLTDAEVGHMRERVYIPNPDEIEIINRKLPRNEEEAKLPFGDPHGDGVPPMPIFGKGY
RTYVTGLTHDEKGRPRTVDREVHERLIKRIVEKIEKNKKDIFTYETYELEDAEIGVVATGIVARSALRAVKMLREEGIKA
GLLKIETIWPFDFELIERIAERVDKLYVPEMNLGQLYHLIKEGANGKAEVKLISKIGGEVHTPMEIFEFIRREFK
;
_entity_poly.pdbx_strand_id                 A 
_entity_poly.pdbx_target_identifier         Pfu-1647980-001 
# 
loop_
_pdbx_entity_nonpoly.entity_id 
_pdbx_entity_nonpoly.name 
_pdbx_entity_nonpoly.comp_id 
2 'UNKNOWN ATOM OR ION' UNX 
3 water                 HOH 
# 
loop_
_entity_poly_seq.entity_id 
_entity_poly_seq.num 
_entity_poly_seq.mon_id 
_entity_poly_seq.hetero 
1 1   ALA n 
1 2   HIS n 
1 3   HIS n 
1 4   HIS n 
1 5   HIS n 
1 6   HIS n 
1 7   HIS n 
1 8   GLY n 
1 9   SER n 
1 10  ASN n 
1 11  LYS n 
1 12  ARG n 
1 13  PHE n 
1 14  PRO n 
1 15  PHE n 
1 16  PRO n 
1 17  VAL n 
1 18  GLY n 
1 19  GLU n 
1 20  PRO n 
1 21  ASP n 
1 22  PHE n 
1 23  ILE n 
1 24  GLN n 
1 25  GLY n 
1 26  ASP n 
1 27  GLU n 
1 28  ALA n 
1 29  ILE n 
1 30  ALA n 
1 31  ARG n 
1 32  ALA n 
1 33  ALA n 
1 34  ILE n 
1 35  LEU n 
1 36  ALA n 
1 37  GLY n 
1 38  CYS n 
1 39  ARG n 
1 40  PHE n 
1 41  TYR n 
1 42  ALA n 
1 43  GLY n 
1 44  TYR n 
1 45  PRO n 
1 46  ILE n 
1 47  THR n 
1 48  PRO n 
1 49  ALA n 
1 50  SER n 
1 51  GLU n 
1 52  ILE n 
1 53  PHE n 
1 54  GLU n 
1 55  ALA n 
1 56  MSE n 
1 57  ALA n 
1 58  LEU n 
1 59  TYR n 
1 60  MSE n 
1 61  PRO n 
1 62  LEU n 
1 63  VAL n 
1 64  ASP n 
1 65  GLY n 
1 66  VAL n 
1 67  VAL n 
1 68  ILE n 
1 69  GLN n 
1 70  MSE n 
1 71  GLU n 
1 72  ASP n 
1 73  GLU n 
1 74  ILE n 
1 75  ALA n 
1 76  SER n 
1 77  ILE n 
1 78  ALA n 
1 79  ALA n 
1 80  ALA n 
1 81  ILE n 
1 82  GLY n 
1 83  ALA n 
1 84  SER n 
1 85  TRP n 
1 86  ALA n 
1 87  GLY n 
1 88  ALA n 
1 89  LYS n 
1 90  ALA n 
1 91  MSE n 
1 92  THR n 
1 93  ALA n 
1 94  THR n 
1 95  SER n 
1 96  GLY n 
1 97  PRO n 
1 98  GLY n 
1 99  PHE n 
1 100 SER n 
1 101 LEU n 
1 102 MSE n 
1 103 GLN n 
1 104 GLU n 
1 105 ASN n 
1 106 ILE n 
1 107 GLY n 
1 108 TYR n 
1 109 ALA n 
1 110 VAL n 
1 111 MSE n 
1 112 THR n 
1 113 GLU n 
1 114 THR n 
1 115 PRO n 
1 116 VAL n 
1 117 VAL n 
1 118 ILE n 
1 119 VAL n 
1 120 ASP n 
1 121 VAL n 
1 122 GLN n 
1 123 ARG n 
1 124 SER n 
1 125 GLY n 
1 126 PRO n 
1 127 SER n 
1 128 THR n 
1 129 GLY n 
1 130 GLN n 
1 131 PRO n 
1 132 THR n 
1 133 LEU n 
1 134 PRO n 
1 135 ALA n 
1 136 GLN n 
1 137 GLY n 
1 138 ASP n 
1 139 ILE n 
1 140 MSE n 
1 141 GLN n 
1 142 ALA n 
1 143 ILE n 
1 144 TRP n 
1 145 GLY n 
1 146 THR n 
1 147 HIS n 
1 148 GLY n 
1 149 ASP n 
1 150 HIS n 
1 151 SER n 
1 152 LEU n 
1 153 ILE n 
1 154 VAL n 
1 155 LEU n 
1 156 SER n 
1 157 PRO n 
1 158 SER n 
1 159 THR n 
1 160 VAL n 
1 161 GLN n 
1 162 GLU n 
1 163 ALA n 
1 164 PHE n 
1 165 ASP n 
1 166 PHE n 
1 167 THR n 
1 168 ILE n 
1 169 ARG n 
1 170 ALA n 
1 171 PHE n 
1 172 ASN n 
1 173 LEU n 
1 174 SER n 
1 175 GLU n 
1 176 LYS n 
1 177 TYR n 
1 178 ARG n 
1 179 THR n 
1 180 PRO n 
1 181 VAL n 
1 182 ILE n 
1 183 LEU n 
1 184 LEU n 
1 185 THR n 
1 186 ASP n 
1 187 ALA n 
1 188 GLU n 
1 189 VAL n 
1 190 GLY n 
1 191 HIS n 
1 192 MSE n 
1 193 ARG n 
1 194 GLU n 
1 195 ARG n 
1 196 VAL n 
1 197 TYR n 
1 198 ILE n 
1 199 PRO n 
1 200 ASN n 
1 201 PRO n 
1 202 ASP n 
1 203 GLU n 
1 204 ILE n 
1 205 GLU n 
1 206 ILE n 
1 207 ILE n 
1 208 ASN n 
1 209 ARG n 
1 210 LYS n 
1 211 LEU n 
1 212 PRO n 
1 213 ARG n 
1 214 ASN n 
1 215 GLU n 
1 216 GLU n 
1 217 GLU n 
1 218 ALA n 
1 219 LYS n 
1 220 LEU n 
1 221 PRO n 
1 222 PHE n 
1 223 GLY n 
1 224 ASP n 
1 225 PRO n 
1 226 HIS n 
1 227 GLY n 
1 228 ASP n 
1 229 GLY n 
1 230 VAL n 
1 231 PRO n 
1 232 PRO n 
1 233 MSE n 
1 234 PRO n 
1 235 ILE n 
1 236 PHE n 
1 237 GLY n 
1 238 LYS n 
1 239 GLY n 
1 240 TYR n 
1 241 ARG n 
1 242 THR n 
1 243 TYR n 
1 244 VAL n 
1 245 THR n 
1 246 GLY n 
1 247 LEU n 
1 248 THR n 
1 249 HIS n 
1 250 ASP n 
1 251 GLU n 
1 252 LYS n 
1 253 GLY n 
1 254 ARG n 
1 255 PRO n 
1 256 ARG n 
1 257 THR n 
1 258 VAL n 
1 259 ASP n 
1 260 ARG n 
1 261 GLU n 
1 262 VAL n 
1 263 HIS n 
1 264 GLU n 
1 265 ARG n 
1 266 LEU n 
1 267 ILE n 
1 268 LYS n 
1 269 ARG n 
1 270 ILE n 
1 271 VAL n 
1 272 GLU n 
1 273 LYS n 
1 274 ILE n 
1 275 GLU n 
1 276 LYS n 
1 277 ASN n 
1 278 LYS n 
1 279 LYS n 
1 280 ASP n 
1 281 ILE n 
1 282 PHE n 
1 283 THR n 
1 284 TYR n 
1 285 GLU n 
1 286 THR n 
1 287 TYR n 
1 288 GLU n 
1 289 LEU n 
1 290 GLU n 
1 291 ASP n 
1 292 ALA n 
1 293 GLU n 
1 294 ILE n 
1 295 GLY n 
1 296 VAL n 
1 297 VAL n 
1 298 ALA n 
1 299 THR n 
1 300 GLY n 
1 301 ILE n 
1 302 VAL n 
1 303 ALA n 
1 304 ARG n 
1 305 SER n 
1 306 ALA n 
1 307 LEU n 
1 308 ARG n 
1 309 ALA n 
1 310 VAL n 
1 311 LYS n 
1 312 MSE n 
1 313 LEU n 
1 314 ARG n 
1 315 GLU n 
1 316 GLU n 
1 317 GLY n 
1 318 ILE n 
1 319 LYS n 
1 320 ALA n 
1 321 GLY n 
1 322 LEU n 
1 323 LEU n 
1 324 LYS n 
1 325 ILE n 
1 326 GLU n 
1 327 THR n 
1 328 ILE n 
1 329 TRP n 
1 330 PRO n 
1 331 PHE n 
1 332 ASP n 
1 333 PHE n 
1 334 GLU n 
1 335 LEU n 
1 336 ILE n 
1 337 GLU n 
1 338 ARG n 
1 339 ILE n 
1 340 ALA n 
1 341 GLU n 
1 342 ARG n 
1 343 VAL n 
1 344 ASP n 
1 345 LYS n 
1 346 LEU n 
1 347 TYR n 
1 348 VAL n 
1 349 PRO n 
1 350 GLU n 
1 351 MSE n 
1 352 ASN n 
1 353 LEU n 
1 354 GLY n 
1 355 GLN n 
1 356 LEU n 
1 357 TYR n 
1 358 HIS n 
1 359 LEU n 
1 360 ILE n 
1 361 LYS n 
1 362 GLU n 
1 363 GLY n 
1 364 ALA n 
1 365 ASN n 
1 366 GLY n 
1 367 LYS n 
1 368 ALA n 
1 369 GLU n 
1 370 VAL n 
1 371 LYS n 
1 372 LEU n 
1 373 ILE n 
1 374 SER n 
1 375 LYS n 
1 376 ILE n 
1 377 GLY n 
1 378 GLY n 
1 379 GLU n 
1 380 VAL n 
1 381 HIS n 
1 382 THR n 
1 383 PRO n 
1 384 MSE n 
1 385 GLU n 
1 386 ILE n 
1 387 PHE n 
1 388 GLU n 
1 389 PHE n 
1 390 ILE n 
1 391 ARG n 
1 392 ARG n 
1 393 GLU n 
1 394 PHE n 
1 395 LYS n 
# 
_entity_src_gen.entity_id                          1 
_entity_src_gen.pdbx_src_id                        1 
_entity_src_gen.pdbx_alt_source_flag               sample 
_entity_src_gen.pdbx_seq_type                      ? 
_entity_src_gen.pdbx_beg_seq_num                   ? 
_entity_src_gen.pdbx_end_seq_num                   ? 
_entity_src_gen.gene_src_common_name               ? 
_entity_src_gen.gene_src_genus                     Pyrococcus 
_entity_src_gen.pdbx_gene_src_gene                 ? 
_entity_src_gen.gene_src_species                   ? 
_entity_src_gen.gene_src_strain                    ? 
_entity_src_gen.gene_src_tissue                    ? 
_entity_src_gen.gene_src_tissue_fraction           ? 
_entity_src_gen.gene_src_details                   ? 
_entity_src_gen.pdbx_gene_src_fragment             ? 
_entity_src_gen.pdbx_gene_src_scientific_name      'Pyrococcus furiosus' 
_entity_src_gen.pdbx_gene_src_ncbi_taxonomy_id     2261 
_entity_src_gen.pdbx_gene_src_variant              ? 
_entity_src_gen.pdbx_gene_src_cell_line            ? 
_entity_src_gen.pdbx_gene_src_atcc                 ? 
_entity_src_gen.pdbx_gene_src_organ                ? 
_entity_src_gen.pdbx_gene_src_organelle            ? 
_entity_src_gen.pdbx_gene_src_cell                 ? 
_entity_src_gen.pdbx_gene_src_cellular_location    ? 
_entity_src_gen.host_org_common_name               ? 
_entity_src_gen.pdbx_host_org_scientific_name      'Escherichia coli' 
_entity_src_gen.pdbx_host_org_ncbi_taxonomy_id     562 
_entity_src_gen.host_org_genus                     Escherichia 
_entity_src_gen.pdbx_host_org_gene                 ? 
_entity_src_gen.pdbx_host_org_organ                ? 
_entity_src_gen.host_org_species                   ? 
_entity_src_gen.pdbx_host_org_tissue               ? 
_entity_src_gen.pdbx_host_org_tissue_fraction      ? 
_entity_src_gen.pdbx_host_org_strain               ? 
_entity_src_gen.pdbx_host_org_variant              ? 
_entity_src_gen.pdbx_host_org_cell_line            ? 
_entity_src_gen.pdbx_host_org_atcc                 ? 
_entity_src_gen.pdbx_host_org_culture_collection   ? 
_entity_src_gen.pdbx_host_org_cell                 ? 
_entity_src_gen.pdbx_host_org_organelle            ? 
_entity_src_gen.pdbx_host_org_cellular_location    ? 
_entity_src_gen.pdbx_host_org_vector_type          ? 
_entity_src_gen.pdbx_host_org_vector               ? 
_entity_src_gen.host_org_details                   ? 
_entity_src_gen.expression_system_id               ? 
_entity_src_gen.plasmid_name                       ? 
_entity_src_gen.plasmid_details                    ? 
_entity_src_gen.pdbx_description                   ? 
# 
loop_
_chem_comp.id 
_chem_comp.type 
_chem_comp.mon_nstd_flag 
_chem_comp.name 
_chem_comp.pdbx_synonyms 
_chem_comp.formula 
_chem_comp.formula_weight 
ALA 'L-peptide linking' y ALANINE               ? 'C3 H7 N O2'     89.093  
ARG 'L-peptide linking' y ARGININE              ? 'C6 H15 N4 O2 1' 175.209 
ASN 'L-peptide linking' y ASPARAGINE            ? 'C4 H8 N2 O3'    132.118 
ASP 'L-peptide linking' y 'ASPARTIC ACID'       ? 'C4 H7 N O4'     133.103 
CYS 'L-peptide linking' y CYSTEINE              ? 'C3 H7 N O2 S'   121.158 
GLN 'L-peptide linking' y GLUTAMINE             ? 'C5 H10 N2 O3'   146.144 
GLU 'L-peptide linking' y 'GLUTAMIC ACID'       ? 'C5 H9 N O4'     147.129 
GLY 'peptide linking'   y GLYCINE               ? 'C2 H5 N O2'     75.067  
HIS 'L-peptide linking' y HISTIDINE             ? 'C6 H10 N3 O2 1' 156.162 
HOH non-polymer         . WATER                 ? 'H2 O'           18.015  
ILE 'L-peptide linking' y ISOLEUCINE            ? 'C6 H13 N O2'    131.173 
LEU 'L-peptide linking' y LEUCINE               ? 'C6 H13 N O2'    131.173 
LYS 'L-peptide linking' y LYSINE                ? 'C6 H15 N2 O2 1' 147.195 
MET 'L-peptide linking' y METHIONINE            ? 'C5 H11 N O2 S'  149.211 
MSE 'L-peptide linking' n SELENOMETHIONINE      ? 'C5 H11 N O2 Se' 196.106 
PHE 'L-peptide linking' y PHENYLALANINE         ? 'C9 H11 N O2'    165.189 
PRO 'L-peptide linking' y PROLINE               ? 'C5 H9 N O2'     115.130 
SER 'L-peptide linking' y SERINE                ? 'C3 H7 N O3'     105.093 
THR 'L-peptide linking' y THREONINE             ? 'C4 H9 N O3'     119.119 
TRP 'L-peptide linking' y TRYPTOPHAN            ? 'C11 H12 N2 O2'  204.225 
TYR 'L-peptide linking' y TYROSINE              ? 'C9 H11 N O3'    181.189 
UNX non-polymer         . 'UNKNOWN ATOM OR ION' ? ?                ?       
VAL 'L-peptide linking' y VALINE                ? 'C5 H11 N O2'    117.146 
# 
loop_
_pdbx_poly_seq_scheme.asym_id 
_pdbx_poly_seq_scheme.entity_id 
_pdbx_poly_seq_scheme.seq_id 
_pdbx_poly_seq_scheme.mon_id 
_pdbx_poly_seq_scheme.ndb_seq_num 
_pdbx_poly_seq_scheme.pdb_seq_num 
_pdbx_poly_seq_scheme.auth_seq_num 
_pdbx_poly_seq_scheme.pdb_mon_id 
_pdbx_poly_seq_scheme.auth_mon_id 
_pdbx_poly_seq_scheme.pdb_strand_id 
_pdbx_poly_seq_scheme.pdb_ins_code 
_pdbx_poly_seq_scheme.hetero 
A 1 1   ALA 1   -7  ?   ?   ?   A . n 
A 1 2   HIS 2   -6  ?   ?   ?   A . n 
A 1 3   HIS 3   -5  ?   ?   ?   A . n 
A 1 4   HIS 4   -4  ?   ?   ?   A . n 
A 1 5   HIS 5   -3  ?   ?   ?   A . n 
A 1 6   HIS 6   -2  ?   ?   ?   A . n 
A 1 7   HIS 7   -1  ?   ?   ?   A . n 
A 1 8   GLY 8   0   ?   ?   ?   A . n 
A 1 9   SER 9   1   ?   ?   ?   A . n 
A 1 10  ASN 10  2   ?   ?   ?   A . n 
A 1 11  LYS 11  3   ?   ?   ?   A . n 
A 1 12  ARG 12  4   4   ARG ARG A . n 
A 1 13  PHE 13  5   5   PHE PHE A . n 
A 1 14  PRO 14  6   6   PRO PRO A . n 
A 1 15  PHE 15  7   7   PHE PHE A . n 
A 1 16  PRO 16  8   8   PRO PRO A . n 
A 1 17  VAL 17  9   9   VAL VAL A . n 
A 1 18  GLY 18  10  10  GLY GLY A . n 
A 1 19  GLU 19  11  11  GLU GLU A . n 
A 1 20  PRO 20  12  12  PRO PRO A . n 
A 1 21  ASP 21  13  13  ASP ASP A . n 
A 1 22  PHE 22  14  14  PHE PHE A . n 
A 1 23  ILE 23  15  15  ILE ILE A . n 
A 1 24  GLN 24  16  16  GLN GLN A . n 
A 1 25  GLY 25  17  17  GLY GLY A . n 
A 1 26  ASP 26  18  18  ASP ASP A . n 
A 1 27  GLU 27  19  19  GLU GLU A . n 
A 1 28  ALA 28  20  20  ALA ALA A . n 
A 1 29  ILE 29  21  21  ILE ILE A . n 
A 1 30  ALA 30  22  22  ALA ALA A . n 
A 1 31  ARG 31  23  23  ARG ARG A . n 
A 1 32  ALA 32  24  24  ALA ALA A . n 
A 1 33  ALA 33  25  25  ALA ALA A . n 
A 1 34  ILE 34  26  26  ILE ILE A . n 
A 1 35  LEU 35  27  27  LEU LEU A . n 
A 1 36  ALA 36  28  28  ALA ALA A . n 
A 1 37  GLY 37  29  29  GLY GLY A . n 
A 1 38  CYS 38  30  30  CYS CYS A . n 
A 1 39  ARG 39  31  31  ARG ARG A . n 
A 1 40  PHE 40  32  32  PHE PHE A . n 
A 1 41  TYR 41  33  33  TYR TYR A . n 
A 1 42  ALA 42  34  34  ALA ALA A . n 
A 1 43  GLY 43  35  35  GLY GLY A . n 
A 1 44  TYR 44  36  36  TYR TYR A . n 
A 1 45  PRO 45  37  37  PRO PRO A . n 
A 1 46  ILE 46  38  38  ILE ILE A . n 
A 1 47  THR 47  39  39  THR THR A . n 
A 1 48  PRO 48  40  40  PRO PRO A . n 
A 1 49  ALA 49  41  41  ALA ALA A . n 
A 1 50  SER 50  42  42  SER SER A . n 
A 1 51  GLU 51  43  43  GLU GLU A . n 
A 1 52  ILE 52  44  44  ILE ILE A . n 
A 1 53  PHE 53  45  45  PHE PHE A . n 
A 1 54  GLU 54  46  46  GLU GLU A . n 
A 1 55  ALA 55  47  47  ALA ALA A . n 
A 1 56  MSE 56  48  48  MSE MSE A . n 
A 1 57  ALA 57  49  49  ALA ALA A . n 
A 1 58  LEU 58  50  50  LEU LEU A . n 
A 1 59  TYR 59  51  51  TYR TYR A . n 
A 1 60  MSE 60  52  52  MSE MSE A . n 
A 1 61  PRO 61  53  53  PRO PRO A . n 
A 1 62  LEU 62  54  54  LEU LEU A . n 
A 1 63  VAL 63  55  55  VAL VAL A . n 
A 1 64  ASP 64  56  56  ASP ASP A . n 
A 1 65  GLY 65  57  57  GLY GLY A . n 
A 1 66  VAL 66  58  58  VAL VAL A . n 
A 1 67  VAL 67  59  59  VAL VAL A . n 
A 1 68  ILE 68  60  60  ILE ILE A . n 
A 1 69  GLN 69  61  61  GLN GLN A . n 
A 1 70  MSE 70  62  62  MSE MSE A . n 
A 1 71  GLU 71  63  63  GLU GLU A . n 
A 1 72  ASP 72  64  64  ASP ASP A . n 
A 1 73  GLU 73  65  65  GLU GLU A . n 
A 1 74  ILE 74  66  66  ILE ILE A . n 
A 1 75  ALA 75  67  67  ALA ALA A . n 
A 1 76  SER 76  68  68  SER SER A . n 
A 1 77  ILE 77  69  69  ILE ILE A . n 
A 1 78  ALA 78  70  70  ALA ALA A . n 
A 1 79  ALA 79  71  71  ALA ALA A . n 
A 1 80  ALA 80  72  72  ALA ALA A . n 
A 1 81  ILE 81  73  73  ILE ILE A . n 
A 1 82  GLY 82  74  74  GLY GLY A . n 
A 1 83  ALA 83  75  75  ALA ALA A . n 
A 1 84  SER 84  76  76  SER SER A . n 
A 1 85  TRP 85  77  77  TRP TRP A . n 
A 1 86  ALA 86  78  78  ALA ALA A . n 
A 1 87  GLY 87  79  79  GLY GLY A . n 
A 1 88  ALA 88  80  80  ALA ALA A . n 
A 1 89  LYS 89  81  81  LYS LYS A . n 
A 1 90  ALA 90  82  82  ALA ALA A . n 
A 1 91  MSE 91  83  83  MSE MSE A . n 
A 1 92  THR 92  84  84  THR THR A . n 
A 1 93  ALA 93  85  85  ALA ALA A . n 
A 1 94  THR 94  86  86  THR THR A . n 
A 1 95  SER 95  87  87  SER SER A . n 
A 1 96  GLY 96  88  88  GLY GLY A . n 
A 1 97  PRO 97  89  89  PRO PRO A . n 
A 1 98  GLY 98  90  90  GLY GLY A . n 
A 1 99  PHE 99  91  91  PHE PHE A . n 
A 1 100 SER 100 92  92  SER SER A . n 
A 1 101 LEU 101 93  93  LEU LEU A . n 
A 1 102 MSE 102 94  94  MSE MSE A . n 
A 1 103 GLN 103 95  95  GLN GLN A . n 
A 1 104 GLU 104 96  96  GLU GLU A . n 
A 1 105 ASN 105 97  97  ASN ASN A . n 
A 1 106 ILE 106 98  98  ILE ILE A . n 
A 1 107 GLY 107 99  ?   ?   ?   A . n 
A 1 108 TYR 108 100 ?   ?   ?   A . n 
A 1 109 ALA 109 101 ?   ?   ?   A . n 
A 1 110 VAL 110 102 ?   ?   ?   A . n 
A 1 111 MSE 111 103 103 MSE MSE A . n 
A 1 112 THR 112 104 104 THR THR A . n 
A 1 113 GLU 113 105 105 GLU GLU A . n 
A 1 114 THR 114 106 106 THR THR A . n 
A 1 115 PRO 115 107 107 PRO PRO A . n 
A 1 116 VAL 116 108 108 VAL VAL A . n 
A 1 117 VAL 117 109 109 VAL VAL A . n 
A 1 118 ILE 118 110 110 ILE ILE A . n 
A 1 119 VAL 119 111 111 VAL VAL A . n 
A 1 120 ASP 120 112 112 ASP ASP A . n 
A 1 121 VAL 121 113 113 VAL VAL A . n 
A 1 122 GLN 122 114 114 GLN GLN A . n 
A 1 123 ARG 123 115 ?   ?   ?   A . n 
A 1 124 SER 124 116 ?   ?   ?   A . n 
A 1 125 GLY 125 117 ?   ?   ?   A . n 
A 1 126 PRO 126 118 ?   ?   ?   A . n 
A 1 127 SER 127 119 ?   ?   ?   A . n 
A 1 128 THR 128 120 ?   ?   ?   A . n 
A 1 129 GLY 129 121 ?   ?   ?   A . n 
A 1 130 GLN 130 122 ?   ?   ?   A . n 
A 1 131 PRO 131 123 ?   ?   ?   A . n 
A 1 132 THR 132 124 ?   ?   ?   A . n 
A 1 133 LEU 133 125 ?   ?   ?   A . n 
A 1 134 PRO 134 126 ?   ?   ?   A . n 
A 1 135 ALA 135 127 ?   ?   ?   A . n 
A 1 136 GLN 136 128 ?   ?   ?   A . n 
A 1 137 GLY 137 129 ?   ?   ?   A . n 
A 1 138 ASP 138 130 ?   ?   ?   A . n 
A 1 139 ILE 139 131 ?   ?   ?   A . n 
A 1 140 MSE 140 132 ?   ?   ?   A . n 
A 1 141 GLN 141 133 ?   ?   ?   A . n 
A 1 142 ALA 142 134 ?   ?   ?   A . n 
A 1 143 ILE 143 135 ?   ?   ?   A . n 
A 1 144 TRP 144 136 ?   ?   ?   A . n 
A 1 145 GLY 145 137 ?   ?   ?   A . n 
A 1 146 THR 146 138 ?   ?   ?   A . n 
A 1 147 HIS 147 139 ?   ?   ?   A . n 
A 1 148 GLY 148 140 ?   ?   ?   A . n 
A 1 149 ASP 149 141 141 ASP ASP A . n 
A 1 150 HIS 150 142 142 HIS HIS A . n 
A 1 151 SER 151 143 143 SER SER A . n 
A 1 152 LEU 152 144 144 LEU LEU A . n 
A 1 153 ILE 153 145 145 ILE ILE A . n 
A 1 154 VAL 154 146 146 VAL VAL A . n 
A 1 155 LEU 155 147 147 LEU LEU A . n 
A 1 156 SER 156 148 148 SER SER A . n 
A 1 157 PRO 157 149 149 PRO PRO A . n 
A 1 158 SER 158 150 150 SER SER A . n 
A 1 159 THR 159 151 151 THR THR A . n 
A 1 160 VAL 160 152 152 VAL VAL A . n 
A 1 161 GLN 161 153 153 GLN GLN A . n 
A 1 162 GLU 162 154 154 GLU GLU A . n 
A 1 163 ALA 163 155 155 ALA ALA A . n 
A 1 164 PHE 164 156 156 PHE PHE A . n 
A 1 165 ASP 165 157 157 ASP ASP A . n 
A 1 166 PHE 166 158 158 PHE PHE A . n 
A 1 167 THR 167 159 159 THR THR A . n 
A 1 168 ILE 168 160 160 ILE ILE A . n 
A 1 169 ARG 169 161 161 ARG ARG A . n 
A 1 170 ALA 170 162 162 ALA ALA A . n 
A 1 171 PHE 171 163 163 PHE PHE A . n 
A 1 172 ASN 172 164 164 ASN ASN A . n 
A 1 173 LEU 173 165 165 LEU LEU A . n 
A 1 174 SER 174 166 166 SER SER A . n 
A 1 175 GLU 175 167 167 GLU GLU A . n 
A 1 176 LYS 176 168 168 LYS LYS A . n 
A 1 177 TYR 177 169 169 TYR TYR A . n 
A 1 178 ARG 178 170 170 ARG ARG A . n 
A 1 179 THR 179 171 171 THR THR A . n 
A 1 180 PRO 180 172 172 PRO PRO A . n 
A 1 181 VAL 181 173 173 VAL VAL A . n 
A 1 182 ILE 182 174 174 ILE ILE A . n 
A 1 183 LEU 183 175 175 LEU LEU A . n 
A 1 184 LEU 184 176 176 LEU LEU A . n 
A 1 185 THR 185 177 177 THR THR A . n 
A 1 186 ASP 186 178 178 ASP ASP A . n 
A 1 187 ALA 187 179 179 ALA ALA A . n 
A 1 188 GLU 188 180 180 GLU GLU A . n 
A 1 189 VAL 189 181 181 VAL VAL A . n 
A 1 190 GLY 190 182 182 GLY GLY A . n 
A 1 191 HIS 191 183 183 HIS HIS A . n 
A 1 192 MSE 192 184 184 MSE MSE A . n 
A 1 193 ARG 193 185 185 ARG ARG A . n 
A 1 194 GLU 194 186 186 GLU GLU A . n 
A 1 195 ARG 195 187 187 ARG ARG A . n 
A 1 196 VAL 196 188 188 VAL VAL A . n 
A 1 197 TYR 197 189 189 TYR TYR A . n 
A 1 198 ILE 198 190 190 ILE ILE A . n 
A 1 199 PRO 199 191 191 PRO PRO A . n 
A 1 200 ASN 200 192 192 ASN ASN A . n 
A 1 201 PRO 201 193 193 PRO PRO A . n 
A 1 202 ASP 202 194 194 ASP ASP A . n 
A 1 203 GLU 203 195 195 GLU GLU A . n 
A 1 204 ILE 204 196 196 ILE ILE A . n 
A 1 205 GLU 205 197 197 GLU GLU A . n 
A 1 206 ILE 206 198 198 ILE ILE A . n 
A 1 207 ILE 207 199 199 ILE ILE A . n 
A 1 208 ASN 208 200 200 ASN ASN A . n 
A 1 209 ARG 209 201 201 ARG ARG A . n 
A 1 210 LYS 210 202 202 LYS LYS A . n 
A 1 211 LEU 211 203 ?   ?   ?   A . n 
A 1 212 PRO 212 204 ?   ?   ?   A . n 
A 1 213 ARG 213 205 ?   ?   ?   A . n 
A 1 214 ASN 214 206 ?   ?   ?   A . n 
A 1 215 GLU 215 207 ?   ?   ?   A . n 
A 1 216 GLU 216 208 ?   ?   ?   A . n 
A 1 217 GLU 217 209 ?   ?   ?   A . n 
A 1 218 ALA 218 210 ?   ?   ?   A . n 
A 1 219 LYS 219 211 ?   ?   ?   A . n 
A 1 220 LEU 220 212 ?   ?   ?   A . n 
A 1 221 PRO 221 213 ?   ?   ?   A . n 
A 1 222 PHE 222 214 ?   ?   ?   A . n 
A 1 223 GLY 223 215 ?   ?   ?   A . n 
A 1 224 ASP 224 216 ?   ?   ?   A . n 
A 1 225 PRO 225 217 ?   ?   ?   A . n 
A 1 226 HIS 226 218 ?   ?   ?   A . n 
A 1 227 GLY 227 219 ?   ?   ?   A . n 
A 1 228 ASP 228 220 ?   ?   ?   A . n 
A 1 229 GLY 229 221 ?   ?   ?   A . n 
A 1 230 VAL 230 222 ?   ?   ?   A . n 
A 1 231 PRO 231 223 ?   ?   ?   A . n 
A 1 232 PRO 232 224 ?   ?   ?   A . n 
A 1 233 MSE 233 225 ?   ?   ?   A . n 
A 1 234 PRO 234 226 ?   ?   ?   A . n 
A 1 235 ILE 235 227 ?   ?   ?   A . n 
A 1 236 PHE 236 228 ?   ?   ?   A . n 
A 1 237 GLY 237 229 ?   ?   ?   A . n 
A 1 238 LYS 238 230 ?   ?   ?   A . n 
A 1 239 GLY 239 231 ?   ?   ?   A . n 
A 1 240 TYR 240 232 ?   ?   ?   A . n 
A 1 241 ARG 241 233 ?   ?   ?   A . n 
A 1 242 THR 242 234 ?   ?   ?   A . n 
A 1 243 TYR 243 235 ?   ?   ?   A . n 
A 1 244 VAL 244 236 ?   ?   ?   A . n 
A 1 245 THR 245 237 ?   ?   ?   A . n 
A 1 246 GLY 246 238 ?   ?   ?   A . n 
A 1 247 LEU 247 239 ?   ?   ?   A . n 
A 1 248 THR 248 240 ?   ?   ?   A . n 
A 1 249 HIS 249 241 ?   ?   ?   A . n 
A 1 250 ASP 250 242 ?   ?   ?   A . n 
A 1 251 GLU 251 243 ?   ?   ?   A . n 
A 1 252 LYS 252 244 ?   ?   ?   A . n 
A 1 253 GLY 253 245 ?   ?   ?   A . n 
A 1 254 ARG 254 246 ?   ?   ?   A . n 
A 1 255 PRO 255 247 ?   ?   ?   A . n 
A 1 256 ARG 256 248 ?   ?   ?   A . n 
A 1 257 THR 257 249 ?   ?   ?   A . n 
A 1 258 VAL 258 250 ?   ?   ?   A . n 
A 1 259 ASP 259 251 ?   ?   ?   A . n 
A 1 260 ARG 260 252 ?   ?   ?   A . n 
A 1 261 GLU 261 253 ?   ?   ?   A . n 
A 1 262 VAL 262 254 ?   ?   ?   A . n 
A 1 263 HIS 263 255 ?   ?   ?   A . n 
A 1 264 GLU 264 256 ?   ?   ?   A . n 
A 1 265 ARG 265 257 ?   ?   ?   A . n 
A 1 266 LEU 266 258 ?   ?   ?   A . n 
A 1 267 ILE 267 259 ?   ?   ?   A . n 
A 1 268 LYS 268 260 ?   ?   ?   A . n 
A 1 269 ARG 269 261 ?   ?   ?   A . n 
A 1 270 ILE 270 262 ?   ?   ?   A . n 
A 1 271 VAL 271 263 ?   ?   ?   A . n 
A 1 272 GLU 272 264 ?   ?   ?   A . n 
A 1 273 LYS 273 265 ?   ?   ?   A . n 
A 1 274 ILE 274 266 ?   ?   ?   A . n 
A 1 275 GLU 275 267 ?   ?   ?   A . n 
A 1 276 LYS 276 268 ?   ?   ?   A . n 
A 1 277 ASN 277 269 ?   ?   ?   A . n 
A 1 278 LYS 278 270 ?   ?   ?   A . n 
A 1 279 LYS 279 271 ?   ?   ?   A . n 
A 1 280 ASP 280 272 ?   ?   ?   A . n 
A 1 281 ILE 281 273 ?   ?   ?   A . n 
A 1 282 PHE 282 274 ?   ?   ?   A . n 
A 1 283 THR 283 275 ?   ?   ?   A . n 
A 1 284 TYR 284 276 ?   ?   ?   A . n 
A 1 285 GLU 285 277 ?   ?   ?   A . n 
A 1 286 THR 286 278 ?   ?   ?   A . n 
A 1 287 TYR 287 279 ?   ?   ?   A . n 
A 1 288 GLU 288 280 ?   ?   ?   A . n 
A 1 289 LEU 289 281 ?   ?   ?   A . n 
A 1 290 GLU 290 282 ?   ?   ?   A . n 
A 1 291 ASP 291 283 ?   ?   ?   A . n 
A 1 292 ALA 292 284 ?   ?   ?   A . n 
A 1 293 GLU 293 285 ?   ?   ?   A . n 
A 1 294 ILE 294 286 ?   ?   ?   A . n 
A 1 295 GLY 295 287 ?   ?   ?   A . n 
A 1 296 VAL 296 288 ?   ?   ?   A . n 
A 1 297 VAL 297 289 ?   ?   ?   A . n 
A 1 298 ALA 298 290 ?   ?   ?   A . n 
A 1 299 THR 299 291 ?   ?   ?   A . n 
A 1 300 GLY 300 292 ?   ?   ?   A . n 
A 1 301 ILE 301 293 ?   ?   ?   A . n 
A 1 302 VAL 302 294 ?   ?   ?   A . n 
A 1 303 ALA 303 295 ?   ?   ?   A . n 
A 1 304 ARG 304 296 ?   ?   ?   A . n 
A 1 305 SER 305 297 ?   ?   ?   A . n 
A 1 306 ALA 306 298 ?   ?   ?   A . n 
A 1 307 LEU 307 299 ?   ?   ?   A . n 
A 1 308 ARG 308 300 ?   ?   ?   A . n 
A 1 309 ALA 309 301 ?   ?   ?   A . n 
A 1 310 VAL 310 302 ?   ?   ?   A . n 
A 1 311 LYS 311 303 ?   ?   ?   A . n 
A 1 312 MSE 312 304 ?   ?   ?   A . n 
A 1 313 LEU 313 305 ?   ?   ?   A . n 
A 1 314 ARG 314 306 ?   ?   ?   A . n 
A 1 315 GLU 315 307 ?   ?   ?   A . n 
A 1 316 GLU 316 308 ?   ?   ?   A . n 
A 1 317 GLY 317 309 ?   ?   ?   A . n 
A 1 318 ILE 318 310 ?   ?   ?   A . n 
A 1 319 LYS 319 311 ?   ?   ?   A . n 
A 1 320 ALA 320 312 ?   ?   ?   A . n 
A 1 321 GLY 321 313 ?   ?   ?   A . n 
A 1 322 LEU 322 314 ?   ?   ?   A . n 
A 1 323 LEU 323 315 ?   ?   ?   A . n 
A 1 324 LYS 324 316 ?   ?   ?   A . n 
A 1 325 ILE 325 317 ?   ?   ?   A . n 
A 1 326 GLU 326 318 ?   ?   ?   A . n 
A 1 327 THR 327 319 ?   ?   ?   A . n 
A 1 328 ILE 328 320 ?   ?   ?   A . n 
A 1 329 TRP 329 321 ?   ?   ?   A . n 
A 1 330 PRO 330 322 ?   ?   ?   A . n 
A 1 331 PHE 331 323 ?   ?   ?   A . n 
A 1 332 ASP 332 324 ?   ?   ?   A . n 
A 1 333 PHE 333 325 ?   ?   ?   A . n 
A 1 334 GLU 334 326 ?   ?   ?   A . n 
A 1 335 LEU 335 327 ?   ?   ?   A . n 
A 1 336 ILE 336 328 ?   ?   ?   A . n 
A 1 337 GLU 337 329 ?   ?   ?   A . n 
A 1 338 ARG 338 330 ?   ?   ?   A . n 
A 1 339 ILE 339 331 ?   ?   ?   A . n 
A 1 340 ALA 340 332 ?   ?   ?   A . n 
A 1 341 GLU 341 333 ?   ?   ?   A . n 
A 1 342 ARG 342 334 ?   ?   ?   A . n 
A 1 343 VAL 343 335 ?   ?   ?   A . n 
A 1 344 ASP 344 336 ?   ?   ?   A . n 
A 1 345 LYS 345 337 ?   ?   ?   A . n 
A 1 346 LEU 346 338 ?   ?   ?   A . n 
A 1 347 TYR 347 339 ?   ?   ?   A . n 
A 1 348 VAL 348 340 ?   ?   ?   A . n 
A 1 349 PRO 349 341 ?   ?   ?   A . n 
A 1 350 GLU 350 342 ?   ?   ?   A . n 
A 1 351 MSE 351 343 ?   ?   ?   A . n 
A 1 352 ASN 352 344 ?   ?   ?   A . n 
A 1 353 LEU 353 345 ?   ?   ?   A . n 
A 1 354 GLY 354 346 ?   ?   ?   A . n 
A 1 355 GLN 355 347 ?   ?   ?   A . n 
A 1 356 LEU 356 348 ?   ?   ?   A . n 
A 1 357 TYR 357 349 ?   ?   ?   A . n 
A 1 358 HIS 358 350 ?   ?   ?   A . n 
A 1 359 LEU 359 351 ?   ?   ?   A . n 
A 1 360 ILE 360 352 ?   ?   ?   A . n 
A 1 361 LYS 361 353 ?   ?   ?   A . n 
A 1 362 GLU 362 354 ?   ?   ?   A . n 
A 1 363 GLY 363 355 ?   ?   ?   A . n 
A 1 364 ALA 364 356 ?   ?   ?   A . n 
A 1 365 ASN 365 357 ?   ?   ?   A . n 
A 1 366 GLY 366 358 ?   ?   ?   A . n 
A 1 367 LYS 367 359 ?   ?   ?   A . n 
A 1 368 ALA 368 360 ?   ?   ?   A . n 
A 1 369 GLU 369 361 ?   ?   ?   A . n 
A 1 370 VAL 370 362 ?   ?   ?   A . n 
A 1 371 LYS 371 363 ?   ?   ?   A . n 
A 1 372 LEU 372 364 ?   ?   ?   A . n 
A 1 373 ILE 373 365 ?   ?   ?   A . n 
A 1 374 SER 374 366 ?   ?   ?   A . n 
A 1 375 LYS 375 367 ?   ?   ?   A . n 
A 1 376 ILE 376 368 ?   ?   ?   A . n 
A 1 377 GLY 377 369 ?   ?   ?   A . n 
A 1 378 GLY 378 370 ?   ?   ?   A . n 
A 1 379 GLU 379 371 ?   ?   ?   A . n 
A 1 380 VAL 380 372 ?   ?   ?   A . n 
A 1 381 HIS 381 373 ?   ?   ?   A . n 
A 1 382 THR 382 374 ?   ?   ?   A . n 
A 1 383 PRO 383 375 ?   ?   ?   A . n 
A 1 384 MSE 384 376 ?   ?   ?   A . n 
A 1 385 GLU 385 377 ?   ?   ?   A . n 
A 1 386 ILE 386 378 ?   ?   ?   A . n 
A 1 387 PHE 387 379 ?   ?   ?   A . n 
A 1 388 GLU 388 380 ?   ?   ?   A . n 
A 1 389 PHE 389 381 ?   ?   ?   A . n 
A 1 390 ILE 390 382 ?   ?   ?   A . n 
A 1 391 ARG 391 383 ?   ?   ?   A . n 
A 1 392 ARG 392 384 ?   ?   ?   A . n 
A 1 393 GLU 393 385 ?   ?   ?   A . n 
A 1 394 PHE 394 386 ?   ?   ?   A . n 
A 1 395 LYS 395 387 ?   ?   ?   A . n 
# 
loop_
_pdbx_nonpoly_scheme.asym_id 
_pdbx_nonpoly_scheme.entity_id 
_pdbx_nonpoly_scheme.mon_id 
_pdbx_nonpoly_scheme.ndb_seq_num 
_pdbx_nonpoly_scheme.pdb_seq_num 
_pdbx_nonpoly_scheme.auth_seq_num 
_pdbx_nonpoly_scheme.pdb_mon_id 
_pdbx_nonpoly_scheme.auth_mon_id 
_pdbx_nonpoly_scheme.pdb_strand_id 
_pdbx_nonpoly_scheme.pdb_ins_code 
B 2 UNX 1  388 301 UNX UNX A . 
C 2 UNX 1  389 302 UNX UNX A . 
D 2 UNX 1  390 303 UNX UNX A . 
E 2 UNX 1  391 304 UNX UNX A . 
F 2 UNX 1  392 305 UNX UNX A . 
G 2 UNX 1  393 306 UNX UNX A . 
H 3 HOH 1  394 1   HOH HOH A . 
H 3 HOH 2  395 2   HOH HOH A . 
H 3 HOH 3  396 3   HOH HOH A . 
H 3 HOH 4  397 4   HOH HOH A . 
H 3 HOH 5  398 5   HOH HOH A . 
H 3 HOH 6  399 6   HOH HOH A . 
H 3 HOH 7  400 7   HOH HOH A . 
H 3 HOH 8  401 8   HOH HOH A . 
H 3 HOH 9  402 9   HOH HOH A . 
H 3 HOH 10 403 10  HOH HOH A . 
H 3 HOH 11 404 11  HOH HOH A . 
H 3 HOH 12 405 12  HOH HOH A . 
H 3 HOH 13 406 13  HOH HOH A . 
H 3 HOH 14 407 14  HOH HOH A . 
H 3 HOH 15 408 15  HOH HOH A . 
H 3 HOH 16 409 16  HOH HOH A . 
H 3 HOH 17 410 17  HOH HOH A . 
H 3 HOH 18 411 18  HOH HOH A . 
H 3 HOH 19 412 19  HOH HOH A . 
H 3 HOH 20 413 20  HOH HOH A . 
H 3 HOH 21 414 21  HOH HOH A . 
H 3 HOH 22 415 22  HOH HOH A . 
H 3 HOH 23 416 23  HOH HOH A . 
H 3 HOH 24 417 24  HOH HOH A . 
H 3 HOH 25 418 25  HOH HOH A . 
# 
loop_
_pdbx_unobs_or_zero_occ_atoms.id 
_pdbx_unobs_or_zero_occ_atoms.PDB_model_num 
_pdbx_unobs_or_zero_occ_atoms.polymer_flag 
_pdbx_unobs_or_zero_occ_atoms.occupancy_flag 
_pdbx_unobs_or_zero_occ_atoms.auth_asym_id 
_pdbx_unobs_or_zero_occ_atoms.auth_comp_id 
_pdbx_unobs_or_zero_occ_atoms.auth_seq_id 
_pdbx_unobs_or_zero_occ_atoms.PDB_ins_code 
_pdbx_unobs_or_zero_occ_atoms.auth_atom_id 
_pdbx_unobs_or_zero_occ_atoms.label_alt_id 
_pdbx_unobs_or_zero_occ_atoms.label_asym_id 
_pdbx_unobs_or_zero_occ_atoms.label_comp_id 
_pdbx_unobs_or_zero_occ_atoms.label_seq_id 
_pdbx_unobs_or_zero_occ_atoms.label_atom_id 
1  1 Y 1 A ARG 4   ? CG  ? A ARG 12  CG  
2  1 Y 1 A ARG 4   ? CD  ? A ARG 12  CD  
3  1 Y 1 A ARG 4   ? NE  ? A ARG 12  NE  
4  1 Y 1 A ARG 4   ? CZ  ? A ARG 12  CZ  
5  1 Y 1 A ARG 4   ? NH1 ? A ARG 12  NH1 
6  1 Y 1 A ARG 4   ? NH2 ? A ARG 12  NH2 
7  1 Y 1 A TYR 36  ? CE2 ? A TYR 44  CE2 
8  1 Y 1 A TYR 36  ? CZ  ? A TYR 44  CZ  
9  1 Y 1 A TYR 36  ? OH  ? A TYR 44  OH  
10 1 Y 1 A GLU 46  ? CD  ? A GLU 54  CD  
11 1 Y 1 A GLU 46  ? OE1 ? A GLU 54  OE1 
12 1 Y 1 A GLU 46  ? OE2 ? A GLU 54  OE2 
13 1 Y 1 A GLN 95  ? CG  ? A GLN 103 CG  
14 1 Y 1 A GLN 95  ? CD  ? A GLN 103 CD  
15 1 Y 1 A GLN 95  ? OE1 ? A GLN 103 OE1 
16 1 Y 1 A GLN 95  ? NE2 ? A GLN 103 NE2 
17 1 Y 1 A GLN 114 ? CG  ? A GLN 122 CG  
18 1 Y 1 A GLN 114 ? CD  ? A GLN 122 CD  
19 1 Y 1 A GLN 114 ? OE1 ? A GLN 122 OE1 
20 1 Y 1 A GLN 114 ? NE2 ? A GLN 122 NE2 
21 1 Y 1 A ARG 170 ? NE  ? A ARG 178 NE  
22 1 Y 1 A ARG 170 ? CZ  ? A ARG 178 CZ  
23 1 Y 1 A ARG 170 ? NH1 ? A ARG 178 NH1 
24 1 Y 1 A ARG 170 ? NH2 ? A ARG 178 NH2 
25 1 Y 1 A LYS 202 ? CG  ? A LYS 210 CG  
26 1 Y 1 A LYS 202 ? CD  ? A LYS 210 CD  
27 1 Y 1 A LYS 202 ? CE  ? A LYS 210 CE  
28 1 Y 1 A LYS 202 ? NZ  ? A LYS 210 NZ  
# 
loop_
_software.name 
_software.version 
_software.date 
_software.type 
_software.contact_author 
_software.contact_author_email 
_software.classification 
_software.location 
_software.language 
_software.citation_id 
_software.pdbx_ordinal 
DENZO       .               ?           package 'Zbyszek Otwinowski' zbyszek@mix.swmed.edu    'data reduction'  
http://www.lnls.br/infra/linhasluz/denzo-hkl.htm ?       ? 1 
SCALEPACK   .               ?           package 'Zbyszek Otwinowski' zbyszek@mix.swmed.edu    'data scaling'    
http://www.lnls.br/infra/linhasluz/denzo-hkl.htm ?       ? 2 
SOLVE       2.06            28-Dec-2003 program 'Tom Terwilliger'    terwilliger@LANL.gov     phasing           
http://www.solve.lanl.gov/                       ?       ? 3 
RESOLVE     2.06            02-Jan-2004 program 'Terwilliger, T. C'  terwilliger@LANL.gov     phasing           
http://www.solve.lanl.gov/                       ?       ? 4 
REFMAC      refmac_5.2.0005 24/04/2001  program 'Murshudov, G.N.'    ccp4@dl.ac.uk            refinement        
http://www.ccp4.ac.uk/main.html                  Fortran ? 5 
PDB_EXTRACT 1.0             02/20/2004  program H.Yang               sw-help@rcsb.rutgers.edu 'data extraction' 
http://pdb.rutgers.edu/software/                 C/C++   ? 6 
MAR345      .               ?           ?       ?                    ?                        'data collection' ? ?       ? 7 
# 
_cell.entry_id           1YD7 
_cell.length_a           61.448 
_cell.length_b           61.448 
_cell.length_c           129.084 
_cell.angle_alpha        90.00 
_cell.angle_beta         90.00 
_cell.angle_gamma        120.00 
_cell.Z_PDB              6 
_cell.pdbx_unique_axis   ? 
_cell.length_a_esd       ? 
_cell.length_b_esd       ? 
_cell.length_c_esd       ? 
_cell.angle_alpha_esd    ? 
_cell.angle_beta_esd     ? 
_cell.angle_gamma_esd    ? 
# 
_symmetry.entry_id                         1YD7 
_symmetry.space_group_name_H-M             'P 32 1 2' 
_symmetry.pdbx_full_space_group_name_H-M   ? 
_symmetry.cell_setting                     ? 
_symmetry.Int_Tables_number                153 
_symmetry.space_group_name_Hall            ? 
# 
_exptl.entry_id          1YD7 
_exptl.method            'X-RAY DIFFRACTION' 
_exptl.crystals_number   1 
# 
_exptl_crystal.id                    1 
_exptl_crystal.density_meas          ? 
_exptl_crystal.density_Matthews      ? 
_exptl_crystal.density_percent_sol   ? 
_exptl_crystal.description           ? 
_exptl_crystal.F_000                 ? 
_exptl_crystal.preparation           ? 
# 
_exptl_crystal_grow.crystal_id      1 
_exptl_crystal_grow.method          'modified microbatch' 
_exptl_crystal_grow.temp            291 
_exptl_crystal_grow.temp_details    ? 
_exptl_crystal_grow.pH              8.9 
_exptl_crystal_grow.pdbx_details    '0.1M TRIS-HCl/NaOH, 0.5M ammonium sulfate, pH 8.9, modified microbatch, temperature 291K' 
_exptl_crystal_grow.pdbx_pH_range   . 
# 
_diffrn.id                     1 
_diffrn.ambient_temp           100 
_diffrn.ambient_temp_details   ? 
_diffrn.crystal_id             1 
# 
_diffrn_detector.diffrn_id              1 
_diffrn_detector.detector               CCD 
_diffrn_detector.type                   'MARMOSAIC 300 mm CCD' 
_diffrn_detector.pdbx_collection_date   ? 
_diffrn_detector.details                ? 
# 
_diffrn_radiation.diffrn_id                        1 
_diffrn_radiation.wavelength_id                    1 
_diffrn_radiation.pdbx_monochromatic_or_laue_m_l   M 
_diffrn_radiation.monochromator                    ? 
_diffrn_radiation.pdbx_diffrn_protocol             'SINGLE WAVELENGTH' 
_diffrn_radiation.pdbx_scattering_type             x-ray 
# 
_diffrn_radiation_wavelength.id           1 
_diffrn_radiation_wavelength.wavelength   0.9793 
_diffrn_radiation_wavelength.wt           1.0 
# 
_diffrn_source.diffrn_id                   1 
_diffrn_source.source                      SYNCHROTRON 
_diffrn_source.type                        'APS BEAMLINE 22-ID' 
_diffrn_source.pdbx_synchrotron_site       APS 
_diffrn_source.pdbx_synchrotron_beamline   22-ID 
_diffrn_source.pdbx_wavelength             ? 
_diffrn_source.pdbx_wavelength_list        0.9793 
# 
_reflns.entry_id                     1YD7 
_reflns.observed_criterion_sigma_I   ? 
_reflns.observed_criterion_sigma_F   ? 
_reflns.d_resolution_low             30.00 
_reflns.d_resolution_high            1.90 
_reflns.number_obs                   17709 
_reflns.number_all                   ? 
_reflns.percent_possible_obs         ? 
_reflns.pdbx_Rmerge_I_obs            0.08 
_reflns.pdbx_Rsym_value              ? 
_reflns.pdbx_netI_over_sigmaI        ? 
_reflns.B_iso_Wilson_estimate        ? 
_reflns.pdbx_redundancy              ? 
_reflns.R_free_details               ? 
_reflns.limit_h_max                  ? 
_reflns.limit_h_min                  ? 
_reflns.limit_k_max                  ? 
_reflns.limit_k_min                  ? 
_reflns.limit_l_max                  ? 
_reflns.limit_l_min                  ? 
_reflns.observed_criterion_F_max     ? 
_reflns.observed_criterion_F_min     ? 
_reflns.pdbx_chi_squared             ? 
_reflns.pdbx_scaling_rejects         ? 
_reflns.pdbx_diffrn_id               1 
_reflns.pdbx_ordinal                 1 
# 
loop_
_reflns_shell.d_res_high 
_reflns_shell.d_res_low 
_reflns_shell.percent_possible_all 
_reflns_shell.Rmerge_I_obs 
_reflns_shell.pdbx_Rsym_value 
_reflns_shell.meanI_over_sigI_obs 
_reflns_shell.pdbx_redundancy 
_reflns_shell.percent_possible_obs 
_reflns_shell.number_unique_all 
_reflns_shell.number_measured_all 
_reflns_shell.number_measured_obs 
_reflns_shell.number_unique_obs 
_reflns_shell.pdbx_chi_squared 
_reflns_shell.pdbx_diffrn_id 
_reflns_shell.pdbx_ordinal 
1.90 1.97  19.400  0.477 ? ? ? ? ? ? ? ? ? ? 1  
1.97 2.05  34.500  0.52  ? ? ? ? ? ? ? ? ? ? 2  
2.05 2.14  56.500  0.442 ? ? ? ? ? ? ? ? ? ? 3  
2.14 2.25  82.600  0.359 ? ? ? ? ? ? ? ? ? ? 4  
2.25 2.39  97.000  0.315 ? ? ? ? ? ? ? ? ? ? 5  
2.39 2.58  99.900  0.237 ? ? ? ? ? ? ? ? ? ? 6  
2.58 2.84  99.800  0.153 ? ? ? ? ? ? ? ? ? ? 7  
2.84 3.25  100.000 0.096 ? ? ? ? ? ? ? ? ? ? 8  
3.25 4.09  100.000 0.065 ? ? ? ? ? ? ? ? ? ? 9  
4.09 30.00 100.000 0.058 ? ? ? ? ? ? ? ? ? ? 10 
# 
_refine.entry_id                                 1YD7 
_refine.ls_number_reflns_obs                     12041 
_refine.ls_number_reflns_all                     ? 
_refine.pdbx_ls_sigma_I                          ? 
_refine.pdbx_ls_sigma_F                          ? 
_refine.pdbx_data_cutoff_high_absF               ? 
_refine.pdbx_data_cutoff_low_absF                ? 
_refine.pdbx_data_cutoff_high_rms_absF           ? 
_refine.ls_d_res_low                             29.89 
_refine.ls_d_res_high                            2.30 
_refine.ls_percent_reflns_obs                    99.87 
_refine.ls_R_factor_obs                          0.20764 
_refine.ls_R_factor_all                          ? 
_refine.ls_R_factor_R_work                       0.20586 
_refine.ls_R_factor_R_free                       0.24274 
_refine.ls_R_factor_R_free_error                 ? 
_refine.ls_R_factor_R_free_error_details         ? 
_refine.ls_percent_reflns_R_free                 5.0 
_refine.ls_number_reflns_R_free                  630 
_refine.ls_number_parameters                     ? 
_refine.ls_number_restraints                     ? 
_refine.occupancy_min                            ? 
_refine.occupancy_max                            ? 
_refine.correlation_coeff_Fo_to_Fc               0.941 
_refine.correlation_coeff_Fo_to_Fc_free          0.906 
_refine.B_iso_mean                               38.163 
_refine.aniso_B[1][1]                            0.05 
_refine.aniso_B[2][2]                            0.05 
_refine.aniso_B[3][3]                            -0.07 
_refine.aniso_B[1][2]                            0.02 
_refine.aniso_B[1][3]                            0.00 
_refine.aniso_B[2][3]                            0.00 
_refine.solvent_model_details                    MASK 
_refine.solvent_model_param_ksol                 ? 
_refine.solvent_model_param_bsol                 ? 
_refine.pdbx_solvent_vdw_probe_radii             1.20 
_refine.pdbx_solvent_ion_probe_radii             0.80 
_refine.pdbx_solvent_shrinkage_radii             0.80 
_refine.pdbx_ls_cross_valid_method               THROUGHOUT 
_refine.details                                  'HYDROGENS HAVE BEEN ADDED IN THE RIDING POSITIONS' 
_refine.pdbx_starting_model                      ? 
_refine.pdbx_method_to_determine_struct          SAS 
_refine.pdbx_isotropic_thermal_model             ? 
_refine.pdbx_stereochemistry_target_values       'MAXIMUM LIKELIHOOD' 
_refine.pdbx_stereochem_target_val_spec_case     ? 
_refine.pdbx_R_Free_selection_details            RANDOM 
_refine.pdbx_overall_ESU_R                       0.212 
_refine.pdbx_overall_ESU_R_Free                  0.187 
_refine.overall_SU_ML                            0.138 
_refine.overall_SU_B                             5.577 
_refine.ls_redundancy_reflns_obs                 ? 
_refine.B_iso_min                                ? 
_refine.B_iso_max                                ? 
_refine.overall_SU_R_Cruickshank_DPI             ? 
_refine.overall_SU_R_free                        ? 
_refine.ls_wR_factor_R_free                      ? 
_refine.ls_wR_factor_R_work                      ? 
_refine.overall_FOM_free_R_set                   ? 
_refine.overall_FOM_work_R_set                   ? 
_refine.pdbx_refine_id                           'X-RAY DIFFRACTION' 
_refine.pdbx_diffrn_id                           1 
_refine.pdbx_TLS_residual_ADP_flag               ? 
_refine.pdbx_overall_phase_error                 ? 
_refine.pdbx_overall_SU_R_free_Cruickshank_DPI   ? 
_refine.pdbx_overall_SU_R_Blow_DPI               ? 
_refine.pdbx_overall_SU_R_free_Blow_DPI          ? 
# 
_refine_hist.pdbx_refine_id                   'X-RAY DIFFRACTION' 
_refine_hist.cycle_id                         LAST 
_refine_hist.pdbx_number_atoms_protein        1279 
_refine_hist.pdbx_number_atoms_nucleic_acid   0 
_refine_hist.pdbx_number_atoms_ligand         6 
_refine_hist.number_atoms_solvent             25 
_refine_hist.number_atoms_total               1310 
_refine_hist.d_res_high                       2.30 
_refine_hist.d_res_low                        29.89 
# 
loop_
_refine_ls_restr.type 
_refine_ls_restr.dev_ideal 
_refine_ls_restr.dev_ideal_target 
_refine_ls_restr.weight 
_refine_ls_restr.number 
_refine_ls_restr.pdbx_refine_id 
_refine_ls_restr.pdbx_restraint_function 
r_bond_refined_d             0.015  0.022  ? 1305 'X-RAY DIFFRACTION' ? 
r_bond_other_d               0.001  0.020  ? 1223 'X-RAY DIFFRACTION' ? 
r_angle_refined_deg          1.450  1.967  ? 1778 'X-RAY DIFFRACTION' ? 
r_angle_other_deg            0.889  3.000  ? 2824 'X-RAY DIFFRACTION' ? 
r_dihedral_angle_1_deg       6.780  5.000  ? 166  'X-RAY DIFFRACTION' ? 
r_dihedral_angle_2_deg       32.136 24.151 ? 53   'X-RAY DIFFRACTION' ? 
r_dihedral_angle_3_deg       15.344 15.000 ? 202  'X-RAY DIFFRACTION' ? 
r_dihedral_angle_4_deg       15.657 15.000 ? 7    'X-RAY DIFFRACTION' ? 
r_chiral_restr               0.096  0.200  ? 210  'X-RAY DIFFRACTION' ? 
r_gen_planes_refined         0.005  0.020  ? 1449 'X-RAY DIFFRACTION' ? 
r_gen_planes_other           0.001  0.020  ? 258  'X-RAY DIFFRACTION' ? 
r_nbd_refined                0.200  0.200  ? 245  'X-RAY DIFFRACTION' ? 
r_nbd_other                  0.180  0.200  ? 1188 'X-RAY DIFFRACTION' ? 
r_nbtor_refined              0.174  0.200  ? 642  'X-RAY DIFFRACTION' ? 
r_nbtor_other                0.083  0.200  ? 758  'X-RAY DIFFRACTION' ? 
r_xyhbond_nbd_refined        0.148  0.200  ? 47   'X-RAY DIFFRACTION' ? 
r_xyhbond_nbd_other          ?      ?      ? ?    'X-RAY DIFFRACTION' ? 
r_metal_ion_refined          ?      ?      ? ?    'X-RAY DIFFRACTION' ? 
r_metal_ion_other            ?      ?      ? ?    'X-RAY DIFFRACTION' ? 
r_symmetry_vdw_refined       0.177  0.200  ? 4    'X-RAY DIFFRACTION' ? 
r_symmetry_vdw_other         0.220  0.200  ? 28   'X-RAY DIFFRACTION' ? 
r_symmetry_hbond_refined     0.118  0.200  ? 2    'X-RAY DIFFRACTION' ? 
r_symmetry_hbond_other       ?      ?      ? ?    'X-RAY DIFFRACTION' ? 
r_symmetry_metal_ion_refined ?      ?      ? ?    'X-RAY DIFFRACTION' ? 
r_symmetry_metal_ion_other   ?      ?      ? ?    'X-RAY DIFFRACTION' ? 
r_mcbond_it                  3.043  2.000  ? 919  'X-RAY DIFFRACTION' ? 
r_mcbond_other               0.708  2.000  ? 338  'X-RAY DIFFRACTION' ? 
r_mcangle_it                 4.059  3.000  ? 1370 'X-RAY DIFFRACTION' ? 
r_scbond_it                  2.482  2.000  ? 497  'X-RAY DIFFRACTION' ? 
r_scangle_it                 3.559  3.000  ? 408  'X-RAY DIFFRACTION' ? 
r_rigid_bond_restr           ?      ?      ? ?    'X-RAY DIFFRACTION' ? 
r_sphericity_free            ?      ?      ? ?    'X-RAY DIFFRACTION' ? 
r_sphericity_bonded          ?      ?      ? ?    'X-RAY DIFFRACTION' ? 
# 
_refine_ls_shell.pdbx_total_number_of_bins_used   20 
_refine_ls_shell.d_res_high                       2.300 
_refine_ls_shell.d_res_low                        2.359 
_refine_ls_shell.number_reflns_R_work             873 
_refine_ls_shell.R_factor_R_work                  0.257 
_refine_ls_shell.percent_reflns_obs               98.71 
_refine_ls_shell.R_factor_R_free                  0.292 
_refine_ls_shell.R_factor_R_free_error            ? 
_refine_ls_shell.percent_reflns_R_free            ? 
_refine_ls_shell.number_reflns_R_free             47 
_refine_ls_shell.redundancy_reflns_obs            ? 
_refine_ls_shell.number_reflns_all                ? 
_refine_ls_shell.number_reflns_obs                ? 
_refine_ls_shell.R_factor_all                     ? 
_refine_ls_shell.pdbx_refine_id                   'X-RAY DIFFRACTION' 
# 
_struct.entry_id                  1YD7 
_struct.title                     'Conserved hypothetical protein Pfu-1647980-001 from Pyrococcus furiosus' 
_struct.pdbx_model_details        ? 
_struct.pdbx_CASP_flag            ? 
_struct.pdbx_model_type_details   ? 
# 
_struct_keywords.text            
;Structural Genomics, Southeast Collaboratory for Structural Genomics, SECSG, Protein Structure Initiative, PSI, conserved hypothetical protein, Pyrococcus furiosus, hyperthermophile, OXIDOREDUCTASE
;
_struct_keywords.entry_id        1YD7 
_struct_keywords.pdbx_keywords   OXIDOREDUCTASE 
# 
loop_
_struct_asym.id 
_struct_asym.pdbx_blank_PDB_chainid_flag 
_struct_asym.pdbx_modified 
_struct_asym.entity_id 
_struct_asym.details 
A N N 1 ? 
B N N 2 ? 
C N N 2 ? 
D N N 2 ? 
E N N 2 ? 
F N N 2 ? 
G N N 2 ? 
H N N 3 ? 
# 
_struct_ref.id                         1 
_struct_ref.db_name                    UNP 
_struct_ref.db_code                    Q8U046_PYRFU 
_struct_ref.pdbx_db_accession          Q8U046 
_struct_ref.entity_id                  1 
_struct_ref.pdbx_seq_one_letter_code   
;NKRFPFPVGEPDFIQGDEAIARAAILAGCRFYAGYPITPASEIFEAMALYMPLVDGVVIQMEDEIASIAAAIGASWAGAK
AMTATSGPGFSLMQENIGYAVMTETPVVIVDVQRSGPSTGQPTLPAQGDIMQAIWGTHGDHSLIVLSPSTVQEAFDFTIR
AFNLSEKYRTPVILLTDAEVGHMRERVYIPNPDEIEIINRKLPRNEEEAKLPFGDPHGDGVPPMPIFGKGYRTYVTGLTH
DEKGRPRTVDREVHERLIKRIVEKIEKNKKDIFTYETYELEDAEIGVVATGIVARSALRAVKMLREEGIKAGLLKIETIW
PFDFELIERIAERVDKLYVPEMNLGQLYHLIKEGANGKAEVKLISKIGGEVHTPMEIFEFIRREFK
;
_struct_ref.pdbx_align_begin           2 
_struct_ref.pdbx_db_isoform            ? 
# 
_struct_ref_seq.align_id                      1 
_struct_ref_seq.ref_id                        1 
_struct_ref_seq.pdbx_PDB_id_code              1YD7 
_struct_ref_seq.pdbx_strand_id                A 
_struct_ref_seq.seq_align_beg                 10 
_struct_ref_seq.pdbx_seq_align_beg_ins_code   ? 
_struct_ref_seq.seq_align_end                 395 
_struct_ref_seq.pdbx_seq_align_end_ins_code   ? 
_struct_ref_seq.pdbx_db_accession             Q8U046 
_struct_ref_seq.db_align_beg                  2 
_struct_ref_seq.pdbx_db_align_beg_ins_code    ? 
_struct_ref_seq.db_align_end                  387 
_struct_ref_seq.pdbx_db_align_end_ins_code    ? 
_struct_ref_seq.pdbx_auth_seq_align_beg       2 
_struct_ref_seq.pdbx_auth_seq_align_end       387 
# 
loop_
_struct_ref_seq_dif.align_id 
_struct_ref_seq_dif.pdbx_pdb_id_code 
_struct_ref_seq_dif.mon_id 
_struct_ref_seq_dif.pdbx_pdb_strand_id 
_struct_ref_seq_dif.seq_num 
_struct_ref_seq_dif.pdbx_pdb_ins_code 
_struct_ref_seq_dif.pdbx_seq_db_name 
_struct_ref_seq_dif.pdbx_seq_db_accession_code 
_struct_ref_seq_dif.db_mon_id 
_struct_ref_seq_dif.pdbx_seq_db_seq_num 
_struct_ref_seq_dif.details 
_struct_ref_seq_dif.pdbx_auth_seq_num 
_struct_ref_seq_dif.pdbx_ordinal 
1 1YD7 ALA A 1   ? UNP Q8U046 ?   ?   'cloning artifact' -7  1  
1 1YD7 HIS A 2   ? UNP Q8U046 ?   ?   'cloning artifact' -6  2  
1 1YD7 HIS A 3   ? UNP Q8U046 ?   ?   'cloning artifact' -5  3  
1 1YD7 HIS A 4   ? UNP Q8U046 ?   ?   'cloning artifact' -4  4  
1 1YD7 HIS A 5   ? UNP Q8U046 ?   ?   'cloning artifact' -3  5  
1 1YD7 HIS A 6   ? UNP Q8U046 ?   ?   'cloning artifact' -2  6  
1 1YD7 HIS A 7   ? UNP Q8U046 ?   ?   'cloning artifact' -1  7  
1 1YD7 GLY A 8   ? UNP Q8U046 ?   ?   'cloning artifact' 0   8  
1 1YD7 SER A 9   ? UNP Q8U046 ?   ?   'cloning artifact' 1   9  
1 1YD7 MSE A 56  ? UNP Q8U046 MET 48  'modified residue' 48  10 
1 1YD7 MSE A 60  ? UNP Q8U046 MET 52  'modified residue' 52  11 
1 1YD7 MSE A 70  ? UNP Q8U046 MET 62  'modified residue' 62  12 
1 1YD7 MSE A 91  ? UNP Q8U046 MET 83  'modified residue' 83  13 
1 1YD7 MSE A 102 ? UNP Q8U046 MET 94  'modified residue' 94  14 
1 1YD7 MSE A 111 ? UNP Q8U046 MET 103 'modified residue' 103 15 
1 1YD7 MSE A 140 ? UNP Q8U046 MET 132 'modified residue' 132 16 
1 1YD7 MSE A 192 ? UNP Q8U046 MET 184 'modified residue' 184 17 
1 1YD7 MSE A 233 ? UNP Q8U046 MET 225 'modified residue' 225 18 
1 1YD7 MSE A 312 ? UNP Q8U046 MET 304 'modified residue' 304 19 
1 1YD7 MSE A 351 ? UNP Q8U046 MET 343 'modified residue' 343 20 
1 1YD7 MSE A 384 ? UNP Q8U046 MET 376 'modified residue' 376 21 
# 
_pdbx_struct_assembly.id                   1 
_pdbx_struct_assembly.details              author_defined_assembly 
_pdbx_struct_assembly.method_details       ? 
_pdbx_struct_assembly.oligomeric_details   monomeric 
_pdbx_struct_assembly.oligomeric_count     1 
# 
_pdbx_struct_assembly_gen.assembly_id       1 
_pdbx_struct_assembly_gen.oper_expression   1 
_pdbx_struct_assembly_gen.asym_id_list      A,B,C,D,E,F,G,H 
# 
_pdbx_struct_oper_list.id                   1 
_pdbx_struct_oper_list.type                 'identity operation' 
_pdbx_struct_oper_list.name                 1_555 
_pdbx_struct_oper_list.symmetry_operation   x,y,z 
_pdbx_struct_oper_list.matrix[1][1]         1.0000000000 
_pdbx_struct_oper_list.matrix[1][2]         0.0000000000 
_pdbx_struct_oper_list.matrix[1][3]         0.0000000000 
_pdbx_struct_oper_list.vector[1]            0.0000000000 
_pdbx_struct_oper_list.matrix[2][1]         0.0000000000 
_pdbx_struct_oper_list.matrix[2][2]         1.0000000000 
_pdbx_struct_oper_list.matrix[2][3]         0.0000000000 
_pdbx_struct_oper_list.vector[2]            0.0000000000 
_pdbx_struct_oper_list.matrix[3][1]         0.0000000000 
_pdbx_struct_oper_list.matrix[3][2]         0.0000000000 
_pdbx_struct_oper_list.matrix[3][3]         1.0000000000 
_pdbx_struct_oper_list.vector[3]            0.0000000000 
# 
loop_
_struct_conf.conf_type_id 
_struct_conf.id 
_struct_conf.pdbx_PDB_helix_id 
_struct_conf.beg_label_comp_id 
_struct_conf.beg_label_asym_id 
_struct_conf.beg_label_seq_id 
_struct_conf.pdbx_beg_PDB_ins_code 
_struct_conf.end_label_comp_id 
_struct_conf.end_label_asym_id 
_struct_conf.end_label_seq_id 
_struct_conf.pdbx_end_PDB_ins_code 
_struct_conf.beg_auth_comp_id 
_struct_conf.beg_auth_asym_id 
_struct_conf.beg_auth_seq_id 
_struct_conf.end_auth_comp_id 
_struct_conf.end_auth_asym_id 
_struct_conf.end_auth_seq_id 
_struct_conf.pdbx_PDB_helix_class 
_struct_conf.details 
_struct_conf.pdbx_PDB_helix_length 
HELX_P HELX_P1 1 GLY A 25  ? GLY A 37  ? GLY A 17  GLY A 29  1 ? 13 
HELX_P HELX_P2 2 GLU A 51  ? MSE A 60  ? GLU A 43  MSE A 52  1 ? 10 
HELX_P HELX_P3 3 PRO A 61  ? ASP A 64  ? PRO A 53  ASP A 56  5 ? 4  
HELX_P HELX_P4 4 ASP A 72  ? ALA A 86  ? ASP A 64  ALA A 78  1 ? 15 
HELX_P HELX_P5 5 PRO A 97  ? GLN A 103 ? PRO A 89  GLN A 95  1 ? 7  
HELX_P HELX_P6 6 THR A 159 ? ARG A 178 ? THR A 151 ARG A 170 1 ? 20 
HELX_P HELX_P7 7 ASP A 186 ? MSE A 192 ? ASP A 178 MSE A 184 1 ? 7  
HELX_P HELX_P8 8 ASN A 200 ? ILE A 204 ? ASN A 192 ILE A 196 5 ? 5  
# 
_struct_conf_type.id          HELX_P 
_struct_conf_type.criteria    ? 
_struct_conf_type.reference   ? 
# 
loop_
_struct_conn.id 
_struct_conn.conn_type_id 
_struct_conn.pdbx_leaving_atom_flag 
_struct_conn.pdbx_PDB_id 
_struct_conn.ptnr1_label_asym_id 
_struct_conn.ptnr1_label_comp_id 
_struct_conn.ptnr1_label_seq_id 
_struct_conn.ptnr1_label_atom_id 
_struct_conn.pdbx_ptnr1_label_alt_id 
_struct_conn.pdbx_ptnr1_PDB_ins_code 
_struct_conn.pdbx_ptnr1_standard_comp_id 
_struct_conn.ptnr1_symmetry 
_struct_conn.ptnr2_label_asym_id 
_struct_conn.ptnr2_label_comp_id 
_struct_conn.ptnr2_label_seq_id 
_struct_conn.ptnr2_label_atom_id 
_struct_conn.pdbx_ptnr2_label_alt_id 
_struct_conn.pdbx_ptnr2_PDB_ins_code 
_struct_conn.ptnr1_auth_asym_id 
_struct_conn.ptnr1_auth_comp_id 
_struct_conn.ptnr1_auth_seq_id 
_struct_conn.ptnr2_auth_asym_id 
_struct_conn.ptnr2_auth_comp_id 
_struct_conn.ptnr2_auth_seq_id 
_struct_conn.ptnr2_symmetry 
_struct_conn.pdbx_ptnr3_label_atom_id 
_struct_conn.pdbx_ptnr3_label_seq_id 
_struct_conn.pdbx_ptnr3_label_comp_id 
_struct_conn.pdbx_ptnr3_label_asym_id 
_struct_conn.pdbx_ptnr3_label_alt_id 
_struct_conn.pdbx_ptnr3_PDB_ins_code 
_struct_conn.details 
_struct_conn.pdbx_dist_value 
_struct_conn.pdbx_value_order 
_struct_conn.pdbx_role 
covale1  covale both ? A ALA 55  C ? ? ? 1_555 A MSE 56  N ? ? A ALA 47  A MSE 48  1_555 ? ? ? ? ? ? ? 1.339 ? ? 
covale2  covale both ? A MSE 56  C ? ? ? 1_555 A ALA 57  N ? ? A MSE 48  A ALA 49  1_555 ? ? ? ? ? ? ? 1.333 ? ? 
covale3  covale both ? A TYR 59  C ? ? ? 1_555 A MSE 60  N ? ? A TYR 51  A MSE 52  1_555 ? ? ? ? ? ? ? 1.335 ? ? 
covale4  covale both ? A MSE 60  C ? ? ? 1_555 A PRO 61  N ? ? A MSE 52  A PRO 53  1_555 ? ? ? ? ? ? ? 1.356 ? ? 
covale5  covale both ? A GLN 69  C ? ? ? 1_555 A MSE 70  N ? ? A GLN 61  A MSE 62  1_555 ? ? ? ? ? ? ? 1.324 ? ? 
covale6  covale both ? A MSE 70  C ? ? ? 1_555 A GLU 71  N ? ? A MSE 62  A GLU 63  1_555 ? ? ? ? ? ? ? 1.332 ? ? 
covale7  covale both ? A ALA 90  C ? ? ? 1_555 A MSE 91  N ? ? A ALA 82  A MSE 83  1_555 ? ? ? ? ? ? ? 1.333 ? ? 
covale8  covale both ? A MSE 91  C ? ? ? 1_555 A THR 92  N ? ? A MSE 83  A THR 84  1_555 ? ? ? ? ? ? ? 1.324 ? ? 
covale9  covale both ? A LEU 101 C ? ? ? 1_555 A MSE 102 N ? ? A LEU 93  A MSE 94  1_555 ? ? ? ? ? ? ? 1.331 ? ? 
covale10 covale both ? A MSE 102 C ? ? ? 1_555 A GLN 103 N ? ? A MSE 94  A GLN 95  1_555 ? ? ? ? ? ? ? 1.333 ? ? 
covale11 covale both ? A MSE 111 C ? ? ? 1_555 A THR 112 N ? ? A MSE 103 A THR 104 1_555 ? ? ? ? ? ? ? 1.342 ? ? 
covale12 covale both ? A HIS 191 C ? ? ? 1_555 A MSE 192 N ? ? A HIS 183 A MSE 184 1_555 ? ? ? ? ? ? ? 1.333 ? ? 
covale13 covale both ? A MSE 192 C ? ? ? 1_555 A ARG 193 N ? ? A MSE 184 A ARG 185 1_555 ? ? ? ? ? ? ? 1.332 ? ? 
# 
_struct_conn_type.id          covale 
_struct_conn_type.criteria    ? 
_struct_conn_type.reference   ? 
# 
loop_
_pdbx_modification_feature.ordinal 
_pdbx_modification_feature.label_comp_id 
_pdbx_modification_feature.label_asym_id 
_pdbx_modification_feature.label_seq_id 
_pdbx_modification_feature.label_alt_id 
_pdbx_modification_feature.modified_residue_label_comp_id 
_pdbx_modification_feature.modified_residue_label_asym_id 
_pdbx_modification_feature.modified_residue_label_seq_id 
_pdbx_modification_feature.modified_residue_label_alt_id 
_pdbx_modification_feature.auth_comp_id 
_pdbx_modification_feature.auth_asym_id 
_pdbx_modification_feature.auth_seq_id 
_pdbx_modification_feature.PDB_ins_code 
_pdbx_modification_feature.symmetry 
_pdbx_modification_feature.modified_residue_auth_comp_id 
_pdbx_modification_feature.modified_residue_auth_asym_id 
_pdbx_modification_feature.modified_residue_auth_seq_id 
_pdbx_modification_feature.modified_residue_PDB_ins_code 
_pdbx_modification_feature.modified_residue_symmetry 
_pdbx_modification_feature.comp_id_linking_atom 
_pdbx_modification_feature.modified_residue_id_linking_atom 
_pdbx_modification_feature.modified_residue_id 
_pdbx_modification_feature.ref_pcm_id 
_pdbx_modification_feature.ref_comp_id 
_pdbx_modification_feature.type 
_pdbx_modification_feature.category 
1 MSE A 56  ? . . . . MSE A 48  ? 1_555 . . . . . . . MET 1 MSE Selenomethionine 'Named protein modification' 
2 MSE A 60  ? . . . . MSE A 52  ? 1_555 . . . . . . . MET 1 MSE Selenomethionine 'Named protein modification' 
3 MSE A 70  ? . . . . MSE A 62  ? 1_555 . . . . . . . MET 1 MSE Selenomethionine 'Named protein modification' 
4 MSE A 91  ? . . . . MSE A 83  ? 1_555 . . . . . . . MET 1 MSE Selenomethionine 'Named protein modification' 
5 MSE A 102 ? . . . . MSE A 94  ? 1_555 . . . . . . . MET 1 MSE Selenomethionine 'Named protein modification' 
6 MSE A 111 ? . . . . MSE A 103 ? 1_555 . . . . . . . MET 1 MSE Selenomethionine 'Named protein modification' 
7 MSE A 192 ? . . . . MSE A 184 ? 1_555 . . . . . . . MET 1 MSE Selenomethionine 'Named protein modification' 
# 
_struct_mon_prot_cis.pdbx_id                1 
_struct_mon_prot_cis.label_comp_id          THR 
_struct_mon_prot_cis.label_seq_id           47 
_struct_mon_prot_cis.label_asym_id          A 
_struct_mon_prot_cis.label_alt_id           . 
_struct_mon_prot_cis.pdbx_PDB_ins_code      ? 
_struct_mon_prot_cis.auth_comp_id           THR 
_struct_mon_prot_cis.auth_seq_id            39 
_struct_mon_prot_cis.auth_asym_id           A 
_struct_mon_prot_cis.pdbx_label_comp_id_2   PRO 
_struct_mon_prot_cis.pdbx_label_seq_id_2    48 
_struct_mon_prot_cis.pdbx_label_asym_id_2   A 
_struct_mon_prot_cis.pdbx_PDB_ins_code_2    ? 
_struct_mon_prot_cis.pdbx_auth_comp_id_2    PRO 
_struct_mon_prot_cis.pdbx_auth_seq_id_2     40 
_struct_mon_prot_cis.pdbx_auth_asym_id_2    A 
_struct_mon_prot_cis.pdbx_PDB_model_num     1 
_struct_mon_prot_cis.pdbx_omega_angle       10.03 
# 
loop_
_struct_sheet.id 
_struct_sheet.type 
_struct_sheet.number_strands 
_struct_sheet.details 
A ? 2 ? 
B ? 6 ? 
# 
loop_
_struct_sheet_order.sheet_id 
_struct_sheet_order.range_id_1 
_struct_sheet_order.range_id_2 
_struct_sheet_order.offset 
_struct_sheet_order.sense 
A 1 2 ? anti-parallel 
B 1 2 ? parallel      
B 2 3 ? parallel      
B 3 4 ? parallel      
B 4 5 ? parallel      
B 5 6 ? parallel      
# 
loop_
_struct_sheet_range.sheet_id 
_struct_sheet_range.id 
_struct_sheet_range.beg_label_comp_id 
_struct_sheet_range.beg_label_asym_id 
_struct_sheet_range.beg_label_seq_id 
_struct_sheet_range.pdbx_beg_PDB_ins_code 
_struct_sheet_range.end_label_comp_id 
_struct_sheet_range.end_label_asym_id 
_struct_sheet_range.end_label_seq_id 
_struct_sheet_range.pdbx_end_PDB_ins_code 
_struct_sheet_range.beg_auth_comp_id 
_struct_sheet_range.beg_auth_asym_id 
_struct_sheet_range.beg_auth_seq_id 
_struct_sheet_range.end_auth_comp_id 
_struct_sheet_range.end_auth_asym_id 
_struct_sheet_range.end_auth_seq_id 
A 1 GLU A 19  ? GLN A 24  ? GLU A 11  GLN A 16  
A 2 ARG A 193 ? ILE A 198 ? ARG A 185 ILE A 190 
B 1 VAL A 66  ? GLN A 69  ? VAL A 58  GLN A 61  
B 2 PHE A 40  ? GLY A 43  ? PHE A 32  GLY A 35  
B 3 ALA A 90  ? SER A 95  ? ALA A 82  SER A 87  
B 4 VAL A 116 ? VAL A 121 ? VAL A 108 VAL A 113 
B 5 PRO A 180 ? THR A 185 ? PRO A 172 THR A 177 
B 6 ILE A 153 ? LEU A 155 ? ILE A 145 LEU A 147 
# 
loop_
_pdbx_struct_sheet_hbond.sheet_id 
_pdbx_struct_sheet_hbond.range_id_1 
_pdbx_struct_sheet_hbond.range_id_2 
_pdbx_struct_sheet_hbond.range_1_label_atom_id 
_pdbx_struct_sheet_hbond.range_1_label_comp_id 
_pdbx_struct_sheet_hbond.range_1_label_asym_id 
_pdbx_struct_sheet_hbond.range_1_label_seq_id 
_pdbx_struct_sheet_hbond.range_1_PDB_ins_code 
_pdbx_struct_sheet_hbond.range_1_auth_atom_id 
_pdbx_struct_sheet_hbond.range_1_auth_comp_id 
_pdbx_struct_sheet_hbond.range_1_auth_asym_id 
_pdbx_struct_sheet_hbond.range_1_auth_seq_id 
_pdbx_struct_sheet_hbond.range_2_label_atom_id 
_pdbx_struct_sheet_hbond.range_2_label_comp_id 
_pdbx_struct_sheet_hbond.range_2_label_asym_id 
_pdbx_struct_sheet_hbond.range_2_label_seq_id 
_pdbx_struct_sheet_hbond.range_2_PDB_ins_code 
_pdbx_struct_sheet_hbond.range_2_auth_atom_id 
_pdbx_struct_sheet_hbond.range_2_auth_comp_id 
_pdbx_struct_sheet_hbond.range_2_auth_asym_id 
_pdbx_struct_sheet_hbond.range_2_auth_seq_id 
A 1 2 N ASP A 21  ? N ASP A 13  O VAL A 196 ? O VAL A 188 
B 1 2 O ILE A 68  ? O ILE A 60  N TYR A 41  ? N TYR A 33  
B 2 3 N ALA A 42  ? N ALA A 34  O MSE A 91  ? O MSE A 83  
B 3 4 N THR A 94  ? N THR A 86  O VAL A 121 ? O VAL A 113 
B 4 5 N ASP A 120 ? N ASP A 112 O THR A 185 ? O THR A 177 
B 5 6 O LEU A 184 ? O LEU A 176 N LEU A 155 ? N LEU A 147 
# 
loop_
_struct_site.id 
_struct_site.pdbx_evidence_code 
_struct_site.pdbx_auth_asym_id 
_struct_site.pdbx_auth_comp_id 
_struct_site.pdbx_auth_seq_id 
_struct_site.pdbx_auth_ins_code 
_struct_site.pdbx_num_residues 
_struct_site.details 
AC1 Software A UNX 388 ? 2 'BINDING SITE FOR RESIDUE UNX A 388' 
AC2 Software A UNX 389 ? 5 'BINDING SITE FOR RESIDUE UNX A 389' 
AC3 Software A UNX 390 ? 4 'BINDING SITE FOR RESIDUE UNX A 390' 
AC4 Software A UNX 391 ? 4 'BINDING SITE FOR RESIDUE UNX A 391' 
AC5 Software A UNX 392 ? 3 'BINDING SITE FOR RESIDUE UNX A 392' 
AC6 Software A UNX 393 ? 5 'BINDING SITE FOR RESIDUE UNX A 393' 
# 
loop_
_struct_site_gen.id 
_struct_site_gen.site_id 
_struct_site_gen.pdbx_num_res 
_struct_site_gen.label_comp_id 
_struct_site_gen.label_asym_id 
_struct_site_gen.label_seq_id 
_struct_site_gen.pdbx_auth_ins_code 
_struct_site_gen.auth_comp_id 
_struct_site_gen.auth_asym_id 
_struct_site_gen.auth_seq_id 
_struct_site_gen.label_atom_id 
_struct_site_gen.label_alt_id 
_struct_site_gen.symmetry 
_struct_site_gen.details 
1  AC1 2 LEU A 152 ? LEU A 144 . ? 1_555 ? 
2  AC1 2 VAL A 154 ? VAL A 146 . ? 1_555 ? 
3  AC2 5 PHE A 22  ? PHE A 14  . ? 6_556 ? 
4  AC2 5 GLU A 51  ? GLU A 43  . ? 1_555 ? 
5  AC2 5 ALA A 55  ? ALA A 47  . ? 1_555 ? 
6  AC2 5 ARG A 193 ? ARG A 185 . ? 6_556 ? 
7  AC2 5 UNX E .   ? UNX A 391 . ? 1_555 ? 
8  AC3 4 GLN A 24  ? GLN A 16  . ? 1_555 ? 
9  AC3 4 ASP A 26  ? ASP A 18  . ? 1_555 ? 
10 AC3 4 GLU A 27  ? GLU A 19  . ? 1_555 ? 
11 AC3 4 UNX E .   ? UNX A 391 . ? 1_555 ? 
12 AC4 4 GLU A 27  ? GLU A 19  . ? 1_555 ? 
13 AC4 4 ARG A 193 ? ARG A 185 . ? 6_556 ? 
14 AC4 4 UNX C .   ? UNX A 389 . ? 1_555 ? 
15 AC4 4 UNX D .   ? UNX A 390 . ? 1_555 ? 
16 AC5 3 SER A 84  ? SER A 76  . ? 1_555 ? 
17 AC5 3 TRP A 85  ? TRP A 77  . ? 1_555 ? 
18 AC5 3 PRO A 115 ? PRO A 107 . ? 1_555 ? 
19 AC6 5 PRO A 45  ? PRO A 37  . ? 1_555 ? 
20 AC6 5 ILE A 46  ? ILE A 38  . ? 1_555 ? 
21 AC6 5 THR A 47  ? THR A 39  . ? 1_555 ? 
22 AC6 5 SER A 50  ? SER A 42  . ? 1_555 ? 
23 AC6 5 PHE A 53  ? PHE A 45  . ? 1_555 ? 
# 
_pdbx_entry_details.entry_id                   1YD7 
_pdbx_entry_details.compound_details           ? 
_pdbx_entry_details.source_details             ? 
_pdbx_entry_details.nonpolymer_details         ? 
_pdbx_entry_details.sequence_details           ? 
_pdbx_entry_details.has_ligand_of_interest     ? 
_pdbx_entry_details.has_protein_modification   Y 
# 
_pdbx_validate_torsion.id              1 
_pdbx_validate_torsion.PDB_model_num   1 
_pdbx_validate_torsion.auth_comp_id    THR 
_pdbx_validate_torsion.auth_asym_id    A 
_pdbx_validate_torsion.auth_seq_id     104 
_pdbx_validate_torsion.PDB_ins_code    ? 
_pdbx_validate_torsion.label_alt_id    ? 
_pdbx_validate_torsion.phi             72.11 
_pdbx_validate_torsion.psi             -52.52 
# 
_pdbx_validate_peptide_omega.id               1 
_pdbx_validate_peptide_omega.PDB_model_num    1 
_pdbx_validate_peptide_omega.auth_comp_id_1   MSE 
_pdbx_validate_peptide_omega.auth_asym_id_1   A 
_pdbx_validate_peptide_omega.auth_seq_id_1    103 
_pdbx_validate_peptide_omega.PDB_ins_code_1   ? 
_pdbx_validate_peptide_omega.label_alt_id_1   ? 
_pdbx_validate_peptide_omega.auth_comp_id_2   THR 
_pdbx_validate_peptide_omega.auth_asym_id_2   A 
_pdbx_validate_peptide_omega.auth_seq_id_2    104 
_pdbx_validate_peptide_omega.PDB_ins_code_2   ? 
_pdbx_validate_peptide_omega.label_alt_id_2   ? 
_pdbx_validate_peptide_omega.omega            34.83 
# 
_pdbx_SG_project.project_name          'PSI, Protein Structure Initiative' 
_pdbx_SG_project.full_name_of_center   'Southeast Collaboratory for Structural Genomics' 
_pdbx_SG_project.initial_of_center     SECSG 
_pdbx_SG_project.id                    1 
# 
loop_
_pdbx_struct_mod_residue.id 
_pdbx_struct_mod_residue.label_asym_id 
_pdbx_struct_mod_residue.label_comp_id 
_pdbx_struct_mod_residue.label_seq_id 
_pdbx_struct_mod_residue.auth_asym_id 
_pdbx_struct_mod_residue.auth_comp_id 
_pdbx_struct_mod_residue.auth_seq_id 
_pdbx_struct_mod_residue.PDB_ins_code 
_pdbx_struct_mod_residue.parent_comp_id 
_pdbx_struct_mod_residue.details 
1 A MSE 56  A MSE 48  ? MET SELENOMETHIONINE 
2 A MSE 60  A MSE 52  ? MET SELENOMETHIONINE 
3 A MSE 70  A MSE 62  ? MET SELENOMETHIONINE 
4 A MSE 91  A MSE 83  ? MET SELENOMETHIONINE 
5 A MSE 102 A MSE 94  ? MET SELENOMETHIONINE 
6 A MSE 111 A MSE 103 ? MET SELENOMETHIONINE 
7 A MSE 192 A MSE 184 ? MET SELENOMETHIONINE 
# 
loop_
_pdbx_phasing_MAD_shell.d_res_low 
_pdbx_phasing_MAD_shell.d_res_high 
_pdbx_phasing_MAD_shell.reflns 
_pdbx_phasing_MAD_shell.fom 
20.000 8.81 477  0.43 
8.81   5.75 733  0.48 
5.75   4.55 942  0.46 
4.55   3.88 1082 0.47 
3.88   3.44 1222 0.43 
3.44   3.12 1323 0.39 
3.12   2.88 1417 0.31 
2.88   2.68 1473 0.26 
# 
_pdbx_phasing_dm.entry_id          1YD7 
_pdbx_phasing_dm.fom_acentric      0.61 
_pdbx_phasing_dm.fom_centric       0.66 
_pdbx_phasing_dm.fom               0.62 
_pdbx_phasing_dm.reflns_acentric   10141 
_pdbx_phasing_dm.reflns_centric    1028 
_pdbx_phasing_dm.reflns            11169 
# 
loop_
_pdbx_phasing_dm_shell.d_res_low 
_pdbx_phasing_dm_shell.d_res_high 
_pdbx_phasing_dm_shell.fom_acentric 
_pdbx_phasing_dm_shell.fom_centric 
_pdbx_phasing_dm_shell.fom 
_pdbx_phasing_dm_shell.reflns_acentric 
_pdbx_phasing_dm_shell.reflns_centric 
_pdbx_phasing_dm_shell.reflns 
19.946 6.9 0.93 0.81 0.93 387  109 496  
6.9    4.3 0.90 0.77 0.89 1321 198 1519 
4.3    3.4 0.87 0.81 0.86 1683 177 1860 
3.4    3.0 0.72 0.66 0.72 1732 170 1902 
3.0    2.6 0.49 0.65 0.50 3090 235 3325 
2.6    2.4 0.22 0.24 0.22 1928 139 2067 
# 
_phasing.method   sad 
# 
_phasing_MAD.entry_id          1YD7 
_phasing_MAD.pdbx_d_res_high   2.600 
_phasing_MAD.pdbx_d_res_low    20.000 
_phasing_MAD.pdbx_reflns       8669 
_phasing_MAD.pdbx_fom          0.39 
# 
_pdbx_database_remark.id     300 
_pdbx_database_remark.text   
;BIOMOLECULE:
THIS ENTRY CONTAINS THE CRYSTALLOGRAPHIC ASYMMETRIC UNIT
WHICH CONSISTS OF 1 CHAIN. THE BIOLOGICAL UNIT IS UNKNOWN.
;
# 
loop_
_pdbx_unobs_or_zero_occ_residues.id 
_pdbx_unobs_or_zero_occ_residues.PDB_model_num 
_pdbx_unobs_or_zero_occ_residues.polymer_flag 
_pdbx_unobs_or_zero_occ_residues.occupancy_flag 
_pdbx_unobs_or_zero_occ_residues.auth_asym_id 
_pdbx_unobs_or_zero_occ_residues.auth_comp_id 
_pdbx_unobs_or_zero_occ_residues.auth_seq_id 
_pdbx_unobs_or_zero_occ_residues.PDB_ins_code 
_pdbx_unobs_or_zero_occ_residues.label_asym_id 
_pdbx_unobs_or_zero_occ_residues.label_comp_id 
_pdbx_unobs_or_zero_occ_residues.label_seq_id 
1   1 Y 1 A ALA -7  ? A ALA 1   
2   1 Y 1 A HIS -6  ? A HIS 2   
3   1 Y 1 A HIS -5  ? A HIS 3   
4   1 Y 1 A HIS -4  ? A HIS 4   
5   1 Y 1 A HIS -3  ? A HIS 5   
6   1 Y 1 A HIS -2  ? A HIS 6   
7   1 Y 1 A HIS -1  ? A HIS 7   
8   1 Y 1 A GLY 0   ? A GLY 8   
9   1 Y 1 A SER 1   ? A SER 9   
10  1 Y 1 A ASN 2   ? A ASN 10  
11  1 Y 1 A LYS 3   ? A LYS 11  
12  1 Y 1 A GLY 99  ? A GLY 107 
13  1 Y 1 A TYR 100 ? A TYR 108 
14  1 Y 1 A ALA 101 ? A ALA 109 
15  1 Y 1 A VAL 102 ? A VAL 110 
16  1 Y 1 A ARG 115 ? A ARG 123 
17  1 Y 1 A SER 116 ? A SER 124 
18  1 Y 1 A GLY 117 ? A GLY 125 
19  1 Y 1 A PRO 118 ? A PRO 126 
20  1 Y 1 A SER 119 ? A SER 127 
21  1 Y 1 A THR 120 ? A THR 128 
22  1 Y 1 A GLY 121 ? A GLY 129 
23  1 Y 1 A GLN 122 ? A GLN 130 
24  1 Y 1 A PRO 123 ? A PRO 131 
25  1 Y 1 A THR 124 ? A THR 132 
26  1 Y 1 A LEU 125 ? A LEU 133 
27  1 Y 1 A PRO 126 ? A PRO 134 
28  1 Y 1 A ALA 127 ? A ALA 135 
29  1 Y 1 A GLN 128 ? A GLN 136 
30  1 Y 1 A GLY 129 ? A GLY 137 
31  1 Y 1 A ASP 130 ? A ASP 138 
32  1 Y 1 A ILE 131 ? A ILE 139 
33  1 Y 1 A MSE 132 ? A MSE 140 
34  1 Y 1 A GLN 133 ? A GLN 141 
35  1 Y 1 A ALA 134 ? A ALA 142 
36  1 Y 1 A ILE 135 ? A ILE 143 
37  1 Y 1 A TRP 136 ? A TRP 144 
38  1 Y 1 A GLY 137 ? A GLY 145 
39  1 Y 1 A THR 138 ? A THR 146 
40  1 Y 1 A HIS 139 ? A HIS 147 
41  1 Y 1 A GLY 140 ? A GLY 148 
42  1 Y 1 A LEU 203 ? A LEU 211 
43  1 Y 1 A PRO 204 ? A PRO 212 
44  1 Y 1 A ARG 205 ? A ARG 213 
45  1 Y 1 A ASN 206 ? A ASN 214 
46  1 Y 1 A GLU 207 ? A GLU 215 
47  1 Y 1 A GLU 208 ? A GLU 216 
48  1 Y 1 A GLU 209 ? A GLU 217 
49  1 Y 1 A ALA 210 ? A ALA 218 
50  1 Y 1 A LYS 211 ? A LYS 219 
51  1 Y 1 A LEU 212 ? A LEU 220 
52  1 Y 1 A PRO 213 ? A PRO 221 
53  1 Y 1 A PHE 214 ? A PHE 222 
54  1 Y 1 A GLY 215 ? A GLY 223 
55  1 Y 1 A ASP 216 ? A ASP 224 
56  1 Y 1 A PRO 217 ? A PRO 225 
57  1 Y 1 A HIS 218 ? A HIS 226 
58  1 Y 1 A GLY 219 ? A GLY 227 
59  1 Y 1 A ASP 220 ? A ASP 228 
60  1 Y 1 A GLY 221 ? A GLY 229 
61  1 Y 1 A VAL 222 ? A VAL 230 
62  1 Y 1 A PRO 223 ? A PRO 231 
63  1 Y 1 A PRO 224 ? A PRO 232 
64  1 Y 1 A MSE 225 ? A MSE 233 
65  1 Y 1 A PRO 226 ? A PRO 234 
66  1 Y 1 A ILE 227 ? A ILE 235 
67  1 Y 1 A PHE 228 ? A PHE 236 
68  1 Y 1 A GLY 229 ? A GLY 237 
69  1 Y 1 A LYS 230 ? A LYS 238 
70  1 Y 1 A GLY 231 ? A GLY 239 
71  1 Y 1 A TYR 232 ? A TYR 240 
72  1 Y 1 A ARG 233 ? A ARG 241 
73  1 Y 1 A THR 234 ? A THR 242 
74  1 Y 1 A TYR 235 ? A TYR 243 
75  1 Y 1 A VAL 236 ? A VAL 244 
76  1 Y 1 A THR 237 ? A THR 245 
77  1 Y 1 A GLY 238 ? A GLY 246 
78  1 Y 1 A LEU 239 ? A LEU 247 
79  1 Y 1 A THR 240 ? A THR 248 
80  1 Y 1 A HIS 241 ? A HIS 249 
81  1 Y 1 A ASP 242 ? A ASP 250 
82  1 Y 1 A GLU 243 ? A GLU 251 
83  1 Y 1 A LYS 244 ? A LYS 252 
84  1 Y 1 A GLY 245 ? A GLY 253 
85  1 Y 1 A ARG 246 ? A ARG 254 
86  1 Y 1 A PRO 247 ? A PRO 255 
87  1 Y 1 A ARG 248 ? A ARG 256 
88  1 Y 1 A THR 249 ? A THR 257 
89  1 Y 1 A VAL 250 ? A VAL 258 
90  1 Y 1 A ASP 251 ? A ASP 259 
91  1 Y 1 A ARG 252 ? A ARG 260 
92  1 Y 1 A GLU 253 ? A GLU 261 
93  1 Y 1 A VAL 254 ? A VAL 262 
94  1 Y 1 A HIS 255 ? A HIS 263 
95  1 Y 1 A GLU 256 ? A GLU 264 
96  1 Y 1 A ARG 257 ? A ARG 265 
97  1 Y 1 A LEU 258 ? A LEU 266 
98  1 Y 1 A ILE 259 ? A ILE 267 
99  1 Y 1 A LYS 260 ? A LYS 268 
100 1 Y 1 A ARG 261 ? A ARG 269 
101 1 Y 1 A ILE 262 ? A ILE 270 
102 1 Y 1 A VAL 263 ? A VAL 271 
103 1 Y 1 A GLU 264 ? A GLU 272 
104 1 Y 1 A LYS 265 ? A LYS 273 
105 1 Y 1 A ILE 266 ? A ILE 274 
106 1 Y 1 A GLU 267 ? A GLU 275 
107 1 Y 1 A LYS 268 ? A LYS 276 
108 1 Y 1 A ASN 269 ? A ASN 277 
109 1 Y 1 A LYS 270 ? A LYS 278 
110 1 Y 1 A LYS 271 ? A LYS 279 
111 1 Y 1 A ASP 272 ? A ASP 280 
112 1 Y 1 A ILE 273 ? A ILE 281 
113 1 Y 1 A PHE 274 ? A PHE 282 
114 1 Y 1 A THR 275 ? A THR 283 
115 1 Y 1 A TYR 276 ? A TYR 284 
116 1 Y 1 A GLU 277 ? A GLU 285 
117 1 Y 1 A THR 278 ? A THR 286 
118 1 Y 1 A TYR 279 ? A TYR 287 
119 1 Y 1 A GLU 280 ? A GLU 288 
120 1 Y 1 A LEU 281 ? A LEU 289 
121 1 Y 1 A GLU 282 ? A GLU 290 
122 1 Y 1 A ASP 283 ? A ASP 291 
123 1 Y 1 A ALA 284 ? A ALA 292 
124 1 Y 1 A GLU 285 ? A GLU 293 
125 1 Y 1 A ILE 286 ? A ILE 294 
126 1 Y 1 A GLY 287 ? A GLY 295 
127 1 Y 1 A VAL 288 ? A VAL 296 
128 1 Y 1 A VAL 289 ? A VAL 297 
129 1 Y 1 A ALA 290 ? A ALA 298 
130 1 Y 1 A THR 291 ? A THR 299 
131 1 Y 1 A GLY 292 ? A GLY 300 
132 1 Y 1 A ILE 293 ? A ILE 301 
133 1 Y 1 A VAL 294 ? A VAL 302 
134 1 Y 1 A ALA 295 ? A ALA 303 
135 1 Y 1 A ARG 296 ? A ARG 304 
136 1 Y 1 A SER 297 ? A SER 305 
137 1 Y 1 A ALA 298 ? A ALA 306 
138 1 Y 1 A LEU 299 ? A LEU 307 
139 1 Y 1 A ARG 300 ? A ARG 308 
140 1 Y 1 A ALA 301 ? A ALA 309 
141 1 Y 1 A VAL 302 ? A VAL 310 
142 1 Y 1 A LYS 303 ? A LYS 311 
143 1 Y 1 A MSE 304 ? A MSE 312 
144 1 Y 1 A LEU 305 ? A LEU 313 
145 1 Y 1 A ARG 306 ? A ARG 314 
146 1 Y 1 A GLU 307 ? A GLU 315 
147 1 Y 1 A GLU 308 ? A GLU 316 
148 1 Y 1 A GLY 309 ? A GLY 317 
149 1 Y 1 A ILE 310 ? A ILE 318 
150 1 Y 1 A LYS 311 ? A LYS 319 
151 1 Y 1 A ALA 312 ? A ALA 320 
152 1 Y 1 A GLY 313 ? A GLY 321 
153 1 Y 1 A LEU 314 ? A LEU 322 
154 1 Y 1 A LEU 315 ? A LEU 323 
155 1 Y 1 A LYS 316 ? A LYS 324 
156 1 Y 1 A ILE 317 ? A ILE 325 
157 1 Y 1 A GLU 318 ? A GLU 326 
158 1 Y 1 A THR 319 ? A THR 327 
159 1 Y 1 A ILE 320 ? A ILE 328 
160 1 Y 1 A TRP 321 ? A TRP 329 
161 1 Y 1 A PRO 322 ? A PRO 330 
162 1 Y 1 A PHE 323 ? A PHE 331 
163 1 Y 1 A ASP 324 ? A ASP 332 
164 1 Y 1 A PHE 325 ? A PHE 333 
165 1 Y 1 A GLU 326 ? A GLU 334 
166 1 Y 1 A LEU 327 ? A LEU 335 
167 1 Y 1 A ILE 328 ? A ILE 336 
168 1 Y 1 A GLU 329 ? A GLU 337 
169 1 Y 1 A ARG 330 ? A ARG 338 
170 1 Y 1 A ILE 331 ? A ILE 339 
171 1 Y 1 A ALA 332 ? A ALA 340 
172 1 Y 1 A GLU 333 ? A GLU 341 
173 1 Y 1 A ARG 334 ? A ARG 342 
174 1 Y 1 A VAL 335 ? A VAL 343 
175 1 Y 1 A ASP 336 ? A ASP 344 
176 1 Y 1 A LYS 337 ? A LYS 345 
177 1 Y 1 A LEU 338 ? A LEU 346 
178 1 Y 1 A TYR 339 ? A TYR 347 
179 1 Y 1 A VAL 340 ? A VAL 348 
180 1 Y 1 A PRO 341 ? A PRO 349 
181 1 Y 1 A GLU 342 ? A GLU 350 
182 1 Y 1 A MSE 343 ? A MSE 351 
183 1 Y 1 A ASN 344 ? A ASN 352 
184 1 Y 1 A LEU 345 ? A LEU 353 
185 1 Y 1 A GLY 346 ? A GLY 354 
186 1 Y 1 A GLN 347 ? A GLN 355 
187 1 Y 1 A LEU 348 ? A LEU 356 
188 1 Y 1 A TYR 349 ? A TYR 357 
189 1 Y 1 A HIS 350 ? A HIS 358 
190 1 Y 1 A LEU 351 ? A LEU 359 
191 1 Y 1 A ILE 352 ? A ILE 360 
192 1 Y 1 A LYS 353 ? A LYS 361 
193 1 Y 1 A GLU 354 ? A GLU 362 
194 1 Y 1 A GLY 355 ? A GLY 363 
195 1 Y 1 A ALA 356 ? A ALA 364 
196 1 Y 1 A ASN 357 ? A ASN 365 
197 1 Y 1 A GLY 358 ? A GLY 366 
198 1 Y 1 A LYS 359 ? A LYS 367 
199 1 Y 1 A ALA 360 ? A ALA 368 
200 1 Y 1 A GLU 361 ? A GLU 369 
201 1 Y 1 A VAL 362 ? A VAL 370 
202 1 Y 1 A LYS 363 ? A LYS 371 
203 1 Y 1 A LEU 364 ? A LEU 372 
204 1 Y 1 A ILE 365 ? A ILE 373 
205 1 Y 1 A SER 366 ? A SER 374 
206 1 Y 1 A LYS 367 ? A LYS 375 
207 1 Y 1 A ILE 368 ? A ILE 376 
208 1 Y 1 A GLY 369 ? A GLY 377 
209 1 Y 1 A GLY 370 ? A GLY 378 
210 1 Y 1 A GLU 371 ? A GLU 379 
211 1 Y 1 A VAL 372 ? A VAL 380 
212 1 Y 1 A HIS 373 ? A HIS 381 
213 1 Y 1 A THR 374 ? A THR 382 
214 1 Y 1 A PRO 375 ? A PRO 383 
215 1 Y 1 A MSE 376 ? A MSE 384 
216 1 Y 1 A GLU 377 ? A GLU 385 
217 1 Y 1 A ILE 378 ? A ILE 386 
218 1 Y 1 A PHE 379 ? A PHE 387 
219 1 Y 1 A GLU 380 ? A GLU 388 
220 1 Y 1 A PHE 381 ? A PHE 389 
221 1 Y 1 A ILE 382 ? A ILE 390 
222 1 Y 1 A ARG 383 ? A ARG 391 
223 1 Y 1 A ARG 384 ? A ARG 392 
224 1 Y 1 A GLU 385 ? A GLU 393 
225 1 Y 1 A PHE 386 ? A PHE 394 
226 1 Y 1 A LYS 387 ? A LYS 395 
# 
loop_
_chem_comp_atom.comp_id 
_chem_comp_atom.atom_id 
_chem_comp_atom.type_symbol 
_chem_comp_atom.pdbx_aromatic_flag 
_chem_comp_atom.pdbx_stereo_config 
_chem_comp_atom.pdbx_ordinal 
ALA N    N  N N 1   
ALA CA   C  N S 2   
ALA C    C  N N 3   
ALA O    O  N N 4   
ALA CB   C  N N 5   
ALA OXT  O  N N 6   
ALA H    H  N N 7   
ALA H2   H  N N 8   
ALA HA   H  N N 9   
ALA HB1  H  N N 10  
ALA HB2  H  N N 11  
ALA HB3  H  N N 12  
ALA HXT  H  N N 13  
ARG N    N  N N 14  
ARG CA   C  N S 15  
ARG C    C  N N 16  
ARG O    O  N N 17  
ARG CB   C  N N 18  
ARG CG   C  N N 19  
ARG CD   C  N N 20  
ARG NE   N  N N 21  
ARG CZ   C  N N 22  
ARG NH1  N  N N 23  
ARG NH2  N  N N 24  
ARG OXT  O  N N 25  
ARG H    H  N N 26  
ARG H2   H  N N 27  
ARG HA   H  N N 28  
ARG HB2  H  N N 29  
ARG HB3  H  N N 30  
ARG HG2  H  N N 31  
ARG HG3  H  N N 32  
ARG HD2  H  N N 33  
ARG HD3  H  N N 34  
ARG HE   H  N N 35  
ARG HH11 H  N N 36  
ARG HH12 H  N N 37  
ARG HH21 H  N N 38  
ARG HH22 H  N N 39  
ARG HXT  H  N N 40  
ASN N    N  N N 41  
ASN CA   C  N S 42  
ASN C    C  N N 43  
ASN O    O  N N 44  
ASN CB   C  N N 45  
ASN CG   C  N N 46  
ASN OD1  O  N N 47  
ASN ND2  N  N N 48  
ASN OXT  O  N N 49  
ASN H    H  N N 50  
ASN H2   H  N N 51  
ASN HA   H  N N 52  
ASN HB2  H  N N 53  
ASN HB3  H  N N 54  
ASN HD21 H  N N 55  
ASN HD22 H  N N 56  
ASN HXT  H  N N 57  
ASP N    N  N N 58  
ASP CA   C  N S 59  
ASP C    C  N N 60  
ASP O    O  N N 61  
ASP CB   C  N N 62  
ASP CG   C  N N 63  
ASP OD1  O  N N 64  
ASP OD2  O  N N 65  
ASP OXT  O  N N 66  
ASP H    H  N N 67  
ASP H2   H  N N 68  
ASP HA   H  N N 69  
ASP HB2  H  N N 70  
ASP HB3  H  N N 71  
ASP HD2  H  N N 72  
ASP HXT  H  N N 73  
CYS N    N  N N 74  
CYS CA   C  N R 75  
CYS C    C  N N 76  
CYS O    O  N N 77  
CYS CB   C  N N 78  
CYS SG   S  N N 79  
CYS OXT  O  N N 80  
CYS H    H  N N 81  
CYS H2   H  N N 82  
CYS HA   H  N N 83  
CYS HB2  H  N N 84  
CYS HB3  H  N N 85  
CYS HG   H  N N 86  
CYS HXT  H  N N 87  
GLN N    N  N N 88  
GLN CA   C  N S 89  
GLN C    C  N N 90  
GLN O    O  N N 91  
GLN CB   C  N N 92  
GLN CG   C  N N 93  
GLN CD   C  N N 94  
GLN OE1  O  N N 95  
GLN NE2  N  N N 96  
GLN OXT  O  N N 97  
GLN H    H  N N 98  
GLN H2   H  N N 99  
GLN HA   H  N N 100 
GLN HB2  H  N N 101 
GLN HB3  H  N N 102 
GLN HG2  H  N N 103 
GLN HG3  H  N N 104 
GLN HE21 H  N N 105 
GLN HE22 H  N N 106 
GLN HXT  H  N N 107 
GLU N    N  N N 108 
GLU CA   C  N S 109 
GLU C    C  N N 110 
GLU O    O  N N 111 
GLU CB   C  N N 112 
GLU CG   C  N N 113 
GLU CD   C  N N 114 
GLU OE1  O  N N 115 
GLU OE2  O  N N 116 
GLU OXT  O  N N 117 
GLU H    H  N N 118 
GLU H2   H  N N 119 
GLU HA   H  N N 120 
GLU HB2  H  N N 121 
GLU HB3  H  N N 122 
GLU HG2  H  N N 123 
GLU HG3  H  N N 124 
GLU HE2  H  N N 125 
GLU HXT  H  N N 126 
GLY N    N  N N 127 
GLY CA   C  N N 128 
GLY C    C  N N 129 
GLY O    O  N N 130 
GLY OXT  O  N N 131 
GLY H    H  N N 132 
GLY H2   H  N N 133 
GLY HA2  H  N N 134 
GLY HA3  H  N N 135 
GLY HXT  H  N N 136 
HIS N    N  N N 137 
HIS CA   C  N S 138 
HIS C    C  N N 139 
HIS O    O  N N 140 
HIS CB   C  N N 141 
HIS CG   C  Y N 142 
HIS ND1  N  Y N 143 
HIS CD2  C  Y N 144 
HIS CE1  C  Y N 145 
HIS NE2  N  Y N 146 
HIS OXT  O  N N 147 
HIS H    H  N N 148 
HIS H2   H  N N 149 
HIS HA   H  N N 150 
HIS HB2  H  N N 151 
HIS HB3  H  N N 152 
HIS HD1  H  N N 153 
HIS HD2  H  N N 154 
HIS HE1  H  N N 155 
HIS HE2  H  N N 156 
HIS HXT  H  N N 157 
HOH O    O  N N 158 
HOH H1   H  N N 159 
HOH H2   H  N N 160 
ILE N    N  N N 161 
ILE CA   C  N S 162 
ILE C    C  N N 163 
ILE O    O  N N 164 
ILE CB   C  N S 165 
ILE CG1  C  N N 166 
ILE CG2  C  N N 167 
ILE CD1  C  N N 168 
ILE OXT  O  N N 169 
ILE H    H  N N 170 
ILE H2   H  N N 171 
ILE HA   H  N N 172 
ILE HB   H  N N 173 
ILE HG12 H  N N 174 
ILE HG13 H  N N 175 
ILE HG21 H  N N 176 
ILE HG22 H  N N 177 
ILE HG23 H  N N 178 
ILE HD11 H  N N 179 
ILE HD12 H  N N 180 
ILE HD13 H  N N 181 
ILE HXT  H  N N 182 
LEU N    N  N N 183 
LEU CA   C  N S 184 
LEU C    C  N N 185 
LEU O    O  N N 186 
LEU CB   C  N N 187 
LEU CG   C  N N 188 
LEU CD1  C  N N 189 
LEU CD2  C  N N 190 
LEU OXT  O  N N 191 
LEU H    H  N N 192 
LEU H2   H  N N 193 
LEU HA   H  N N 194 
LEU HB2  H  N N 195 
LEU HB3  H  N N 196 
LEU HG   H  N N 197 
LEU HD11 H  N N 198 
LEU HD12 H  N N 199 
LEU HD13 H  N N 200 
LEU HD21 H  N N 201 
LEU HD22 H  N N 202 
LEU HD23 H  N N 203 
LEU HXT  H  N N 204 
LYS N    N  N N 205 
LYS CA   C  N S 206 
LYS C    C  N N 207 
LYS O    O  N N 208 
LYS CB   C  N N 209 
LYS CG   C  N N 210 
LYS CD   C  N N 211 
LYS CE   C  N N 212 
LYS NZ   N  N N 213 
LYS OXT  O  N N 214 
LYS H    H  N N 215 
LYS H2   H  N N 216 
LYS HA   H  N N 217 
LYS HB2  H  N N 218 
LYS HB3  H  N N 219 
LYS HG2  H  N N 220 
LYS HG3  H  N N 221 
LYS HD2  H  N N 222 
LYS HD3  H  N N 223 
LYS HE2  H  N N 224 
LYS HE3  H  N N 225 
LYS HZ1  H  N N 226 
LYS HZ2  H  N N 227 
LYS HZ3  H  N N 228 
LYS HXT  H  N N 229 
MET N    N  N N 230 
MET CA   C  N S 231 
MET C    C  N N 232 
MET O    O  N N 233 
MET CB   C  N N 234 
MET CG   C  N N 235 
MET SD   S  N N 236 
MET CE   C  N N 237 
MET OXT  O  N N 238 
MET H    H  N N 239 
MET H2   H  N N 240 
MET HA   H  N N 241 
MET HB2  H  N N 242 
MET HB3  H  N N 243 
MET HG2  H  N N 244 
MET HG3  H  N N 245 
MET HE1  H  N N 246 
MET HE2  H  N N 247 
MET HE3  H  N N 248 
MET HXT  H  N N 249 
MSE N    N  N N 250 
MSE CA   C  N S 251 
MSE C    C  N N 252 
MSE O    O  N N 253 
MSE OXT  O  N N 254 
MSE CB   C  N N 255 
MSE CG   C  N N 256 
MSE SE   SE N N 257 
MSE CE   C  N N 258 
MSE H    H  N N 259 
MSE H2   H  N N 260 
MSE HA   H  N N 261 
MSE HXT  H  N N 262 
MSE HB2  H  N N 263 
MSE HB3  H  N N 264 
MSE HG2  H  N N 265 
MSE HG3  H  N N 266 
MSE HE1  H  N N 267 
MSE HE2  H  N N 268 
MSE HE3  H  N N 269 
PHE N    N  N N 270 
PHE CA   C  N S 271 
PHE C    C  N N 272 
PHE O    O  N N 273 
PHE CB   C  N N 274 
PHE CG   C  Y N 275 
PHE CD1  C  Y N 276 
PHE CD2  C  Y N 277 
PHE CE1  C  Y N 278 
PHE CE2  C  Y N 279 
PHE CZ   C  Y N 280 
PHE OXT  O  N N 281 
PHE H    H  N N 282 
PHE H2   H  N N 283 
PHE HA   H  N N 284 
PHE HB2  H  N N 285 
PHE HB3  H  N N 286 
PHE HD1  H  N N 287 
PHE HD2  H  N N 288 
PHE HE1  H  N N 289 
PHE HE2  H  N N 290 
PHE HZ   H  N N 291 
PHE HXT  H  N N 292 
PRO N    N  N N 293 
PRO CA   C  N S 294 
PRO C    C  N N 295 
PRO O    O  N N 296 
PRO CB   C  N N 297 
PRO CG   C  N N 298 
PRO CD   C  N N 299 
PRO OXT  O  N N 300 
PRO H    H  N N 301 
PRO HA   H  N N 302 
PRO HB2  H  N N 303 
PRO HB3  H  N N 304 
PRO HG2  H  N N 305 
PRO HG3  H  N N 306 
PRO HD2  H  N N 307 
PRO HD3  H  N N 308 
PRO HXT  H  N N 309 
SER N    N  N N 310 
SER CA   C  N S 311 
SER C    C  N N 312 
SER O    O  N N 313 
SER CB   C  N N 314 
SER OG   O  N N 315 
SER OXT  O  N N 316 
SER H    H  N N 317 
SER H2   H  N N 318 
SER HA   H  N N 319 
SER HB2  H  N N 320 
SER HB3  H  N N 321 
SER HG   H  N N 322 
SER HXT  H  N N 323 
THR N    N  N N 324 
THR CA   C  N S 325 
THR C    C  N N 326 
THR O    O  N N 327 
THR CB   C  N R 328 
THR OG1  O  N N 329 
THR CG2  C  N N 330 
THR OXT  O  N N 331 
THR H    H  N N 332 
THR H2   H  N N 333 
THR HA   H  N N 334 
THR HB   H  N N 335 
THR HG1  H  N N 336 
THR HG21 H  N N 337 
THR HG22 H  N N 338 
THR HG23 H  N N 339 
THR HXT  H  N N 340 
TRP N    N  N N 341 
TRP CA   C  N S 342 
TRP C    C  N N 343 
TRP O    O  N N 344 
TRP CB   C  N N 345 
TRP CG   C  Y N 346 
TRP CD1  C  Y N 347 
TRP CD2  C  Y N 348 
TRP NE1  N  Y N 349 
TRP CE2  C  Y N 350 
TRP CE3  C  Y N 351 
TRP CZ2  C  Y N 352 
TRP CZ3  C  Y N 353 
TRP CH2  C  Y N 354 
TRP OXT  O  N N 355 
TRP H    H  N N 356 
TRP H2   H  N N 357 
TRP HA   H  N N 358 
TRP HB2  H  N N 359 
TRP HB3  H  N N 360 
TRP HD1  H  N N 361 
TRP HE1  H  N N 362 
TRP HE3  H  N N 363 
TRP HZ2  H  N N 364 
TRP HZ3  H  N N 365 
TRP HH2  H  N N 366 
TRP HXT  H  N N 367 
TYR N    N  N N 368 
TYR CA   C  N S 369 
TYR C    C  N N 370 
TYR O    O  N N 371 
TYR CB   C  N N 372 
TYR CG   C  Y N 373 
TYR CD1  C  Y N 374 
TYR CD2  C  Y N 375 
TYR CE1  C  Y N 376 
TYR CE2  C  Y N 377 
TYR CZ   C  Y N 378 
TYR OH   O  N N 379 
TYR OXT  O  N N 380 
TYR H    H  N N 381 
TYR H2   H  N N 382 
TYR HA   H  N N 383 
TYR HB2  H  N N 384 
TYR HB3  H  N N 385 
TYR HD1  H  N N 386 
TYR HD2  H  N N 387 
TYR HE1  H  N N 388 
TYR HE2  H  N N 389 
TYR HH   H  N N 390 
TYR HXT  H  N N 391 
VAL N    N  N N 392 
VAL CA   C  N S 393 
VAL C    C  N N 394 
VAL O    O  N N 395 
VAL CB   C  N N 396 
VAL CG1  C  N N 397 
VAL CG2  C  N N 398 
VAL OXT  O  N N 399 
VAL H    H  N N 400 
VAL H2   H  N N 401 
VAL HA   H  N N 402 
VAL HB   H  N N 403 
VAL HG11 H  N N 404 
VAL HG12 H  N N 405 
VAL HG13 H  N N 406 
VAL HG21 H  N N 407 
VAL HG22 H  N N 408 
VAL HG23 H  N N 409 
VAL HXT  H  N N 410 
# 
loop_
_chem_comp_bond.comp_id 
_chem_comp_bond.atom_id_1 
_chem_comp_bond.atom_id_2 
_chem_comp_bond.value_order 
_chem_comp_bond.pdbx_aromatic_flag 
_chem_comp_bond.pdbx_stereo_config 
_chem_comp_bond.pdbx_ordinal 
ALA N   CA   sing N N 1   
ALA N   H    sing N N 2   
ALA N   H2   sing N N 3   
ALA CA  C    sing N N 4   
ALA CA  CB   sing N N 5   
ALA CA  HA   sing N N 6   
ALA C   O    doub N N 7   
ALA C   OXT  sing N N 8   
ALA CB  HB1  sing N N 9   
ALA CB  HB2  sing N N 10  
ALA CB  HB3  sing N N 11  
ALA OXT HXT  sing N N 12  
ARG N   CA   sing N N 13  
ARG N   H    sing N N 14  
ARG N   H2   sing N N 15  
ARG CA  C    sing N N 16  
ARG CA  CB   sing N N 17  
ARG CA  HA   sing N N 18  
ARG C   O    doub N N 19  
ARG C   OXT  sing N N 20  
ARG CB  CG   sing N N 21  
ARG CB  HB2  sing N N 22  
ARG CB  HB3  sing N N 23  
ARG CG  CD   sing N N 24  
ARG CG  HG2  sing N N 25  
ARG CG  HG3  sing N N 26  
ARG CD  NE   sing N N 27  
ARG CD  HD2  sing N N 28  
ARG CD  HD3  sing N N 29  
ARG NE  CZ   sing N N 30  
ARG NE  HE   sing N N 31  
ARG CZ  NH1  sing N N 32  
ARG CZ  NH2  doub N N 33  
ARG NH1 HH11 sing N N 34  
ARG NH1 HH12 sing N N 35  
ARG NH2 HH21 sing N N 36  
ARG NH2 HH22 sing N N 37  
ARG OXT HXT  sing N N 38  
ASN N   CA   sing N N 39  
ASN N   H    sing N N 40  
ASN N   H2   sing N N 41  
ASN CA  C    sing N N 42  
ASN CA  CB   sing N N 43  
ASN CA  HA   sing N N 44  
ASN C   O    doub N N 45  
ASN C   OXT  sing N N 46  
ASN CB  CG   sing N N 47  
ASN CB  HB2  sing N N 48  
ASN CB  HB3  sing N N 49  
ASN CG  OD1  doub N N 50  
ASN CG  ND2  sing N N 51  
ASN ND2 HD21 sing N N 52  
ASN ND2 HD22 sing N N 53  
ASN OXT HXT  sing N N 54  
ASP N   CA   sing N N 55  
ASP N   H    sing N N 56  
ASP N   H2   sing N N 57  
ASP CA  C    sing N N 58  
ASP CA  CB   sing N N 59  
ASP CA  HA   sing N N 60  
ASP C   O    doub N N 61  
ASP C   OXT  sing N N 62  
ASP CB  CG   sing N N 63  
ASP CB  HB2  sing N N 64  
ASP CB  HB3  sing N N 65  
ASP CG  OD1  doub N N 66  
ASP CG  OD2  sing N N 67  
ASP OD2 HD2  sing N N 68  
ASP OXT HXT  sing N N 69  
CYS N   CA   sing N N 70  
CYS N   H    sing N N 71  
CYS N   H2   sing N N 72  
CYS CA  C    sing N N 73  
CYS CA  CB   sing N N 74  
CYS CA  HA   sing N N 75  
CYS C   O    doub N N 76  
CYS C   OXT  sing N N 77  
CYS CB  SG   sing N N 78  
CYS CB  HB2  sing N N 79  
CYS CB  HB3  sing N N 80  
CYS SG  HG   sing N N 81  
CYS OXT HXT  sing N N 82  
GLN N   CA   sing N N 83  
GLN N   H    sing N N 84  
GLN N   H2   sing N N 85  
GLN CA  C    sing N N 86  
GLN CA  CB   sing N N 87  
GLN CA  HA   sing N N 88  
GLN C   O    doub N N 89  
GLN C   OXT  sing N N 90  
GLN CB  CG   sing N N 91  
GLN CB  HB2  sing N N 92  
GLN CB  HB3  sing N N 93  
GLN CG  CD   sing N N 94  
GLN CG  HG2  sing N N 95  
GLN CG  HG3  sing N N 96  
GLN CD  OE1  doub N N 97  
GLN CD  NE2  sing N N 98  
GLN NE2 HE21 sing N N 99  
GLN NE2 HE22 sing N N 100 
GLN OXT HXT  sing N N 101 
GLU N   CA   sing N N 102 
GLU N   H    sing N N 103 
GLU N   H2   sing N N 104 
GLU CA  C    sing N N 105 
GLU CA  CB   sing N N 106 
GLU CA  HA   sing N N 107 
GLU C   O    doub N N 108 
GLU C   OXT  sing N N 109 
GLU CB  CG   sing N N 110 
GLU CB  HB2  sing N N 111 
GLU CB  HB3  sing N N 112 
GLU CG  CD   sing N N 113 
GLU CG  HG2  sing N N 114 
GLU CG  HG3  sing N N 115 
GLU CD  OE1  doub N N 116 
GLU CD  OE2  sing N N 117 
GLU OE2 HE2  sing N N 118 
GLU OXT HXT  sing N N 119 
GLY N   CA   sing N N 120 
GLY N   H    sing N N 121 
GLY N   H2   sing N N 122 
GLY CA  C    sing N N 123 
GLY CA  HA2  sing N N 124 
GLY CA  HA3  sing N N 125 
GLY C   O    doub N N 126 
GLY C   OXT  sing N N 127 
GLY OXT HXT  sing N N 128 
HIS N   CA   sing N N 129 
HIS N   H    sing N N 130 
HIS N   H2   sing N N 131 
HIS CA  C    sing N N 132 
HIS CA  CB   sing N N 133 
HIS CA  HA   sing N N 134 
HIS C   O    doub N N 135 
HIS C   OXT  sing N N 136 
HIS CB  CG   sing N N 137 
HIS CB  HB2  sing N N 138 
HIS CB  HB3  sing N N 139 
HIS CG  ND1  sing Y N 140 
HIS CG  CD2  doub Y N 141 
HIS ND1 CE1  doub Y N 142 
HIS ND1 HD1  sing N N 143 
HIS CD2 NE2  sing Y N 144 
HIS CD2 HD2  sing N N 145 
HIS CE1 NE2  sing Y N 146 
HIS CE1 HE1  sing N N 147 
HIS NE2 HE2  sing N N 148 
HIS OXT HXT  sing N N 149 
HOH O   H1   sing N N 150 
HOH O   H2   sing N N 151 
ILE N   CA   sing N N 152 
ILE N   H    sing N N 153 
ILE N   H2   sing N N 154 
ILE CA  C    sing N N 155 
ILE CA  CB   sing N N 156 
ILE CA  HA   sing N N 157 
ILE C   O    doub N N 158 
ILE C   OXT  sing N N 159 
ILE CB  CG1  sing N N 160 
ILE CB  CG2  sing N N 161 
ILE CB  HB   sing N N 162 
ILE CG1 CD1  sing N N 163 
ILE CG1 HG12 sing N N 164 
ILE CG1 HG13 sing N N 165 
ILE CG2 HG21 sing N N 166 
ILE CG2 HG22 sing N N 167 
ILE CG2 HG23 sing N N 168 
ILE CD1 HD11 sing N N 169 
ILE CD1 HD12 sing N N 170 
ILE CD1 HD13 sing N N 171 
ILE OXT HXT  sing N N 172 
LEU N   CA   sing N N 173 
LEU N   H    sing N N 174 
LEU N   H2   sing N N 175 
LEU CA  C    sing N N 176 
LEU CA  CB   sing N N 177 
LEU CA  HA   sing N N 178 
LEU C   O    doub N N 179 
LEU C   OXT  sing N N 180 
LEU CB  CG   sing N N 181 
LEU CB  HB2  sing N N 182 
LEU CB  HB3  sing N N 183 
LEU CG  CD1  sing N N 184 
LEU CG  CD2  sing N N 185 
LEU CG  HG   sing N N 186 
LEU CD1 HD11 sing N N 187 
LEU CD1 HD12 sing N N 188 
LEU CD1 HD13 sing N N 189 
LEU CD2 HD21 sing N N 190 
LEU CD2 HD22 sing N N 191 
LEU CD2 HD23 sing N N 192 
LEU OXT HXT  sing N N 193 
LYS N   CA   sing N N 194 
LYS N   H    sing N N 195 
LYS N   H2   sing N N 196 
LYS CA  C    sing N N 197 
LYS CA  CB   sing N N 198 
LYS CA  HA   sing N N 199 
LYS C   O    doub N N 200 
LYS C   OXT  sing N N 201 
LYS CB  CG   sing N N 202 
LYS CB  HB2  sing N N 203 
LYS CB  HB3  sing N N 204 
LYS CG  CD   sing N N 205 
LYS CG  HG2  sing N N 206 
LYS CG  HG3  sing N N 207 
LYS CD  CE   sing N N 208 
LYS CD  HD2  sing N N 209 
LYS CD  HD3  sing N N 210 
LYS CE  NZ   sing N N 211 
LYS CE  HE2  sing N N 212 
LYS CE  HE3  sing N N 213 
LYS NZ  HZ1  sing N N 214 
LYS NZ  HZ2  sing N N 215 
LYS NZ  HZ3  sing N N 216 
LYS OXT HXT  sing N N 217 
MET N   CA   sing N N 218 
MET N   H    sing N N 219 
MET N   H2   sing N N 220 
MET CA  C    sing N N 221 
MET CA  CB   sing N N 222 
MET CA  HA   sing N N 223 
MET C   O    doub N N 224 
MET C   OXT  sing N N 225 
MET CB  CG   sing N N 226 
MET CB  HB2  sing N N 227 
MET CB  HB3  sing N N 228 
MET CG  SD   sing N N 229 
MET CG  HG2  sing N N 230 
MET CG  HG3  sing N N 231 
MET SD  CE   sing N N 232 
MET CE  HE1  sing N N 233 
MET CE  HE2  sing N N 234 
MET CE  HE3  sing N N 235 
MET OXT HXT  sing N N 236 
MSE N   CA   sing N N 237 
MSE N   H    sing N N 238 
MSE N   H2   sing N N 239 
MSE CA  C    sing N N 240 
MSE CA  CB   sing N N 241 
MSE CA  HA   sing N N 242 
MSE C   O    doub N N 243 
MSE C   OXT  sing N N 244 
MSE OXT HXT  sing N N 245 
MSE CB  CG   sing N N 246 
MSE CB  HB2  sing N N 247 
MSE CB  HB3  sing N N 248 
MSE CG  SE   sing N N 249 
MSE CG  HG2  sing N N 250 
MSE CG  HG3  sing N N 251 
MSE SE  CE   sing N N 252 
MSE CE  HE1  sing N N 253 
MSE CE  HE2  sing N N 254 
MSE CE  HE3  sing N N 255 
PHE N   CA   sing N N 256 
PHE N   H    sing N N 257 
PHE N   H2   sing N N 258 
PHE CA  C    sing N N 259 
PHE CA  CB   sing N N 260 
PHE CA  HA   sing N N 261 
PHE C   O    doub N N 262 
PHE C   OXT  sing N N 263 
PHE CB  CG   sing N N 264 
PHE CB  HB2  sing N N 265 
PHE CB  HB3  sing N N 266 
PHE CG  CD1  doub Y N 267 
PHE CG  CD2  sing Y N 268 
PHE CD1 CE1  sing Y N 269 
PHE CD1 HD1  sing N N 270 
PHE CD2 CE2  doub Y N 271 
PHE CD2 HD2  sing N N 272 
PHE CE1 CZ   doub Y N 273 
PHE CE1 HE1  sing N N 274 
PHE CE2 CZ   sing Y N 275 
PHE CE2 HE2  sing N N 276 
PHE CZ  HZ   sing N N 277 
PHE OXT HXT  sing N N 278 
PRO N   CA   sing N N 279 
PRO N   CD   sing N N 280 
PRO N   H    sing N N 281 
PRO CA  C    sing N N 282 
PRO CA  CB   sing N N 283 
PRO CA  HA   sing N N 284 
PRO C   O    doub N N 285 
PRO C   OXT  sing N N 286 
PRO CB  CG   sing N N 287 
PRO CB  HB2  sing N N 288 
PRO CB  HB3  sing N N 289 
PRO CG  CD   sing N N 290 
PRO CG  HG2  sing N N 291 
PRO CG  HG3  sing N N 292 
PRO CD  HD2  sing N N 293 
PRO CD  HD3  sing N N 294 
PRO OXT HXT  sing N N 295 
SER N   CA   sing N N 296 
SER N   H    sing N N 297 
SER N   H2   sing N N 298 
SER CA  C    sing N N 299 
SER CA  CB   sing N N 300 
SER CA  HA   sing N N 301 
SER C   O    doub N N 302 
SER C   OXT  sing N N 303 
SER CB  OG   sing N N 304 
SER CB  HB2  sing N N 305 
SER CB  HB3  sing N N 306 
SER OG  HG   sing N N 307 
SER OXT HXT  sing N N 308 
THR N   CA   sing N N 309 
THR N   H    sing N N 310 
THR N   H2   sing N N 311 
THR CA  C    sing N N 312 
THR CA  CB   sing N N 313 
THR CA  HA   sing N N 314 
THR C   O    doub N N 315 
THR C   OXT  sing N N 316 
THR CB  OG1  sing N N 317 
THR CB  CG2  sing N N 318 
THR CB  HB   sing N N 319 
THR OG1 HG1  sing N N 320 
THR CG2 HG21 sing N N 321 
THR CG2 HG22 sing N N 322 
THR CG2 HG23 sing N N 323 
THR OXT HXT  sing N N 324 
TRP N   CA   sing N N 325 
TRP N   H    sing N N 326 
TRP N   H2   sing N N 327 
TRP CA  C    sing N N 328 
TRP CA  CB   sing N N 329 
TRP CA  HA   sing N N 330 
TRP C   O    doub N N 331 
TRP C   OXT  sing N N 332 
TRP CB  CG   sing N N 333 
TRP CB  HB2  sing N N 334 
TRP CB  HB3  sing N N 335 
TRP CG  CD1  doub Y N 336 
TRP CG  CD2  sing Y N 337 
TRP CD1 NE1  sing Y N 338 
TRP CD1 HD1  sing N N 339 
TRP CD2 CE2  doub Y N 340 
TRP CD2 CE3  sing Y N 341 
TRP NE1 CE2  sing Y N 342 
TRP NE1 HE1  sing N N 343 
TRP CE2 CZ2  sing Y N 344 
TRP CE3 CZ3  doub Y N 345 
TRP CE3 HE3  sing N N 346 
TRP CZ2 CH2  doub Y N 347 
TRP CZ2 HZ2  sing N N 348 
TRP CZ3 CH2  sing Y N 349 
TRP CZ3 HZ3  sing N N 350 
TRP CH2 HH2  sing N N 351 
TRP OXT HXT  sing N N 352 
TYR N   CA   sing N N 353 
TYR N   H    sing N N 354 
TYR N   H2   sing N N 355 
TYR CA  C    sing N N 356 
TYR CA  CB   sing N N 357 
TYR CA  HA   sing N N 358 
TYR C   O    doub N N 359 
TYR C   OXT  sing N N 360 
TYR CB  CG   sing N N 361 
TYR CB  HB2  sing N N 362 
TYR CB  HB3  sing N N 363 
TYR CG  CD1  doub Y N 364 
TYR CG  CD2  sing Y N 365 
TYR CD1 CE1  sing Y N 366 
TYR CD1 HD1  sing N N 367 
TYR CD2 CE2  doub Y N 368 
TYR CD2 HD2  sing N N 369 
TYR CE1 CZ   doub Y N 370 
TYR CE1 HE1  sing N N 371 
TYR CE2 CZ   sing Y N 372 
TYR CE2 HE2  sing N N 373 
TYR CZ  OH   sing N N 374 
TYR OH  HH   sing N N 375 
TYR OXT HXT  sing N N 376 
VAL N   CA   sing N N 377 
VAL N   H    sing N N 378 
VAL N   H2   sing N N 379 
VAL CA  C    sing N N 380 
VAL CA  CB   sing N N 381 
VAL CA  HA   sing N N 382 
VAL C   O    doub N N 383 
VAL C   OXT  sing N N 384 
VAL CB  CG1  sing N N 385 
VAL CB  CG2  sing N N 386 
VAL CB  HB   sing N N 387 
VAL CG1 HG11 sing N N 388 
VAL CG1 HG12 sing N N 389 
VAL CG1 HG13 sing N N 390 
VAL CG2 HG21 sing N N 391 
VAL CG2 HG22 sing N N 392 
VAL CG2 HG23 sing N N 393 
VAL OXT HXT  sing N N 394 
# 
_atom_sites.entry_id                    1YD7 
_atom_sites.fract_transf_matrix[1][1]   -0.00423968 
_atom_sites.fract_transf_matrix[1][2]   -0.01830649 
_atom_sites.fract_transf_matrix[1][3]   -0.00015944 
_atom_sites.fract_transf_matrix[2][1]   0.00940176 
_atom_sites.fract_transf_matrix[2][2]   -0.01191905 
_atom_sites.fract_transf_matrix[2][3]   0.01107621 
_atom_sites.fract_transf_matrix[3][1]   -0.00518458 
_atom_sites.fract_transf_matrix[3][2]   0.00115160 
_atom_sites.fract_transf_matrix[3][3]   0.00564003 
_atom_sites.fract_transf_vector[1]      0.436934 
_atom_sites.fract_transf_vector[2]      0.482089 
_atom_sites.fract_transf_vector[3]      0.551155 
# 
loop_
_atom_type.symbol 
C  
N  
O  
S  
SE 
X  
# 
loop_
_atom_site.group_PDB 
_atom_site.id 
_atom_site.type_symbol 
_atom_site.label_atom_id 
_atom_site.label_alt_id 
_atom_site.label_comp_id 
_atom_site.label_asym_id 
_atom_site.label_entity_id 
_atom_site.label_seq_id 
_atom_site.pdbx_PDB_ins_code 
_atom_site.Cartn_x 
_atom_site.Cartn_y 
_atom_site.Cartn_z 
_atom_site.occupancy 
_atom_site.B_iso_or_equiv 
_atom_site.pdbx_formal_charge 
_atom_site.auth_seq_id 
_atom_site.auth_comp_id 
_atom_site.auth_asym_id 
_atom_site.auth_atom_id 
_atom_site.pdbx_PDB_model_num 
ATOM   1    N  N   . ARG A 1 12  ? 6.037   16.489  -11.264 1.00 58.87  ? 4   ARG A N   1 
ATOM   2    C  CA  . ARG A 1 12  ? 6.607   15.711  -10.140 1.00 56.63  ? 4   ARG A CA  1 
ATOM   3    C  C   . ARG A 1 12  ? 6.111   14.244  -10.174 1.00 57.11  ? 4   ARG A C   1 
ATOM   4    O  O   . ARG A 1 12  ? 6.935   13.313  -10.135 1.00 60.55  ? 4   ARG A O   1 
ATOM   5    C  CB  . ARG A 1 12  ? 6.284   16.391  -8.798  1.00 58.28  ? 4   ARG A CB  1 
ATOM   6    N  N   . PHE A 1 13  ? 4.792   14.031  -10.276 1.00 50.16  ? 5   PHE A N   1 
ATOM   7    C  CA  . PHE A 1 13  ? 4.242   12.665  -10.210 1.00 46.36  ? 5   PHE A CA  1 
ATOM   8    C  C   . PHE A 1 13  ? 4.058   12.014  -11.595 1.00 42.02  ? 5   PHE A C   1 
ATOM   9    O  O   . PHE A 1 13  ? 3.846   12.692  -12.587 1.00 41.63  ? 5   PHE A O   1 
ATOM   10   C  CB  . PHE A 1 13  ? 2.948   12.622  -9.380  1.00 45.68  ? 5   PHE A CB  1 
ATOM   11   C  CG  . PHE A 1 13  ? 3.159   12.900  -7.894  1.00 44.43  ? 5   PHE A CG  1 
ATOM   12   C  CD1 . PHE A 1 13  ? 3.446   11.874  -7.010  1.00 44.71  ? 5   PHE A CD1 1 
ATOM   13   C  CD2 . PHE A 1 13  ? 3.073   14.191  -7.398  1.00 45.60  ? 5   PHE A CD2 1 
ATOM   14   C  CE1 . PHE A 1 13  ? 3.618   12.130  -5.644  1.00 45.71  ? 5   PHE A CE1 1 
ATOM   15   C  CE2 . PHE A 1 13  ? 3.252   14.464  -6.042  1.00 44.89  ? 5   PHE A CE2 1 
ATOM   16   C  CZ  . PHE A 1 13  ? 3.520   13.436  -5.160  1.00 44.69  ? 5   PHE A CZ  1 
ATOM   17   N  N   . PRO A 1 14  ? 4.201   10.685  -11.663 1.00 39.84  ? 6   PRO A N   1 
ATOM   18   C  CA  . PRO A 1 14  ? 4.173   9.958   -12.936 1.00 39.56  ? 6   PRO A CA  1 
ATOM   19   C  C   . PRO A 1 14  ? 2.775   9.579   -13.414 1.00 35.17  ? 6   PRO A C   1 
ATOM   20   O  O   . PRO A 1 14  ? 2.635   8.938   -14.447 1.00 40.28  ? 6   PRO A O   1 
ATOM   21   C  CB  . PRO A 1 14  ? 4.977   8.695   -12.613 1.00 38.81  ? 6   PRO A CB  1 
ATOM   22   C  CG  . PRO A 1 14  ? 4.707   8.464   -11.163 1.00 37.28  ? 6   PRO A CG  1 
ATOM   23   C  CD  . PRO A 1 14  ? 4.428   9.777   -10.521 1.00 36.02  ? 6   PRO A CD  1 
ATOM   24   N  N   . PHE A 1 15  ? 1.764   9.975   -12.657 1.00 33.72  ? 7   PHE A N   1 
ATOM   25   C  CA  . PHE A 1 15  ? 0.373   9.780   -13.020 1.00 32.10  ? 7   PHE A CA  1 
ATOM   26   C  C   . PHE A 1 15  ? -0.364  11.102  -12.822 1.00 33.11  ? 7   PHE A C   1 
ATOM   27   O  O   . PHE A 1 15  ? 0.108   11.960  -12.068 1.00 32.57  ? 7   PHE A O   1 
ATOM   28   C  CB  . PHE A 1 15  ? -0.283  8.683   -12.187 1.00 30.56  ? 7   PHE A CB  1 
ATOM   29   C  CG  . PHE A 1 15  ? 0.038   8.750   -10.723 1.00 29.58  ? 7   PHE A CG  1 
ATOM   30   C  CD1 . PHE A 1 15  ? -0.650  9.617   -9.876  1.00 30.08  ? 7   PHE A CD1 1 
ATOM   31   C  CD2 . PHE A 1 15  ? 1.017   7.920   -10.184 1.00 30.57  ? 7   PHE A CD2 1 
ATOM   32   C  CE1 . PHE A 1 15  ? -0.347  9.666   -8.520  1.00 30.95  ? 7   PHE A CE1 1 
ATOM   33   C  CE2 . PHE A 1 15  ? 1.334   7.969   -8.820  1.00 30.96  ? 7   PHE A CE2 1 
ATOM   34   C  CZ  . PHE A 1 15  ? 0.650   8.836   -7.989  1.00 30.05  ? 7   PHE A CZ  1 
ATOM   35   N  N   . PRO A 1 16  ? -1.517  11.275  -13.501 1.00 31.33  ? 8   PRO A N   1 
ATOM   36   C  CA  . PRO A 1 16  ? -2.294  12.506  -13.349 1.00 31.22  ? 8   PRO A CA  1 
ATOM   37   C  C   . PRO A 1 16  ? -2.843  12.704  -11.929 1.00 29.81  ? 8   PRO A C   1 
ATOM   38   O  O   . PRO A 1 16  ? -3.369  11.760  -11.310 1.00 29.74  ? 8   PRO A O   1 
ATOM   39   C  CB  . PRO A 1 16  ? -3.442  12.334  -14.372 1.00 30.71  ? 8   PRO A CB  1 
ATOM   40   C  CG  . PRO A 1 16  ? -2.978  11.292  -15.319 1.00 30.67  ? 8   PRO A CG  1 
ATOM   41   C  CD  . PRO A 1 16  ? -2.131  10.370  -14.484 1.00 30.59  ? 8   PRO A CD  1 
ATOM   42   N  N   . VAL A 1 17  ? -2.725  13.935  -11.441 1.00 30.94  ? 9   VAL A N   1 
ATOM   43   C  CA  . VAL A 1 17  ? -3.170  14.306  -10.107 1.00 33.72  ? 9   VAL A CA  1 
ATOM   44   C  C   . VAL A 1 17  ? -3.933  15.635  -10.191 1.00 36.57  ? 9   VAL A C   1 
ATOM   45   O  O   . VAL A 1 17  ? -3.724  16.409  -11.112 1.00 37.29  ? 9   VAL A O   1 
ATOM   46   C  CB  . VAL A 1 17  ? -1.971  14.462  -9.110  1.00 33.59  ? 9   VAL A CB  1 
ATOM   47   C  CG1 . VAL A 1 17  ? -1.192  13.170  -9.008  1.00 32.37  ? 9   VAL A CG1 1 
ATOM   48   C  CG2 . VAL A 1 17  ? -1.056  15.624  -9.517  1.00 34.43  ? 9   VAL A CG2 1 
ATOM   49   N  N   . GLY A 1 18  ? -4.778  15.917  -9.207  1.00 34.57  ? 10  GLY A N   1 
ATOM   50   C  CA  . GLY A 1 18  ? -5.499  17.169  -9.193  1.00 36.15  ? 10  GLY A CA  1 
ATOM   51   C  C   . GLY A 1 18  ? -6.628  17.165  -10.225 1.00 40.66  ? 10  GLY A C   1 
ATOM   52   O  O   . GLY A 1 18  ? -6.989  18.219  -10.762 1.00 35.82  ? 10  GLY A O   1 
ATOM   53   N  N   . GLU A 1 19  ? -7.178  15.977  -10.495 1.00 40.27  ? 11  GLU A N   1 
ATOM   54   C  CA  . GLU A 1 19  ? -8.290  15.827  -11.428 1.00 42.08  ? 11  GLU A CA  1 
ATOM   55   C  C   . GLU A 1 19  ? -8.813  14.387  -11.392 1.00 38.15  ? 11  GLU A C   1 
ATOM   56   O  O   . GLU A 1 19  ? -8.155  13.511  -10.816 1.00 35.41  ? 11  GLU A O   1 
ATOM   57   C  CB  . GLU A 1 19  ? -7.863  16.226  -12.850 1.00 43.83  ? 11  GLU A CB  1 
ATOM   58   C  CG  . GLU A 1 19  ? -6.745  15.382  -13.418 1.00 45.78  ? 11  GLU A CG  1 
ATOM   59   C  CD  . GLU A 1 19  ? -6.342  15.811  -14.800 1.00 47.12  ? 11  GLU A CD  1 
ATOM   60   O  OE1 . GLU A 1 19  ? -7.230  15.903  -15.694 1.00 47.09  ? 11  GLU A OE1 1 
ATOM   61   O  OE2 . GLU A 1 19  ? -5.125  16.042  -14.991 1.00 52.44  ? 11  GLU A OE2 1 
ATOM   62   N  N   . PRO A 1 20  ? -10.020 14.143  -11.958 1.00 34.67  ? 12  PRO A N   1 
ATOM   63   C  CA  . PRO A 1 20  ? -10.557 12.798  -11.962 1.00 31.04  ? 12  PRO A CA  1 
ATOM   64   C  C   . PRO A 1 20  ? -9.897  11.890  -12.982 1.00 26.99  ? 12  PRO A C   1 
ATOM   65   O  O   . PRO A 1 20  ? -9.275  12.329  -13.926 1.00 25.39  ? 12  PRO A O   1 
ATOM   66   C  CB  . PRO A 1 20  ? -12.059 12.999  -12.300 1.00 34.47  ? 12  PRO A CB  1 
ATOM   67   C  CG  . PRO A 1 20  ? -12.302 14.484  -12.217 1.00 34.63  ? 12  PRO A CG  1 
ATOM   68   C  CD  . PRO A 1 20  ? -10.975 15.077  -12.591 1.00 37.68  ? 12  PRO A CD  1 
ATOM   69   N  N   . ASP A 1 21  ? -10.022 10.612  -12.744 1.00 29.03  ? 13  ASP A N   1 
ATOM   70   C  CA  . ASP A 1 21  ? -9.523  9.627   -13.646 1.00 31.08  ? 13  ASP A CA  1 
ATOM   71   C  C   . ASP A 1 21  ? -10.300 8.377   -13.341 1.00 29.99  ? 13  ASP A C   1 
ATOM   72   O  O   . ASP A 1 21  ? -10.662 8.122   -12.189 1.00 29.75  ? 13  ASP A O   1 
ATOM   73   C  CB  . ASP A 1 21  ? -8.031  9.376   -13.414 1.00 35.66  ? 13  ASP A CB  1 
ATOM   74   C  CG  . ASP A 1 21  ? -7.304  8.902   -14.673 1.00 36.86  ? 13  ASP A CG  1 
ATOM   75   O  OD1 . ASP A 1 21  ? -7.962  8.503   -15.677 1.00 36.86  ? 13  ASP A OD1 1 
ATOM   76   O  OD2 . ASP A 1 21  ? -6.061  8.979   -14.666 1.00 32.30  ? 13  ASP A OD2 1 
ATOM   77   N  N   . PHE A 1 22  ? -10.494 7.582   -14.379 1.00 31.91  ? 14  PHE A N   1 
ATOM   78   C  CA  . PHE A 1 22  ? -11.369 6.437   -14.352 1.00 33.11  ? 14  PHE A CA  1 
ATOM   79   C  C   . PHE A 1 22  ? -10.417 5.268   -14.221 1.00 32.07  ? 14  PHE A C   1 
ATOM   80   O  O   . PHE A 1 22  ? -9.753  4.890   -15.192 1.00 29.13  ? 14  PHE A O   1 
ATOM   81   C  CB  . PHE A 1 22  ? -12.185 6.424   -15.669 1.00 34.63  ? 14  PHE A CB  1 
ATOM   82   C  CG  . PHE A 1 22  ? -13.238 5.354   -15.753 1.00 35.05  ? 14  PHE A CG  1 
ATOM   83   C  CD1 . PHE A 1 22  ? -14.120 5.133   -14.703 1.00 36.11  ? 14  PHE A CD1 1 
ATOM   84   C  CD2 . PHE A 1 22  ? -13.381 4.590   -16.919 1.00 34.13  ? 14  PHE A CD2 1 
ATOM   85   C  CE1 . PHE A 1 22  ? -15.107 4.147   -14.781 1.00 35.32  ? 14  PHE A CE1 1 
ATOM   86   C  CE2 . PHE A 1 22  ? -14.365 3.629   -17.017 1.00 35.28  ? 14  PHE A CE2 1 
ATOM   87   C  CZ  . PHE A 1 22  ? -15.242 3.407   -15.948 1.00 35.25  ? 14  PHE A CZ  1 
ATOM   88   N  N   . ILE A 1 23  ? -10.326 4.708   -13.011 1.00 31.60  ? 15  ILE A N   1 
ATOM   89   C  CA  . ILE A 1 23  ? -9.219  3.803   -12.683 1.00 30.07  ? 15  ILE A CA  1 
ATOM   90   C  C   . ILE A 1 23  ? -9.725  2.634   -11.908 1.00 26.21  ? 15  ILE A C   1 
ATOM   91   O  O   . ILE A 1 23  ? -10.828 2.678   -11.400 1.00 23.83  ? 15  ILE A O   1 
ATOM   92   C  CB  . ILE A 1 23  ? -8.096  4.506   -11.877 1.00 29.59  ? 15  ILE A CB  1 
ATOM   93   C  CG1 . ILE A 1 23  ? -8.623  5.048   -10.548 1.00 31.98  ? 15  ILE A CG1 1 
ATOM   94   C  CG2 . ILE A 1 23  ? -7.499  5.649   -12.674 1.00 30.11  ? 15  ILE A CG2 1 
ATOM   95   C  CD1 . ILE A 1 23  ? -7.565  5.681   -9.703  1.00 32.56  ? 15  ILE A CD1 1 
ATOM   96   N  N   . GLN A 1 24  ? -8.913  1.585   -11.831 1.00 21.33  ? 16  GLN A N   1 
ATOM   97   C  CA  . GLN A 1 24  ? -9.278  0.402   -11.076 1.00 26.36  ? 16  GLN A CA  1 
ATOM   98   C  C   . GLN A 1 24  ? -8.747  0.490   -9.642  1.00 26.56  ? 16  GLN A C   1 
ATOM   99   O  O   . GLN A 1 24  ? -7.946  1.378   -9.329  1.00 20.95  ? 16  GLN A O   1 
ATOM   100  C  CB  . GLN A 1 24  ? -8.762  -0.850  -11.774 1.00 30.96  ? 16  GLN A CB  1 
ATOM   101  C  CG  . GLN A 1 24  ? -9.512  -1.154  -13.087 1.00 32.24  ? 16  GLN A CG  1 
ATOM   102  C  CD  . GLN A 1 24  ? -8.977  -2.362  -13.788 1.00 30.99  ? 16  GLN A CD  1 
ATOM   103  O  OE1 . GLN A 1 24  ? -7.845  -2.367  -14.246 1.00 31.59  ? 16  GLN A OE1 1 
ATOM   104  N  NE2 . GLN A 1 24  ? -9.781  -3.405  -13.858 1.00 33.47  ? 16  GLN A NE2 1 
ATOM   105  N  N   . GLY A 1 25  ? -9.238  -0.413  -8.788  1.00 25.54  ? 17  GLY A N   1 
ATOM   106  C  CA  . GLY A 1 25  ? -8.967  -0.397  -7.373  1.00 28.90  ? 17  GLY A CA  1 
ATOM   107  C  C   . GLY A 1 25  ? -7.474  -0.511  -7.052  1.00 30.29  ? 17  GLY A C   1 
ATOM   108  O  O   . GLY A 1 25  ? -6.983  0.220   -6.191  1.00 33.38  ? 17  GLY A O   1 
ATOM   109  N  N   . ASP A 1 26  ? -6.766  -1.404  -7.748  1.00 25.45  ? 18  ASP A N   1 
ATOM   110  C  CA  . ASP A 1 26  ? -5.326  -1.574  -7.566  1.00 28.86  ? 18  ASP A CA  1 
ATOM   111  C  C   . ASP A 1 26  ? -4.515  -0.318  -7.888  1.00 31.35  ? 18  ASP A C   1 
ATOM   112  O  O   . ASP A 1 26  ? -3.545  0.011   -7.179  1.00 29.39  ? 18  ASP A O   1 
ATOM   113  C  CB  . ASP A 1 26  ? -4.812  -2.745  -8.396  1.00 31.51  ? 18  ASP A CB  1 
ATOM   114  C  CG  . ASP A 1 26  ? -5.170  -4.067  -7.795  1.00 33.57  ? 18  ASP A CG  1 
ATOM   115  O  OD1 . ASP A 1 26  ? -5.372  -4.103  -6.561  1.00 28.99  ? 18  ASP A OD1 1 
ATOM   116  O  OD2 . ASP A 1 26  ? -5.272  -5.065  -8.551  1.00 37.17  ? 18  ASP A OD2 1 
ATOM   117  N  N   . GLU A 1 27  ? -4.922  0.367   -8.953  1.00 30.11  ? 19  GLU A N   1 
ATOM   118  C  CA  . GLU A 1 27  ? -4.313  1.614   -9.401  1.00 25.10  ? 19  GLU A CA  1 
ATOM   119  C  C   . GLU A 1 27  ? -4.573  2.721   -8.423  1.00 23.37  ? 19  GLU A C   1 
ATOM   120  O  O   . GLU A 1 27  ? -3.750  3.604   -8.263  1.00 29.52  ? 19  GLU A O   1 
ATOM   121  C  CB  . GLU A 1 27  ? -4.885  2.006   -10.773 1.00 27.01  ? 19  GLU A CB  1 
ATOM   122  C  CG  . GLU A 1 27  ? -4.361  3.339   -11.347 1.00 26.57  ? 19  GLU A CG  1 
ATOM   123  C  CD  . GLU A 1 27  ? -2.890  3.293   -11.801 1.00 26.59  ? 19  GLU A CD  1 
ATOM   124  O  OE1 . GLU A 1 27  ? -2.314  2.185   -11.989 1.00 28.78  ? 19  GLU A OE1 1 
ATOM   125  O  OE2 . GLU A 1 27  ? -2.332  4.389   -12.026 1.00 24.38  ? 19  GLU A OE2 1 
ATOM   126  N  N   . ALA A 1 28  ? -5.741  2.704   -7.799  1.00 26.96  ? 20  ALA A N   1 
ATOM   127  C  CA  . ALA A 1 28  ? -6.069  3.643   -6.747  1.00 24.18  ? 20  ALA A CA  1 
ATOM   128  C  C   . ALA A 1 28  ? -5.172  3.429   -5.518  1.00 23.84  ? 20  ALA A C   1 
ATOM   129  O  O   . ALA A 1 28  ? -4.670  4.389   -4.959  1.00 22.98  ? 20  ALA A O   1 
ATOM   130  C  CB  . ALA A 1 28  ? -7.531  3.511   -6.351  1.00 26.68  ? 20  ALA A CB  1 
ATOM   131  N  N   . ILE A 1 29  ? -5.006  2.175   -5.110  1.00 22.05  ? 21  ILE A N   1 
ATOM   132  C  CA  . ILE A 1 29  ? -4.050  1.810   -4.048  1.00 26.63  ? 21  ILE A CA  1 
ATOM   133  C  C   . ILE A 1 29  ? -2.631  2.347   -4.331  1.00 25.84  ? 21  ILE A C   1 
ATOM   134  O  O   . ILE A 1 29  ? -2.084  3.102   -3.533  1.00 28.82  ? 21  ILE A O   1 
ATOM   135  C  CB  . ILE A 1 29  ? -4.038  0.276   -3.810  1.00 26.68  ? 21  ILE A CB  1 
ATOM   136  C  CG1 . ILE A 1 29  ? -5.399  -0.187  -3.310  1.00 23.63  ? 21  ILE A CG1 1 
ATOM   137  C  CG2 . ILE A 1 29  ? -2.959  -0.114  -2.826  1.00 31.04  ? 21  ILE A CG2 1 
ATOM   138  C  CD1 . ILE A 1 29  ? -5.520  -1.712  -3.109  1.00 27.87  ? 21  ILE A CD1 1 
ATOM   139  N  N   . ALA A 1 30  ? -2.087  2.038   -5.500  1.00 27.47  ? 22  ALA A N   1 
ATOM   140  C  CA  . ALA A 1 30  ? -0.768  2.523   -5.905  1.00 28.16  ? 22  ALA A CA  1 
ATOM   141  C  C   . ALA A 1 30  ? -0.611  4.049   -5.913  1.00 30.99  ? 22  ALA A C   1 
ATOM   142  O  O   . ALA A 1 30  ? 0.374   4.598   -5.410  1.00 29.77  ? 22  ALA A O   1 
ATOM   143  C  CB  . ALA A 1 30  ? -0.415  1.960   -7.284  1.00 29.33  ? 22  ALA A CB  1 
ATOM   144  N  N   . ARG A 1 31  ? -1.569  4.744   -6.517  1.00 30.78  ? 23  ARG A N   1 
ATOM   145  C  CA  . ARG A 1 31  ? -1.527  6.196   -6.543  1.00 28.34  ? 23  ARG A CA  1 
ATOM   146  C  C   . ARG A 1 31  ? -1.595  6.815   -5.148  1.00 27.35  ? 23  ARG A C   1 
ATOM   147  O  O   . ARG A 1 31  ? -0.897  7.794   -4.867  1.00 24.80  ? 23  ARG A O   1 
ATOM   148  C  CB  . ARG A 1 31  ? -2.662  6.754   -7.389  1.00 28.87  ? 23  ARG A CB  1 
ATOM   149  C  CG  . ARG A 1 31  ? -2.503  6.458   -8.838  1.00 31.47  ? 23  ARG A CG  1 
ATOM   150  C  CD  . ARG A 1 31  ? -3.470  7.297   -9.711  1.00 30.26  ? 23  ARG A CD  1 
ATOM   151  N  NE  . ARG A 1 31  ? -3.489  6.792   -11.093 1.00 32.05  ? 23  ARG A NE  1 
ATOM   152  C  CZ  . ARG A 1 31  ? -3.999  7.445   -12.143 1.00 31.59  ? 23  ARG A CZ  1 
ATOM   153  N  NH1 . ARG A 1 31  ? -4.483  8.677   -12.033 1.00 28.70  ? 23  ARG A NH1 1 
ATOM   154  N  NH2 . ARG A 1 31  ? -3.983  6.868   -13.333 1.00 32.76  ? 23  ARG A NH2 1 
ATOM   155  N  N   . ALA A 1 32  ? -2.476  6.275   -4.312  1.00 25.08  ? 24  ALA A N   1 
ATOM   156  C  CA  . ALA A 1 32  ? -2.616  6.719   -2.926  1.00 26.39  ? 24  ALA A CA  1 
ATOM   157  C  C   . ALA A 1 32  ? -1.325  6.498   -2.120  1.00 26.23  ? 24  ALA A C   1 
ATOM   158  O  O   . ALA A 1 32  ? -0.881  7.384   -1.395  1.00 24.18  ? 24  ALA A O   1 
ATOM   159  C  CB  . ALA A 1 32  ? -3.770  5.989   -2.256  1.00 24.28  ? 24  ALA A CB  1 
ATOM   160  N  N   . ALA A 1 33  ? -0.756  5.304   -2.249  1.00 27.05  ? 25  ALA A N   1 
ATOM   161  C  CA  . ALA A 1 33  ? 0.463   4.942   -1.540  1.00 26.78  ? 25  ALA A CA  1 
ATOM   162  C  C   . ALA A 1 33  ? 1.569   5.934   -1.876  1.00 29.07  ? 25  ALA A C   1 
ATOM   163  O  O   . ALA A 1 33  ? 2.157   6.524   -0.990  1.00 30.80  ? 25  ALA A O   1 
ATOM   164  C  CB  . ALA A 1 33  ? 0.858   3.523   -1.867  1.00 26.25  ? 25  ALA A CB  1 
ATOM   165  N  N   . ILE A 1 34  ? 1.759   6.191   -3.166  1.00 30.64  ? 26  ILE A N   1 
ATOM   166  C  CA  . ILE A 1 34  ? 2.744   7.146   -3.640  1.00 26.63  ? 26  ILE A CA  1 
ATOM   167  C  C   . ILE A 1 34  ? 2.469   8.578   -3.231  1.00 30.03  ? 26  ILE A C   1 
ATOM   168  O  O   . ILE A 1 34  ? 3.392   9.310   -2.840  1.00 31.82  ? 26  ILE A O   1 
ATOM   169  C  CB  . ILE A 1 34  ? 2.903   7.019   -5.160  1.00 29.45  ? 26  ILE A CB  1 
ATOM   170  C  CG1 . ILE A 1 34  ? 3.627   5.700   -5.452  1.00 32.47  ? 26  ILE A CG1 1 
ATOM   171  C  CG2 . ILE A 1 34  ? 3.640   8.190   -5.724  1.00 29.00  ? 26  ILE A CG2 1 
ATOM   172  C  CD1 . ILE A 1 34  ? 3.838   5.397   -6.870  1.00 35.35  ? 26  ILE A CD1 1 
ATOM   173  N  N   . LEU A 1 35  ? 1.220   9.009   -3.329  1.00 30.15  ? 27  LEU A N   1 
ATOM   174  C  CA  . LEU A 1 35  ? 0.873   10.355  -2.877  1.00 31.28  ? 27  LEU A CA  1 
ATOM   175  C  C   . LEU A 1 35  ? 1.084   10.484  -1.367  1.00 29.42  ? 27  LEU A C   1 
ATOM   176  O  O   . LEU A 1 35  ? 1.391   11.568  -0.884  1.00 27.59  ? 27  LEU A O   1 
ATOM   177  C  CB  . LEU A 1 35  ? -0.580  10.744  -3.256  1.00 31.26  ? 27  LEU A CB  1 
ATOM   178  C  CG  . LEU A 1 35  ? -0.796  11.163  -4.726  1.00 31.75  ? 27  LEU A CG  1 
ATOM   179  C  CD1 . LEU A 1 35  ? -2.257  10.954  -5.122  1.00 32.23  ? 27  LEU A CD1 1 
ATOM   180  C  CD2 . LEU A 1 35  ? -0.370  12.621  -4.974  1.00 33.40  ? 27  LEU A CD2 1 
ATOM   181  N  N   . ALA A 1 36  ? 0.890   9.387   -0.637  1.00 30.36  ? 28  ALA A N   1 
ATOM   182  C  CA  . ALA A 1 36  ? 1.079   9.379   0.816   1.00 30.78  ? 28  ALA A CA  1 
ATOM   183  C  C   . ALA A 1 36  ? 2.561   9.375   1.246   1.00 30.82  ? 28  ALA A C   1 
ATOM   184  O  O   . ALA A 1 36  ? 2.848   9.579   2.417   1.00 30.62  ? 28  ALA A O   1 
ATOM   185  C  CB  . ALA A 1 36  ? 0.376   8.190   1.435   1.00 30.15  ? 28  ALA A CB  1 
ATOM   186  N  N   . GLY A 1 37  ? 3.471   9.115   0.311   1.00 31.49  ? 29  GLY A N   1 
ATOM   187  C  CA  . GLY A 1 37  ? 4.924   9.220   0.540   1.00 30.17  ? 29  GLY A CA  1 
ATOM   188  C  C   . GLY A 1 37  ? 5.623   7.883   0.612   1.00 30.14  ? 29  GLY A C   1 
ATOM   189  O  O   . GLY A 1 37  ? 6.777   7.824   0.980   1.00 34.10  ? 29  GLY A O   1 
ATOM   190  N  N   . CYS A 1 38  ? 4.931   6.799   0.272   1.00 29.72  ? 30  CYS A N   1 
ATOM   191  C  CA  . CYS A 1 38  ? 5.572   5.494   0.174   1.00 29.97  ? 30  CYS A CA  1 
ATOM   192  C  C   . CYS A 1 38  ? 6.661   5.525   -0.906  1.00 32.57  ? 30  CYS A C   1 
ATOM   193  O  O   . CYS A 1 38  ? 6.403   5.910   -2.058  1.00 31.81  ? 30  CYS A O   1 
ATOM   194  C  CB  . CYS A 1 38  ? 4.564   4.417   -0.176  1.00 28.18  ? 30  CYS A CB  1 
ATOM   195  S  SG  . CYS A 1 38  ? 5.222   2.760   -0.245  1.00 26.48  ? 30  CYS A SG  1 
ATOM   196  N  N   . ARG A 1 39  ? 7.867   5.124   -0.511  1.00 32.97  ? 31  ARG A N   1 
ATOM   197  C  CA  . ARG A 1 39  ? 9.003   5.018   -1.416  1.00 30.08  ? 31  ARG A CA  1 
ATOM   198  C  C   . ARG A 1 39  ? 9.668   3.665   -1.354  1.00 26.86  ? 31  ARG A C   1 
ATOM   199  O  O   . ARG A 1 39  ? 10.650  3.446   -2.011  1.00 32.49  ? 31  ARG A O   1 
ATOM   200  C  CB  . ARG A 1 39  ? 9.999   6.134   -1.152  1.00 28.57  ? 31  ARG A CB  1 
ATOM   201  C  CG  . ARG A 1 39  ? 9.444   7.511   -1.466  1.00 27.97  ? 31  ARG A CG  1 
ATOM   202  C  CD  . ARG A 1 39  ? 9.021   7.626   -2.951  1.00 29.98  ? 31  ARG A CD  1 
ATOM   203  N  NE  . ARG A 1 39  ? 8.508   8.958   -3.305  1.00 30.45  ? 31  ARG A NE  1 
ATOM   204  C  CZ  . ARG A 1 39  ? 7.241   9.365   -3.182  1.00 29.89  ? 31  ARG A CZ  1 
ATOM   205  N  NH1 . ARG A 1 39  ? 6.289   8.569   -2.727  1.00 29.83  ? 31  ARG A NH1 1 
ATOM   206  N  NH2 . ARG A 1 39  ? 6.916   10.588  -3.549  1.00 29.62  ? 31  ARG A NH2 1 
ATOM   207  N  N   . PHE A 1 40  ? 9.084   2.725   -0.630  1.00 25.66  ? 32  PHE A N   1 
ATOM   208  C  CA  . PHE A 1 40  ? 9.612   1.408   -0.619  1.00 25.49  ? 32  PHE A CA  1 
ATOM   209  C  C   . PHE A 1 40  ? 8.493   0.399   -0.706  1.00 27.27  ? 32  PHE A C   1 
ATOM   210  O  O   . PHE A 1 40  ? 7.571   0.429   0.123   1.00 30.69  ? 32  PHE A O   1 
ATOM   211  C  CB  . PHE A 1 40  ? 10.413  1.157   0.686   1.00 25.26  ? 32  PHE A CB  1 
ATOM   212  C  CG  . PHE A 1 40  ? 11.048  -0.167  0.712   1.00 25.22  ? 32  PHE A CG  1 
ATOM   213  C  CD1 . PHE A 1 40  ? 12.355  -0.329  0.262   1.00 28.16  ? 32  PHE A CD1 1 
ATOM   214  C  CD2 . PHE A 1 40  ? 10.336  -1.280  1.113   1.00 25.20  ? 32  PHE A CD2 1 
ATOM   215  C  CE1 . PHE A 1 40  ? 12.949  -1.594  0.254   1.00 26.83  ? 32  PHE A CE1 1 
ATOM   216  C  CE2 . PHE A 1 40  ? 10.915  -2.554  1.077   1.00 26.60  ? 32  PHE A CE2 1 
ATOM   217  C  CZ  . PHE A 1 40  ? 12.224  -2.705  0.666   1.00 24.63  ? 32  PHE A CZ  1 
ATOM   218  N  N   . TYR A 1 41  ? 8.609   -0.540  -1.645  1.00 28.34  ? 33  TYR A N   1 
ATOM   219  C  CA  . TYR A 1 41  ? 7.605   -1.590  -1.838  1.00 29.63  ? 33  TYR A CA  1 
ATOM   220  C  C   . TYR A 1 41  ? 8.320   -2.919  -2.049  1.00 30.24  ? 33  TYR A C   1 
ATOM   221  O  O   . TYR A 1 41  ? 9.247   -3.016  -2.862  1.00 35.26  ? 33  TYR A O   1 
ATOM   222  C  CB  . TYR A 1 41  ? 6.697   -1.265  -3.055  1.00 31.86  ? 33  TYR A CB  1 
ATOM   223  C  CG  . TYR A 1 41  ? 5.635   -2.323  -3.372  1.00 31.72  ? 33  TYR A CG  1 
ATOM   224  C  CD1 . TYR A 1 41  ? 4.341   -2.202  -2.897  1.00 35.01  ? 33  TYR A CD1 1 
ATOM   225  C  CD2 . TYR A 1 41  ? 5.928   -3.426  -4.128  1.00 33.13  ? 33  TYR A CD2 1 
ATOM   226  C  CE1 . TYR A 1 41  ? 3.364   -3.154  -3.173  1.00 34.49  ? 33  TYR A CE1 1 
ATOM   227  C  CE2 . TYR A 1 41  ? 4.975   -4.398  -4.389  1.00 33.22  ? 33  TYR A CE2 1 
ATOM   228  C  CZ  . TYR A 1 41  ? 3.692   -4.246  -3.916  1.00 35.08  ? 33  TYR A CZ  1 
ATOM   229  O  OH  . TYR A 1 41  ? 2.734   -5.194  -4.200  1.00 36.37  ? 33  TYR A OH  1 
ATOM   230  N  N   . ALA A 1 42  ? 7.904   -3.946  -1.330  1.00 33.68  ? 34  ALA A N   1 
ATOM   231  C  CA  . ALA A 1 42  ? 8.467   -5.275  -1.523  1.00 34.45  ? 34  ALA A CA  1 
ATOM   232  C  C   . ALA A 1 42  ? 7.340   -6.267  -1.734  1.00 38.88  ? 34  ALA A C   1 
ATOM   233  O  O   . ALA A 1 42  ? 6.333   -6.272  -1.004  1.00 40.89  ? 34  ALA A O   1 
ATOM   234  C  CB  . ALA A 1 42  ? 9.335   -5.680  -0.340  1.00 37.37  ? 34  ALA A CB  1 
ATOM   235  N  N   . GLY A 1 43  ? 7.494   -7.095  -2.761  1.00 41.44  ? 35  GLY A N   1 
ATOM   236  C  CA  . GLY A 1 43  ? 6.485   -8.080  -3.097  1.00 39.81  ? 35  GLY A CA  1 
ATOM   237  C  C   . GLY A 1 43  ? 6.890   -8.878  -4.311  1.00 43.79  ? 35  GLY A C   1 
ATOM   238  O  O   . GLY A 1 43  ? 7.995   -8.720  -4.818  1.00 40.83  ? 35  GLY A O   1 
ATOM   239  N  N   . TYR A 1 44  ? 5.981   -9.757  -4.728  1.00 46.96  ? 36  TYR A N   1 
ATOM   240  C  CA  . TYR A 1 44  ? 6.060   -10.557 -5.941  1.00 48.60  ? 36  TYR A CA  1 
ATOM   241  C  C   . TYR A 1 44  ? 4.750   -10.258 -6.683  1.00 47.90  ? 36  TYR A C   1 
ATOM   242  O  O   . TYR A 1 44  ? 3.771   -9.853  -6.047  1.00 50.06  ? 36  TYR A O   1 
ATOM   243  C  CB  A TYR A 1 44  ? 6.174   -12.058 -5.589  0.65 48.93  ? 36  TYR A CB  1 
ATOM   244  C  CB  B TYR A 1 44  ? 6.127   -12.045 -5.570  0.35 48.28  ? 36  TYR A CB  1 
ATOM   245  C  CG  A TYR A 1 44  ? 6.739   -12.978 -6.687  0.65 49.62  ? 36  TYR A CG  1 
ATOM   246  C  CG  B TYR A 1 44  ? 4.789   -12.628 -5.147  0.35 47.86  ? 36  TYR A CG  1 
ATOM   247  C  CD1 A TYR A 1 44  ? 7.995   -12.729 -7.263  0.65 49.99  ? 36  TYR A CD1 1 
ATOM   248  C  CD2 A TYR A 1 44  ? 6.022   -14.109 -7.110  0.65 48.70  ? 36  TYR A CD2 1 
ATOM   249  C  CE1 A TYR A 1 44  ? 8.529   -13.557 -8.261  0.65 48.65  ? 36  TYR A CE1 1 
ATOM   250  N  N   . PRO A 1 45  ? 4.711   -10.434 -8.016  1.00 46.53  ? 37  PRO A N   1 
ATOM   251  C  CA  . PRO A 1 45  ? 3.393   -10.476 -8.691  1.00 46.23  ? 37  PRO A CA  1 
ATOM   252  C  C   . PRO A 1 45  ? 2.327   -11.372 -8.027  1.00 47.74  ? 37  PRO A C   1 
ATOM   253  O  O   . PRO A 1 45  ? 2.611   -12.504 -7.640  1.00 43.23  ? 37  PRO A O   1 
ATOM   254  C  CB  . PRO A 1 45  ? 3.734   -11.001 -10.077 1.00 42.29  ? 37  PRO A CB  1 
ATOM   255  C  CG  . PRO A 1 45  ? 5.111   -10.452 -10.326 1.00 43.53  ? 37  PRO A CG  1 
ATOM   256  C  CD  . PRO A 1 45  ? 5.820   -10.527 -8.988  1.00 45.03  ? 37  PRO A CD  1 
ATOM   257  N  N   . ILE A 1 46  ? 1.117   -10.835 -7.871  1.00 50.33  ? 38  ILE A N   1 
ATOM   258  C  CA  . ILE A 1 46  ? -0.007  -11.594 -7.352  1.00 53.10  ? 38  ILE A CA  1 
ATOM   259  C  C   . ILE A 1 46  ? -1.172  -11.461 -8.334  1.00 56.69  ? 38  ILE A C   1 
ATOM   260  O  O   . ILE A 1 46  ? -2.355  -11.533 -7.952  1.00 57.89  ? 38  ILE A O   1 
ATOM   261  C  CB  . ILE A 1 46  ? -0.392  -11.152 -5.921  1.00 53.36  ? 38  ILE A CB  1 
ATOM   262  C  CG1 . ILE A 1 46  ? -0.441  -9.626  -5.803  1.00 54.77  ? 38  ILE A CG1 1 
ATOM   263  C  CG2 . ILE A 1 46  ? 0.617   -11.699 -4.916  1.00 55.01  ? 38  ILE A CG2 1 
ATOM   264  C  CD1 . ILE A 1 46  ? -1.072  -9.117  -4.491  1.00 55.13  ? 38  ILE A CD1 1 
ATOM   265  N  N   . THR A 1 47  ? -0.815  -11.274 -9.604  1.00 59.00  ? 39  THR A N   1 
ATOM   266  C  CA  . THR A 1 47  ? -1.785  -11.223 -10.699 1.00 60.83  ? 39  THR A CA  1 
ATOM   267  C  C   . THR A 1 47  ? -2.208  -12.669 -11.028 1.00 61.88  ? 39  THR A C   1 
ATOM   268  O  O   . THR A 1 47  ? -1.380  -13.575 -10.973 1.00 62.87  ? 39  THR A O   1 
ATOM   269  C  CB  . THR A 1 47  ? -1.205  -10.457 -11.933 1.00 60.54  ? 39  THR A CB  1 
ATOM   270  O  OG1 . THR A 1 47  ? -2.028  -10.678 -13.088 1.00 61.30  ? 39  THR A OG1 1 
ATOM   271  C  CG2 . THR A 1 47  ? 0.230   -10.878 -12.232 1.00 61.28  ? 39  THR A CG2 1 
ATOM   272  N  N   . PRO A 1 48  ? -3.496  -12.901 -11.365 1.00 61.98  ? 40  PRO A N   1 
ATOM   273  C  CA  . PRO A 1 48  ? -4.556  -11.934 -11.665 1.00 59.23  ? 40  PRO A CA  1 
ATOM   274  C  C   . PRO A 1 48  ? -5.247  -11.346 -10.449 1.00 56.43  ? 40  PRO A C   1 
ATOM   275  O  O   . PRO A 1 48  ? -5.999  -10.390 -10.608 1.00 55.52  ? 40  PRO A O   1 
ATOM   276  C  CB  . PRO A 1 48  ? -5.562  -12.774 -12.464 1.00 60.54  ? 40  PRO A CB  1 
ATOM   277  C  CG  . PRO A 1 48  ? -5.452  -14.146 -11.855 1.00 60.82  ? 40  PRO A CG  1 
ATOM   278  C  CD  . PRO A 1 48  ? -3.992  -14.294 -11.457 1.00 61.87  ? 40  PRO A CD  1 
ATOM   279  N  N   . ALA A 1 49  ? -5.013  -11.901 -9.257  1.00 54.80  ? 41  ALA A N   1 
ATOM   280  C  CA  . ALA A 1 49  ? -5.685  -11.404 -8.046  1.00 53.74  ? 41  ALA A CA  1 
ATOM   281  C  C   . ALA A 1 49  ? -5.400  -9.922  -7.788  1.00 51.27  ? 41  ALA A C   1 
ATOM   282  O  O   . ALA A 1 49  ? -6.298  -9.194  -7.349  1.00 50.36  ? 41  ALA A O   1 
ATOM   283  C  CB  . ALA A 1 49  ? -5.327  -12.236 -6.826  1.00 55.58  ? 41  ALA A CB  1 
ATOM   284  N  N   . SER A 1 50  ? -4.179  -9.469  -8.092  1.00 49.36  ? 42  SER A N   1 
ATOM   285  C  CA  . SER A 1 50  ? -3.859  -8.036  -7.998  1.00 48.84  ? 42  SER A CA  1 
ATOM   286  C  C   . SER A 1 50  ? -2.885  -7.596  -9.071  1.00 45.68  ? 42  SER A C   1 
ATOM   287  O  O   . SER A 1 50  ? -2.009  -8.365  -9.465  1.00 45.13  ? 42  SER A O   1 
ATOM   288  C  CB  . SER A 1 50  ? -3.267  -7.680  -6.625  1.00 50.67  ? 42  SER A CB  1 
ATOM   289  O  OG  . SER A 1 50  ? -3.624  -6.357  -6.221  1.00 50.70  ? 42  SER A OG  1 
ATOM   290  N  N   . GLU A 1 51  ? -3.046  -6.345  -9.510  1.00 38.90  ? 43  GLU A N   1 
ATOM   291  C  CA  . GLU A 1 51  ? -2.150  -5.704  -10.458 1.00 37.05  ? 43  GLU A CA  1 
ATOM   292  C  C   . GLU A 1 51  ? -1.219  -4.677  -9.803  1.00 32.20  ? 43  GLU A C   1 
ATOM   293  O  O   . GLU A 1 51  ? -0.575  -3.888  -10.490 1.00 29.58  ? 43  GLU A O   1 
ATOM   294  C  CB  . GLU A 1 51  ? -2.972  -4.981  -11.548 1.00 38.57  ? 43  GLU A CB  1 
ATOM   295  C  CG  . GLU A 1 51  ? -4.173  -5.755  -12.112 1.00 39.87  ? 43  GLU A CG  1 
ATOM   296  C  CD  . GLU A 1 51  ? -3.854  -7.193  -12.520 1.00 43.41  ? 43  GLU A CD  1 
ATOM   297  O  OE1 . GLU A 1 51  ? -2.719  -7.431  -13.004 1.00 45.78  ? 43  GLU A OE1 1 
ATOM   298  O  OE2 . GLU A 1 51  ? -4.736  -8.082  -12.332 1.00 42.66  ? 43  GLU A OE2 1 
ATOM   299  N  N   . ILE A 1 52  ? -1.154  -4.666  -8.479  1.00 32.51  ? 44  ILE A N   1 
ATOM   300  C  CA  . ILE A 1 52  ? -0.396  -3.628  -7.766  1.00 31.17  ? 44  ILE A CA  1 
ATOM   301  C  C   . ILE A 1 52  ? 1.109   -3.685  -7.962  1.00 27.86  ? 44  ILE A C   1 
ATOM   302  O  O   . ILE A 1 52  ? 1.764   -2.651  -8.052  1.00 28.02  ? 44  ILE A O   1 
ATOM   303  C  CB  . ILE A 1 52  ? -0.774  -3.558  -6.253  1.00 35.68  ? 44  ILE A CB  1 
ATOM   304  C  CG1 . ILE A 1 52  ? 0.033   -2.468  -5.580  1.00 37.97  ? 44  ILE A CG1 1 
ATOM   305  C  CG2 . ILE A 1 52  ? -0.559  -4.860  -5.566  1.00 40.05  ? 44  ILE A CG2 1 
ATOM   306  C  CD1 . ILE A 1 52  ? -0.601  -1.956  -4.386  1.00 44.80  ? 44  ILE A CD1 1 
ATOM   307  N  N   . PHE A 1 53  ? 1.676   -4.875  -8.071  1.00 31.49  ? 45  PHE A N   1 
ATOM   308  C  CA  . PHE A 1 53  ? 3.123   -4.979  -8.255  1.00 29.96  ? 45  PHE A CA  1 
ATOM   309  C  C   . PHE A 1 53  ? 3.582   -4.168  -9.474  1.00 30.95  ? 45  PHE A C   1 
ATOM   310  O  O   . PHE A 1 53  ? 4.532   -3.351  -9.390  1.00 28.87  ? 45  PHE A O   1 
ATOM   311  C  CB  . PHE A 1 53  ? 3.575   -6.442  -8.377  1.00 31.94  ? 45  PHE A CB  1 
ATOM   312  C  CG  . PHE A 1 53  ? 5.048   -6.580  -8.547  1.00 35.03  ? 45  PHE A CG  1 
ATOM   313  C  CD1 . PHE A 1 53  ? 5.870   -6.825  -7.448  1.00 34.97  ? 45  PHE A CD1 1 
ATOM   314  C  CD2 . PHE A 1 53  ? 5.635   -6.396  -9.806  1.00 34.45  ? 45  PHE A CD2 1 
ATOM   315  C  CE1 . PHE A 1 53  ? 7.248   -6.913  -7.606  1.00 37.27  ? 45  PHE A CE1 1 
ATOM   316  C  CE2 . PHE A 1 53  ? 7.004   -6.470  -9.969  1.00 36.01  ? 45  PHE A CE2 1 
ATOM   317  C  CZ  . PHE A 1 53  ? 7.818   -6.730  -8.865  1.00 37.75  ? 45  PHE A CZ  1 
ATOM   318  N  N   . GLU A 1 54  ? 2.904   -4.390  -10.606 1.00 33.35  ? 46  GLU A N   1 
ATOM   319  C  CA  . GLU A 1 54  ? 3.267   -3.754  -11.881 1.00 31.16  ? 46  GLU A CA  1 
ATOM   320  C  C   . GLU A 1 54  ? 3.113   -2.254  -11.848 1.00 26.32  ? 46  GLU A C   1 
ATOM   321  O  O   . GLU A 1 54  ? 3.866   -1.543  -12.491 1.00 28.91  ? 46  GLU A O   1 
ATOM   322  C  CB  . GLU A 1 54  ? 2.441   -4.319  -13.048 1.00 33.01  ? 46  GLU A CB  1 
ATOM   323  C  CG  . GLU A 1 54  ? 2.712   -5.783  -13.334 1.00 34.98  ? 46  GLU A CG  1 
ATOM   324  N  N   . ALA A 1 55  ? 2.114   -1.755  -11.136 1.00 28.16  ? 47  ALA A N   1 
ATOM   325  C  CA  . ALA A 1 55  ? 1.926   -0.306  -11.060 1.00 27.76  ? 47  ALA A CA  1 
ATOM   326  C  C   . ALA A 1 55  ? 3.070   0.304   -10.258 1.00 28.11  ? 47  ALA A C   1 
ATOM   327  O  O   . ALA A 1 55  ? 3.625   1.316   -10.659 1.00 31.37  ? 47  ALA A O   1 
ATOM   328  C  CB  . ALA A 1 55  ? 0.578   0.025   -10.435 1.00 29.72  ? 47  ALA A CB  1 
HETATM 329  N  N   . MSE A 1 56  ? 3.436   -0.347  -9.147  1.00 29.49  ? 48  MSE A N   1 
HETATM 330  C  CA  . MSE A 1 56  ? 4.563   0.090   -8.292  1.00 31.34  ? 48  MSE A CA  1 
HETATM 331  C  C   . MSE A 1 56  ? 5.913   -0.068  -9.012  1.00 29.29  ? 48  MSE A C   1 
HETATM 332  O  O   . MSE A 1 56  ? 6.752   0.845   -8.971  1.00 30.33  ? 48  MSE A O   1 
HETATM 333  C  CB  . MSE A 1 56  ? 4.564   -0.680  -6.959  1.00 33.55  ? 48  MSE A CB  1 
HETATM 334  C  CG  . MSE A 1 56  ? 3.305   -0.474  -6.126  1.00 36.12  ? 48  MSE A CG  1 
HETATM 335  SE SE  . MSE A 1 56  ? 2.990   1.419   -5.685  1.00 45.83  ? 48  MSE A SE  1 
HETATM 336  C  CE  . MSE A 1 56  ? 3.917   1.515   -3.880  1.00 46.49  ? 48  MSE A CE  1 
ATOM   337  N  N   . ALA A 1 57  ? 6.099   -1.182  -9.720  1.00 28.43  ? 49  ALA A N   1 
ATOM   338  C  CA  . ALA A 1 57  ? 7.286   -1.336  -10.597 1.00 31.32  ? 49  ALA A CA  1 
ATOM   339  C  C   . ALA A 1 57  ? 7.430   -0.210  -11.609 1.00 34.93  ? 49  ALA A C   1 
ATOM   340  O  O   . ALA A 1 57  ? 8.544   0.255   -11.875 1.00 38.39  ? 49  ALA A O   1 
ATOM   341  C  CB  . ALA A 1 57  ? 7.264   -2.671  -11.327 1.00 30.23  ? 49  ALA A CB  1 
ATOM   342  N  N   . LEU A 1 58  ? 6.316   0.231   -12.194 1.00 33.28  ? 50  LEU A N   1 
ATOM   343  C  CA  . LEU A 1 58  ? 6.364   1.388   -13.103 1.00 30.83  ? 50  LEU A CA  1 
ATOM   344  C  C   . LEU A 1 58  ? 6.619   2.698   -12.387 1.00 30.11  ? 50  LEU A C   1 
ATOM   345  O  O   . LEU A 1 58  ? 7.452   3.490   -12.805 1.00 30.75  ? 50  LEU A O   1 
ATOM   346  C  CB  . LEU A 1 58  ? 5.052   1.491   -13.895 1.00 34.44  ? 50  LEU A CB  1 
ATOM   347  C  CG  . LEU A 1 58  ? 4.869   2.683   -14.836 1.00 32.95  ? 50  LEU A CG  1 
ATOM   348  C  CD1 . LEU A 1 58  ? 5.769   2.520   -16.058 1.00 33.21  ? 50  LEU A CD1 1 
ATOM   349  C  CD2 . LEU A 1 58  ? 3.419   2.778   -15.231 1.00 33.86  ? 50  LEU A CD2 1 
ATOM   350  N  N   . TYR A 1 59  ? 5.872   2.960   -11.325 1.00 31.25  ? 51  TYR A N   1 
ATOM   351  C  CA  . TYR A 1 59  ? 5.874   4.298   -10.742 1.00 32.27  ? 51  TYR A CA  1 
ATOM   352  C  C   . TYR A 1 59  ? 7.057   4.597   -9.819  1.00 33.01  ? 51  TYR A C   1 
ATOM   353  O  O   . TYR A 1 59  ? 7.510   5.736   -9.779  1.00 32.56  ? 51  TYR A O   1 
ATOM   354  C  CB  . TYR A 1 59  ? 4.577   4.558   -9.951  1.00 33.06  ? 51  TYR A CB  1 
ATOM   355  C  CG  . TYR A 1 59  ? 3.296   4.618   -10.772 1.00 34.05  ? 51  TYR A CG  1 
ATOM   356  C  CD1 . TYR A 1 59  ? 3.294   5.153   -12.062 1.00 35.11  ? 51  TYR A CD1 1 
ATOM   357  C  CD2 . TYR A 1 59  ? 2.078   4.201   -10.226 1.00 32.92  ? 51  TYR A CD2 1 
ATOM   358  C  CE1 . TYR A 1 59  ? 2.130   5.224   -12.815 1.00 36.06  ? 51  TYR A CE1 1 
ATOM   359  C  CE2 . TYR A 1 59  ? 0.891   4.291   -10.955 1.00 35.00  ? 51  TYR A CE2 1 
ATOM   360  C  CZ  . TYR A 1 59  ? 0.937   4.804   -12.265 1.00 35.36  ? 51  TYR A CZ  1 
ATOM   361  O  OH  . TYR A 1 59  ? -0.181  4.916   -13.019 1.00 35.54  ? 51  TYR A OH  1 
HETATM 362  N  N   . MSE A 1 60  ? 7.512   3.601   -9.054  1.00 31.94  ? 52  MSE A N   1 
HETATM 363  C  CA  . MSE A 1 60  ? 8.547   3.833   -8.034  1.00 35.36  ? 52  MSE A CA  1 
HETATM 364  C  C   . MSE A 1 60  ? 9.834   4.450   -8.591  1.00 33.83  ? 52  MSE A C   1 
HETATM 365  O  O   . MSE A 1 60  ? 10.292  5.447   -8.052  1.00 32.13  ? 52  MSE A O   1 
HETATM 366  C  CB  . MSE A 1 60  ? 8.878   2.547   -7.253  1.00 36.94  ? 52  MSE A CB  1 
HETATM 367  C  CG  . MSE A 1 60  ? 7.922   2.226   -6.130  1.00 39.98  ? 52  MSE A CG  1 
HETATM 368  SE SE  . MSE A 1 60  ? 7.636   3.654   -4.772  1.00 47.23  ? 52  MSE A SE  1 
HETATM 369  C  CE  . MSE A 1 60  ? 7.117   2.427   -3.414  1.00 40.92  ? 52  MSE A CE  1 
ATOM   370  N  N   . PRO A 1 61  ? 10.409  3.870   -9.673  1.00 33.22  ? 53  PRO A N   1 
ATOM   371  C  CA  . PRO A 1 61  ? 11.603  4.518   -10.249 1.00 34.60  ? 53  PRO A CA  1 
ATOM   372  C  C   . PRO A 1 61  ? 11.382  5.968   -10.622 1.00 38.55  ? 53  PRO A C   1 
ATOM   373  O  O   . PRO A 1 61  ? 12.327  6.755   -10.569 1.00 38.96  ? 53  PRO A O   1 
ATOM   374  C  CB  . PRO A 1 61  ? 11.931  3.677   -11.496 1.00 35.19  ? 53  PRO A CB  1 
ATOM   375  C  CG  . PRO A 1 61  ? 11.246  2.341   -11.283 1.00 35.21  ? 53  PRO A CG  1 
ATOM   376  C  CD  . PRO A 1 61  ? 10.059  2.604   -10.354 1.00 34.52  ? 53  PRO A CD  1 
ATOM   377  N  N   . LEU A 1 62  ? 10.142  6.333   -10.957 1.00 37.94  ? 54  LEU A N   1 
ATOM   378  C  CA  . LEU A 1 62  ? 9.846   7.682   -11.416 1.00 36.29  ? 54  LEU A CA  1 
ATOM   379  C  C   . LEU A 1 62  ? 9.704   8.661   -10.266 1.00 33.61  ? 54  LEU A C   1 
ATOM   380  O  O   . LEU A 1 62  ? 9.694   9.869   -10.483 1.00 32.43  ? 54  LEU A O   1 
ATOM   381  C  CB  . LEU A 1 62  ? 8.579   7.689   -12.307 1.00 38.21  ? 54  LEU A CB  1 
ATOM   382  C  CG  . LEU A 1 62  ? 8.751   6.975   -13.649 1.00 39.93  ? 54  LEU A CG  1 
ATOM   383  C  CD1 . LEU A 1 62  ? 7.423   6.601   -14.310 1.00 42.56  ? 54  LEU A CD1 1 
ATOM   384  C  CD2 . LEU A 1 62  ? 9.589   7.839   -14.599 1.00 41.47  ? 54  LEU A CD2 1 
ATOM   385  N  N   . VAL A 1 63  ? 9.589   8.168   -9.036  1.00 34.60  ? 55  VAL A N   1 
ATOM   386  C  CA  . VAL A 1 63  ? 9.553   9.074   -7.865  1.00 35.97  ? 55  VAL A CA  1 
ATOM   387  C  C   . VAL A 1 63  ? 10.743  8.860   -6.894  1.00 38.17  ? 55  VAL A C   1 
ATOM   388  O  O   . VAL A 1 63  ? 10.692  9.321   -5.752  1.00 35.15  ? 55  VAL A O   1 
ATOM   389  C  CB  . VAL A 1 63  ? 8.199   8.954   -7.096  1.00 34.17  ? 55  VAL A CB  1 
ATOM   390  C  CG1 . VAL A 1 63  ? 7.028   9.408   -7.986  1.00 34.54  ? 55  VAL A CG1 1 
ATOM   391  C  CG2 . VAL A 1 63  ? 7.959   7.525   -6.632  1.00 31.54  ? 55  VAL A CG2 1 
ATOM   392  N  N   . ASP A 1 64  ? 11.786  8.155   -7.353  1.00 37.87  ? 56  ASP A N   1 
ATOM   393  C  CA  . ASP A 1 64  ? 13.001  7.885   -6.550  1.00 39.37  ? 56  ASP A CA  1 
ATOM   394  C  C   . ASP A 1 64  ? 12.694  6.915   -5.407  1.00 36.10  ? 56  ASP A C   1 
ATOM   395  O  O   . ASP A 1 64  ? 13.114  7.097   -4.275  1.00 33.61  ? 56  ASP A O   1 
ATOM   396  C  CB  . ASP A 1 64  ? 13.629  9.187   -6.031  1.00 41.87  ? 56  ASP A CB  1 
ATOM   397  C  CG  . ASP A 1 64  ? 14.014  10.138  -7.170  1.00 47.82  ? 56  ASP A CG  1 
ATOM   398  O  OD1 . ASP A 1 64  ? 14.795  9.708   -8.072  1.00 44.53  ? 56  ASP A OD1 1 
ATOM   399  O  OD2 . ASP A 1 64  ? 13.511  11.299  -7.177  1.00 51.42  ? 56  ASP A OD2 1 
ATOM   400  N  N   . GLY A 1 65  ? 11.912  5.903   -5.739  1.00 33.61  ? 57  GLY A N   1 
ATOM   401  C  CA  . GLY A 1 65  ? 11.494  4.894   -4.814  1.00 31.43  ? 57  GLY A CA  1 
ATOM   402  C  C   . GLY A 1 65  ? 11.988  3.574   -5.326  1.00 32.36  ? 57  GLY A C   1 
ATOM   403  O  O   . GLY A 1 65  ? 12.613  3.506   -6.384  1.00 33.27  ? 57  GLY A O   1 
ATOM   404  N  N   . VAL A 1 66  ? 11.641  2.518   -4.601  1.00 33.09  ? 58  VAL A N   1 
ATOM   405  C  CA  . VAL A 1 66  ? 12.283  1.229   -4.716  1.00 30.96  ? 58  VAL A CA  1 
ATOM   406  C  C   . VAL A 1 66  ? 11.179  0.221   -4.757  1.00 28.76  ? 58  VAL A C   1 
ATOM   407  O  O   . VAL A 1 66  ? 10.253  0.294   -3.938  1.00 28.54  ? 58  VAL A O   1 
ATOM   408  C  CB  . VAL A 1 66  ? 13.160  0.985   -3.416  1.00 36.98  ? 58  VAL A CB  1 
ATOM   409  C  CG1 . VAL A 1 66  ? 13.554  -0.460  -3.239  1.00 39.70  ? 58  VAL A CG1 1 
ATOM   410  C  CG2 . VAL A 1 66  ? 14.398  1.870   -3.414  1.00 41.89  ? 58  VAL A CG2 1 
ATOM   411  N  N   . VAL A 1 67  ? 11.269  -0.721  -5.690  1.00 28.22  ? 59  VAL A N   1 
ATOM   412  C  CA  . VAL A 1 67  ? 10.503  -1.953  -5.656  1.00 31.03  ? 59  VAL A CA  1 
ATOM   413  C  C   . VAL A 1 67  ? 11.499  -3.111  -5.573  1.00 33.94  ? 59  VAL A C   1 
ATOM   414  O  O   . VAL A 1 67  ? 12.373  -3.239  -6.415  1.00 35.77  ? 59  VAL A O   1 
ATOM   415  C  CB  . VAL A 1 67  ? 9.613   -2.115  -6.911  1.00 33.84  ? 59  VAL A CB  1 
ATOM   416  C  CG1 . VAL A 1 67  ? 8.843   -3.422  -6.883  1.00 31.30  ? 59  VAL A CG1 1 
ATOM   417  C  CG2 . VAL A 1 67  ? 8.665   -0.957  -6.992  1.00 36.49  ? 59  VAL A CG2 1 
ATOM   418  N  N   . ILE A 1 68  ? 11.371  -3.927  -4.546  1.00 34.90  ? 60  ILE A N   1 
ATOM   419  C  CA  . ILE A 1 68  ? 12.199  -5.093  -4.376  1.00 40.55  ? 60  ILE A CA  1 
ATOM   420  C  C   . ILE A 1 68  ? 11.282  -6.274  -4.663  1.00 41.93  ? 60  ILE A C   1 
ATOM   421  O  O   . ILE A 1 68  ? 10.173  -6.353  -4.150  1.00 40.85  ? 60  ILE A O   1 
ATOM   422  C  CB  . ILE A 1 68  ? 12.794  -5.152  -2.922  1.00 43.62  ? 60  ILE A CB  1 
ATOM   423  C  CG1 . ILE A 1 68  ? 13.760  -3.997  -2.686  1.00 47.43  ? 60  ILE A CG1 1 
ATOM   424  C  CG2 . ILE A 1 68  ? 13.524  -6.464  -2.647  1.00 47.84  ? 60  ILE A CG2 1 
ATOM   425  C  CD1 . ILE A 1 68  ? 14.757  -3.757  -3.803  1.00 48.56  ? 60  ILE A CD1 1 
ATOM   426  N  N   . GLN A 1 69  ? 11.730  -7.180  -5.509  1.00 44.19  ? 61  GLN A N   1 
ATOM   427  C  CA  . GLN A 1 69  ? 10.922  -8.315  -5.877  1.00 48.26  ? 61  GLN A CA  1 
ATOM   428  C  C   . GLN A 1 69  ? 11.399  -9.527  -5.097  1.00 50.93  ? 61  GLN A C   1 
ATOM   429  O  O   . GLN A 1 69  ? 12.570  -9.858  -5.129  1.00 52.19  ? 61  GLN A O   1 
ATOM   430  C  CB  . GLN A 1 69  ? 10.998  -8.552  -7.386  1.00 48.57  ? 61  GLN A CB  1 
ATOM   431  C  CG  . GLN A 1 69  ? 10.279  -9.810  -7.819  1.00 50.92  ? 61  GLN A CG  1 
ATOM   432  C  CD  . GLN A 1 69  ? 10.036  -9.876  -9.313  1.00 51.79  ? 61  GLN A CD  1 
ATOM   433  O  OE1 . GLN A 1 69  ? 10.323  -8.930  -10.055 1.00 52.32  ? 61  GLN A OE1 1 
ATOM   434  N  NE2 . GLN A 1 69  ? 9.497   -11.002 -9.761  1.00 51.87  ? 61  GLN A NE2 1 
HETATM 435  N  N   . MSE A 1 70  ? 10.498  -10.181 -4.380  1.00 55.78  ? 62  MSE A N   1 
HETATM 436  C  CA  . MSE A 1 70  ? 10.873  -11.328 -3.573  1.00 61.98  ? 62  MSE A CA  1 
HETATM 437  C  C   . MSE A 1 70  ? 9.715   -12.292 -3.521  1.00 60.26  ? 62  MSE A C   1 
HETATM 438  O  O   . MSE A 1 70  ? 8.621   -11.903 -3.128  1.00 57.77  ? 62  MSE A O   1 
HETATM 439  C  CB  . MSE A 1 70  ? 11.232  -10.879 -2.159  1.00 65.77  ? 62  MSE A CB  1 
HETATM 440  C  CG  . MSE A 1 70  ? 12.724  -10.834 -1.896  1.00 69.00  ? 62  MSE A CG  1 
HETATM 441  SE SE  . MSE A 1 70  ? 13.235  -9.605  -0.442  1.00 75.16  ? 62  MSE A SE  1 
HETATM 442  C  CE  . MSE A 1 70  ? 15.172  -10.076 -0.486  1.00 71.12  ? 62  MSE A CE  1 
ATOM   443  N  N   . GLU A 1 71  ? 9.961   -13.545 -3.899  1.00 61.22  ? 63  GLU A N   1 
ATOM   444  C  CA  . GLU A 1 71  ? 8.901   -14.547 -3.941  1.00 63.55  ? 63  GLU A CA  1 
ATOM   445  C  C   . GLU A 1 71  ? 8.374   -14.835 -2.556  1.00 62.69  ? 63  GLU A C   1 
ATOM   446  O  O   . GLU A 1 71  ? 7.166   -14.796 -2.336  1.00 66.88  ? 63  GLU A O   1 
ATOM   447  C  CB  . GLU A 1 71  ? 9.388   -15.856 -4.551  1.00 65.70  ? 63  GLU A CB  1 
ATOM   448  C  CG  . GLU A 1 71  ? 9.783   -15.745 -6.013  1.00 68.79  ? 63  GLU A CG  1 
ATOM   449  C  CD  . GLU A 1 71  ? 9.300   -16.921 -6.860  1.00 70.11  ? 63  GLU A CD  1 
ATOM   450  O  OE1 . GLU A 1 71  ? 8.130   -17.354 -6.698  1.00 71.19  ? 63  GLU A OE1 1 
ATOM   451  O  OE2 . GLU A 1 71  ? 10.091  -17.396 -7.699  1.00 70.14  ? 63  GLU A OE2 1 
ATOM   452  N  N   . ASP A 1 72  ? 9.280   -15.123 -1.629  1.00 61.34  ? 64  ASP A N   1 
ATOM   453  C  CA  . ASP A 1 72  ? 8.895   -15.515 -0.282  1.00 61.25  ? 64  ASP A CA  1 
ATOM   454  C  C   . ASP A 1 72  ? 8.170   -14.359 0.399   1.00 58.24  ? 64  ASP A C   1 
ATOM   455  O  O   . ASP A 1 72  ? 8.627   -13.213 0.359   1.00 57.37  ? 64  ASP A O   1 
ATOM   456  C  CB  . ASP A 1 72  ? 10.127  -15.935 0.525   1.00 63.08  ? 64  ASP A CB  1 
ATOM   457  C  CG  . ASP A 1 72  ? 9.779   -16.755 1.756   1.00 67.21  ? 64  ASP A CG  1 
ATOM   458  O  OD1 . ASP A 1 72  ? 8.579   -17.004 2.024   1.00 70.27  ? 64  ASP A OD1 1 
ATOM   459  O  OD2 . ASP A 1 72  ? 10.722  -17.167 2.466   1.00 70.61  ? 64  ASP A OD2 1 
ATOM   460  N  N   . GLU A 1 73  ? 7.027   -14.665 1.005   1.00 55.56  ? 65  GLU A N   1 
ATOM   461  C  CA  . GLU A 1 73  ? 6.219   -13.663 1.701   1.00 53.73  ? 65  GLU A CA  1 
ATOM   462  C  C   . GLU A 1 73  ? 6.931   -13.183 2.972   1.00 47.91  ? 65  GLU A C   1 
ATOM   463  O  O   . GLU A 1 73  ? 6.926   -12.001 3.288   1.00 41.58  ? 65  GLU A O   1 
ATOM   464  C  CB  . GLU A 1 73  ? 4.834   -14.235 2.043   1.00 57.70  ? 65  GLU A CB  1 
ATOM   465  C  CG  . GLU A 1 73  ? 3.952   -14.534 0.822   1.00 61.31  ? 65  GLU A CG  1 
ATOM   466  C  CD  . GLU A 1 73  ? 4.089   -15.969 0.247   1.00 64.89  ? 65  GLU A CD  1 
ATOM   467  O  OE1 . GLU A 1 73  ? 4.925   -16.778 0.728   1.00 65.67  ? 65  GLU A OE1 1 
ATOM   468  O  OE2 . GLU A 1 73  ? 3.334   -16.286 -0.712  1.00 66.79  ? 65  GLU A OE2 1 
ATOM   469  N  N   . ILE A 1 74  ? 7.549   -14.116 3.687   1.00 44.86  ? 66  ILE A N   1 
ATOM   470  C  CA  . ILE A 1 74  ? 8.346   -13.796 4.876   1.00 46.59  ? 66  ILE A CA  1 
ATOM   471  C  C   . ILE A 1 74  ? 9.458   -12.761 4.584   1.00 40.16  ? 66  ILE A C   1 
ATOM   472  O  O   . ILE A 1 74  ? 9.662   -11.801 5.348   1.00 39.10  ? 66  ILE A O   1 
ATOM   473  C  CB  . ILE A 1 74  ? 8.908   -15.101 5.514   1.00 47.44  ? 66  ILE A CB  1 
ATOM   474  C  CG1 . ILE A 1 74  ? 7.759   -15.840 6.213   1.00 49.45  ? 66  ILE A CG1 1 
ATOM   475  C  CG2 . ILE A 1 74  ? 10.018  -14.796 6.512   1.00 49.47  ? 66  ILE A CG2 1 
ATOM   476  C  CD1 . ILE A 1 74  ? 8.176   -17.034 7.062   1.00 51.52  ? 66  ILE A CD1 1 
ATOM   477  N  N   . ALA A 1 75  ? 10.112  -12.937 3.444   1.00 35.81  ? 67  ALA A N   1 
ATOM   478  C  CA  . ALA A 1 75  ? 11.165  -12.046 2.984   1.00 34.77  ? 67  ALA A CA  1 
ATOM   479  C  C   . ALA A 1 75  ? 10.663  -10.652 2.621   1.00 33.43  ? 67  ALA A C   1 
ATOM   480  O  O   . ALA A 1 75  ? 11.303  -9.649  2.929   1.00 36.81  ? 67  ALA A O   1 
ATOM   481  C  CB  . ALA A 1 75  ? 11.872  -12.677 1.797   1.00 32.50  ? 67  ALA A CB  1 
ATOM   482  N  N   . SER A 1 76  ? 9.512   -10.581 1.957   1.00 34.79  ? 68  SER A N   1 
ATOM   483  C  CA  . SER A 1 76  ? 8.961   -9.300  1.532   1.00 35.18  ? 68  SER A CA  1 
ATOM   484  C  C   . SER A 1 76  ? 8.574   -8.439  2.729   1.00 31.31  ? 68  SER A C   1 
ATOM   485  O  O   . SER A 1 76  ? 8.842   -7.253  2.735   1.00 32.08  ? 68  SER A O   1 
ATOM   486  C  CB  . SER A 1 76  ? 7.753   -9.516  0.613   1.00 38.39  ? 68  SER A CB  1 
ATOM   487  O  OG  . SER A 1 76  ? 8.179   -10.161 -0.575  1.00 41.21  ? 68  SER A OG  1 
ATOM   488  N  N   . ILE A 1 77  ? 7.944   -9.044  3.725   1.00 29.61  ? 69  ILE A N   1 
ATOM   489  C  CA  . ILE A 1 77  ? 7.573   -8.332  4.947   1.00 33.64  ? 69  ILE A CA  1 
ATOM   490  C  C   . ILE A 1 77  ? 8.814   -7.940  5.769   1.00 32.97  ? 69  ILE A C   1 
ATOM   491  O  O   . ILE A 1 77  ? 8.902   -6.805  6.224   1.00 32.00  ? 69  ILE A O   1 
ATOM   492  C  CB  . ILE A 1 77  ? 6.515   -9.123  5.826   1.00 35.33  ? 69  ILE A CB  1 
ATOM   493  C  CG1 . ILE A 1 77  ? 6.196   -8.374  7.118   1.00 36.09  ? 69  ILE A CG1 1 
ATOM   494  C  CG2 . ILE A 1 77  ? 6.990   -10.495 6.228   1.00 38.66  ? 69  ILE A CG2 1 
ATOM   495  C  CD1 . ILE A 1 77  ? 5.600   -7.017  6.886   1.00 38.05  ? 69  ILE A CD1 1 
ATOM   496  N  N   . ALA A 1 78  ? 9.775   -8.864  5.920   1.00 33.04  ? 70  ALA A N   1 
ATOM   497  C  CA  . ALA A 1 78  ? 11.008  -8.574  6.653   1.00 32.45  ? 70  ALA A CA  1 
ATOM   498  C  C   . ALA A 1 78  ? 11.746  -7.406  6.007   1.00 29.30  ? 70  ALA A C   1 
ATOM   499  O  O   . ALA A 1 78  ? 12.212  -6.498  6.699   1.00 27.84  ? 70  ALA A O   1 
ATOM   500  C  CB  . ALA A 1 78  ? 11.901  -9.825  6.755   1.00 33.65  ? 70  ALA A CB  1 
ATOM   501  N  N   . ALA A 1 79  ? 11.736  -7.375  4.676   1.00 30.48  ? 71  ALA A N   1 
ATOM   502  C  CA  . ALA A 1 79  ? 12.365  -6.298  3.920   1.00 26.24  ? 71  ALA A CA  1 
ATOM   503  C  C   . ALA A 1 79  ? 11.692  -4.966  4.117   1.00 27.52  ? 71  ALA A C   1 
ATOM   504  O  O   . ALA A 1 79  ? 12.377  -3.934  4.217   1.00 24.16  ? 71  ALA A O   1 
ATOM   505  C  CB  . ALA A 1 79  ? 12.392  -6.648  2.446   1.00 26.28  ? 71  ALA A CB  1 
ATOM   506  N  N   . ALA A 1 80  ? 10.351  -4.960  4.122   1.00 27.53  ? 72  ALA A N   1 
ATOM   507  C  CA  . ALA A 1 80  ? 9.605   -3.723  4.389   1.00 26.95  ? 72  ALA A CA  1 
ATOM   508  C  C   . ALA A 1 80  ? 9.835   -3.228  5.837   1.00 25.82  ? 72  ALA A C   1 
ATOM   509  O  O   . ALA A 1 80  ? 9.942   -2.029  6.078   1.00 25.55  ? 72  ALA A O   1 
ATOM   510  C  CB  . ALA A 1 80  ? 8.113   -3.937  4.119   1.00 31.02  ? 72  ALA A CB  1 
ATOM   511  N  N   . ILE A 1 81  ? 9.932   -4.155  6.786   1.00 28.75  ? 73  ILE A N   1 
ATOM   512  C  CA  . ILE A 1 81  ? 10.287  -3.830  8.200   1.00 29.28  ? 73  ILE A CA  1 
ATOM   513  C  C   . ILE A 1 81  ? 11.663  -3.144  8.326   1.00 28.01  ? 73  ILE A C   1 
ATOM   514  O  O   . ILE A 1 81  ? 11.774  -2.088  8.967   1.00 26.43  ? 73  ILE A O   1 
ATOM   515  C  CB  . ILE A 1 81  ? 10.193  -5.103  9.131   1.00 32.01  ? 73  ILE A CB  1 
ATOM   516  C  CG1 . ILE A 1 81  ? 8.736   -5.567  9.263   1.00 35.50  ? 73  ILE A CG1 1 
ATOM   517  C  CG2 . ILE A 1 81  ? 10.764  -4.831  10.562  1.00 31.83  ? 73  ILE A CG2 1 
ATOM   518  C  CD1 . ILE A 1 81  ? 8.588   -6.981  9.865   1.00 35.09  ? 73  ILE A CD1 1 
ATOM   519  N  N   . GLY A 1 82  ? 12.690  -3.704  7.673   1.00 29.01  ? 74  GLY A N   1 
ATOM   520  C  CA  . GLY A 1 82  ? 14.045  -3.119  7.703   1.00 26.37  ? 74  GLY A CA  1 
ATOM   521  C  C   . GLY A 1 82  ? 14.118  -1.748  7.048   1.00 26.29  ? 74  GLY A C   1 
ATOM   522  O  O   . GLY A 1 82  ? 14.719  -0.819  7.585   1.00 26.44  ? 74  GLY A O   1 
ATOM   523  N  N   . ALA A 1 83  ? 13.475  -1.611  5.894   1.00 24.34  ? 75  ALA A N   1 
ATOM   524  C  CA  . ALA A 1 83  ? 13.355  -0.316  5.246   1.00 22.51  ? 75  ALA A CA  1 
ATOM   525  C  C   . ALA A 1 83  ? 12.701  0.701   6.143   1.00 20.86  ? 75  ALA A C   1 
ATOM   526  O  O   . ALA A 1 83  ? 13.138  1.843   6.184   1.00 21.51  ? 75  ALA A O   1 
ATOM   527  C  CB  . ALA A 1 83  ? 12.545  -0.451  3.925   1.00 25.00  ? 75  ALA A CB  1 
ATOM   528  N  N   . SER A 1 84  ? 11.603  0.314   6.813   1.00 24.96  ? 76  SER A N   1 
ATOM   529  C  CA  . SER A 1 84  ? 10.903  1.236   7.737   1.00 27.79  ? 76  SER A CA  1 
ATOM   530  C  C   . SER A 1 84  ? 11.805  1.708   8.892   1.00 28.00  ? 76  SER A C   1 
ATOM   531  O  O   . SER A 1 84  ? 11.899  2.898   9.207   1.00 23.87  ? 76  SER A O   1 
ATOM   532  C  CB  . SER A 1 84  ? 9.657   0.577   8.357   1.00 27.84  ? 76  SER A CB  1 
ATOM   533  O  OG  . SER A 1 84  ? 9.050   1.482   9.269   1.00 23.20  ? 76  SER A OG  1 
ATOM   534  N  N   . TRP A 1 85  ? 12.461  0.767   9.535   1.00 29.98  ? 77  TRP A N   1 
ATOM   535  C  CA  . TRP A 1 85  ? 13.399  1.141   10.612  1.00 32.64  ? 77  TRP A CA  1 
ATOM   536  C  C   . TRP A 1 85  ? 14.521  2.018   10.108  1.00 32.15  ? 77  TRP A C   1 
ATOM   537  O  O   . TRP A 1 85  ? 15.013  2.896   10.814  1.00 31.53  ? 77  TRP A O   1 
ATOM   538  C  CB  . TRP A 1 85  ? 13.953  -0.099  11.258  1.00 36.33  ? 77  TRP A CB  1 
ATOM   539  C  CG  . TRP A 1 85  ? 12.982  -0.710  12.180  1.00 36.91  ? 77  TRP A CG  1 
ATOM   540  C  CD1 . TRP A 1 85  ? 12.322  -1.874  12.010  1.00 38.19  ? 77  TRP A CD1 1 
ATOM   541  C  CD2 . TRP A 1 85  ? 12.572  -0.191  13.451  1.00 39.27  ? 77  TRP A CD2 1 
ATOM   542  N  NE1 . TRP A 1 85  ? 11.522  -2.125  13.095  1.00 38.95  ? 77  TRP A NE1 1 
ATOM   543  C  CE2 . TRP A 1 85  ? 11.660  -1.103  13.995  1.00 39.27  ? 77  TRP A CE2 1 
ATOM   544  C  CE3 . TRP A 1 85  ? 12.901  0.959   14.187  1.00 40.97  ? 77  TRP A CE3 1 
ATOM   545  C  CZ2 . TRP A 1 85  ? 11.057  -0.907  15.247  1.00 41.07  ? 77  TRP A CZ2 1 
ATOM   546  C  CZ3 . TRP A 1 85  ? 12.296  1.160   15.426  1.00 39.36  ? 77  TRP A CZ3 1 
ATOM   547  C  CH2 . TRP A 1 85  ? 11.389  0.236   15.939  1.00 39.19  ? 77  TRP A CH2 1 
ATOM   548  N  N   . ALA A 1 86  ? 14.887  1.818   8.849   1.00 31.26  ? 78  ALA A N   1 
ATOM   549  C  CA  . ALA A 1 86  ? 15.869  2.661   8.231   1.00 30.10  ? 78  ALA A CA  1 
ATOM   550  C  C   . ALA A 1 86  ? 15.290  4.014   7.823   1.00 30.78  ? 78  ALA A C   1 
ATOM   551  O  O   . ALA A 1 86  ? 16.020  4.850   7.311   1.00 29.18  ? 78  ALA A O   1 
ATOM   552  C  CB  . ALA A 1 86  ? 16.504  1.924   7.025   1.00 33.69  ? 78  ALA A CB  1 
ATOM   553  N  N   . GLY A 1 87  ? 13.993  4.258   8.057   1.00 31.67  ? 79  GLY A N   1 
ATOM   554  C  CA  . GLY A 1 87  ? 13.417  5.592   7.844   1.00 29.93  ? 79  GLY A CA  1 
ATOM   555  C  C   . GLY A 1 87  ? 12.476  5.781   6.641   1.00 31.08  ? 79  GLY A C   1 
ATOM   556  O  O   . GLY A 1 87  ? 12.011  6.887   6.403   1.00 28.97  ? 79  GLY A O   1 
ATOM   557  N  N   . ALA A 1 88  ? 12.170  4.711   5.913   1.00 30.73  ? 80  ALA A N   1 
ATOM   558  C  CA  . ALA A 1 88  ? 11.281  4.767   4.743   1.00 32.66  ? 80  ALA A CA  1 
ATOM   559  C  C   . ALA A 1 88  ? 9.802   4.568   5.119   1.00 29.66  ? 80  ALA A C   1 
ATOM   560  O  O   . ALA A 1 88  ? 9.485   3.886   6.105   1.00 22.05  ? 80  ALA A O   1 
ATOM   561  C  CB  . ALA A 1 88  ? 11.690  3.653   3.746   1.00 35.39  ? 80  ALA A CB  1 
ATOM   562  N  N   . LYS A 1 89  ? 8.896   5.133   4.320   1.00 31.35  ? 81  LYS A N   1 
ATOM   563  C  CA  . LYS A 1 89  ? 7.483   4.683   4.347   1.00 29.66  ? 81  LYS A CA  1 
ATOM   564  C  C   . LYS A 1 89  ? 7.369   3.469   3.450   1.00 24.63  ? 81  LYS A C   1 
ATOM   565  O  O   . LYS A 1 89  ? 7.615   3.563   2.254   1.00 25.05  ? 81  LYS A O   1 
ATOM   566  C  CB  . LYS A 1 89  ? 6.544   5.758   3.862   1.00 31.53  ? 81  LYS A CB  1 
ATOM   567  C  CG  . LYS A 1 89  ? 6.320   6.885   4.820   1.00 34.38  ? 81  LYS A CG  1 
ATOM   568  C  CD  . LYS A 1 89  ? 5.019   7.636   4.423   1.00 34.33  ? 81  LYS A CD  1 
ATOM   569  C  CE  . LYS A 1 89  ? 4.810   8.848   5.264   1.00 34.07  ? 81  LYS A CE  1 
ATOM   570  N  NZ  . LYS A 1 89  ? 3.531   9.482   4.989   1.00 33.32  ? 81  LYS A NZ  1 
ATOM   571  N  N   . ALA A 1 90  ? 7.019   2.330   4.034   1.00 25.81  ? 82  ALA A N   1 
ATOM   572  C  CA  . ALA A 1 90  ? 7.168   1.028   3.390   1.00 26.19  ? 82  ALA A CA  1 
ATOM   573  C  C   . ALA A 1 90  ? 5.856   0.289   3.346   1.00 30.16  ? 82  ALA A C   1 
ATOM   574  O  O   . ALA A 1 90  ? 4.993   0.485   4.226   1.00 30.09  ? 82  ALA A O   1 
ATOM   575  C  CB  . ALA A 1 90  ? 8.187   0.169   4.140   1.00 26.87  ? 82  ALA A CB  1 
HETATM 576  N  N   . MSE A 1 91  ? 5.714   -0.540  2.312   1.00 32.96  ? 83  MSE A N   1 
HETATM 577  C  CA  . MSE A 1 91  ? 4.577   -1.426  2.160   1.00 39.91  ? 83  MSE A CA  1 
HETATM 578  C  C   . MSE A 1 91  ? 4.974   -2.737  1.495   1.00 35.78  ? 83  MSE A C   1 
HETATM 579  O  O   . MSE A 1 91  ? 6.017   -2.838  0.861   1.00 32.44  ? 83  MSE A O   1 
HETATM 580  C  CB  . MSE A 1 91  ? 3.403   -0.727  1.443   1.00 42.46  ? 83  MSE A CB  1 
HETATM 581  C  CG  . MSE A 1 91  ? 3.323   -0.839  -0.057  1.00 50.91  ? 83  MSE A CG  1 
HETATM 582  SE SE  . MSE A 1 91  ? 1.558   -0.261  -0.911  1.00 60.37  ? 83  MSE A SE  1 
HETATM 583  C  CE  . MSE A 1 91  ? 0.283   -0.471  0.371   1.00 55.42  ? 83  MSE A CE  1 
ATOM   584  N  N   . THR A 1 92  ? 4.161   -3.758  1.717   1.00 34.78  ? 84  THR A N   1 
ATOM   585  C  CA  . THR A 1 92  ? 4.264   -5.010  1.004   1.00 35.65  ? 84  THR A CA  1 
ATOM   586  C  C   . THR A 1 92  ? 2.843   -5.463  0.683   1.00 34.31  ? 84  THR A C   1 
ATOM   587  O  O   . THR A 1 92  ? 1.887   -4.938  1.252   1.00 33.97  ? 84  THR A O   1 
ATOM   588  C  CB  . THR A 1 92  ? 5.049   -6.088  1.821   1.00 37.86  ? 84  THR A CB  1 
ATOM   589  O  OG1 . THR A 1 92  ? 5.056   -7.339  1.107   1.00 42.08  ? 84  THR A OG1 1 
ATOM   590  C  CG2 . THR A 1 92  ? 4.448   -6.301  3.227   1.00 40.32  ? 84  THR A CG2 1 
ATOM   591  N  N   . ALA A 1 93  ? 2.719   -6.411  -0.244  1.00 36.90  ? 85  ALA A N   1 
ATOM   592  C  CA  . ALA A 1 93  ? 1.428   -6.941  -0.693  1.00 43.07  ? 85  ALA A CA  1 
ATOM   593  C  C   . ALA A 1 93  ? 1.458   -8.450  -0.801  1.00 44.74  ? 85  ALA A C   1 
ATOM   594  O  O   . ALA A 1 93  ? 2.370   -9.005  -1.381  1.00 42.40  ? 85  ALA A O   1 
ATOM   595  C  CB  . ALA A 1 93  ? 1.023   -6.342  -2.029  1.00 44.16  ? 85  ALA A CB  1 
ATOM   596  N  N   . THR A 1 94  ? 0.448   -9.106  -0.239  1.00 50.81  ? 86  THR A N   1 
ATOM   597  C  CA  . THR A 1 94  ? 0.359   -10.564 -0.283  1.00 52.51  ? 86  THR A CA  1 
ATOM   598  C  C   . THR A 1 94  ? -1.064  -11.003 -0.619  1.00 53.70  ? 86  THR A C   1 
ATOM   599  O  O   . THR A 1 94  ? -1.982  -10.182 -0.660  1.00 49.32  ? 86  THR A O   1 
ATOM   600  C  CB  . THR A 1 94  ? 0.857   -11.220 1.034   1.00 52.94  ? 86  THR A CB  1 
ATOM   601  O  OG1 . THR A 1 94  ? 0.759   -12.643 0.911   1.00 52.99  ? 86  THR A OG1 1 
ATOM   602  C  CG2 . THR A 1 94  ? 0.063   -10.735 2.262   1.00 51.12  ? 86  THR A CG2 1 
ATOM   603  N  N   . SER A 1 95  ? -1.221  -12.298 -0.894  1.00 58.46  ? 87  SER A N   1 
ATOM   604  C  CA  . SER A 1 95  ? -2.508  -12.847 -1.336  1.00 63.38  ? 87  SER A CA  1 
ATOM   605  C  C   . SER A 1 95  ? -2.784  -14.226 -0.729  1.00 65.83  ? 87  SER A C   1 
ATOM   606  O  O   . SER A 1 95  ? -1.863  -15.014 -0.519  1.00 65.14  ? 87  SER A O   1 
ATOM   607  C  CB  . SER A 1 95  ? -2.555  -12.920 -2.870  1.00 63.09  ? 87  SER A CB  1 
ATOM   608  O  OG  . SER A 1 95  ? -3.894  -12.907 -3.336  1.00 64.05  ? 87  SER A OG  1 
ATOM   609  N  N   . GLY A 1 96  ? -4.056  -14.489 -0.431  1.00 69.03  ? 88  GLY A N   1 
ATOM   610  C  CA  . GLY A 1 96  ? -4.504  -15.794 0.058   1.00 72.92  ? 88  GLY A CA  1 
ATOM   611  C  C   . GLY A 1 96  ? -3.751  -16.307 1.278   1.00 74.93  ? 88  GLY A C   1 
ATOM   612  O  O   . GLY A 1 96  ? -3.879  -15.728 2.365   1.00 76.78  ? 88  GLY A O   1 
ATOM   613  N  N   . PRO A 1 97  ? -2.946  -17.385 1.109   1.00 76.78  ? 89  PRO A N   1 
ATOM   614  C  CA  . PRO A 1 97  ? -2.220  -17.950 2.253   1.00 76.91  ? 89  PRO A CA  1 
ATOM   615  C  C   . PRO A 1 97  ? -1.078  -17.055 2.742   1.00 76.83  ? 89  PRO A C   1 
ATOM   616  O  O   . PRO A 1 97  ? -0.720  -17.094 3.920   1.00 76.88  ? 89  PRO A O   1 
ATOM   617  C  CB  . PRO A 1 97  ? -1.647  -19.273 1.709   1.00 76.86  ? 89  PRO A CB  1 
ATOM   618  C  CG  . PRO A 1 97  ? -2.224  -19.455 0.343   1.00 77.26  ? 89  PRO A CG  1 
ATOM   619  C  CD  . PRO A 1 97  ? -2.638  -18.109 -0.138  1.00 76.94  ? 89  PRO A CD  1 
ATOM   620  N  N   . GLY A 1 98  ? -0.520  -16.256 1.839   1.00 76.14  ? 90  GLY A N   1 
ATOM   621  C  CA  . GLY A 1 98  ? 0.677   -15.482 2.128   1.00 75.58  ? 90  GLY A CA  1 
ATOM   622  C  C   . GLY A 1 98  ? 0.616   -14.620 3.374   1.00 74.48  ? 90  GLY A C   1 
ATOM   623  O  O   . GLY A 1 98  ? 1.632   -14.467 4.054   1.00 75.44  ? 90  GLY A O   1 
ATOM   624  N  N   . PHE A 1 99  ? -0.560  -14.065 3.675   1.00 72.66  ? 91  PHE A N   1 
ATOM   625  C  CA  . PHE A 1 99  ? -0.740  -13.191 4.842   1.00 72.89  ? 91  PHE A CA  1 
ATOM   626  C  C   . PHE A 1 99  ? -0.459  -13.912 6.164   1.00 73.13  ? 91  PHE A C   1 
ATOM   627  O  O   . PHE A 1 99  ? 0.257   -13.387 7.032   1.00 71.71  ? 91  PHE A O   1 
ATOM   628  C  CB  . PHE A 1 99  ? -2.154  -12.603 4.871   1.00 74.69  ? 91  PHE A CB  1 
ATOM   629  C  CG  . PHE A 1 99  ? -2.380  -11.602 5.983   1.00 75.58  ? 91  PHE A CG  1 
ATOM   630  C  CD1 . PHE A 1 99  ? -1.662  -10.406 6.021   1.00 76.13  ? 91  PHE A CD1 1 
ATOM   631  C  CD2 . PHE A 1 99  ? -3.314  -11.848 6.987   1.00 77.11  ? 91  PHE A CD2 1 
ATOM   632  C  CE1 . PHE A 1 99  ? -1.861  -9.477  7.041   1.00 75.88  ? 91  PHE A CE1 1 
ATOM   633  C  CE2 . PHE A 1 99  ? -3.524  -10.916 8.017   1.00 77.52  ? 91  PHE A CE2 1 
ATOM   634  C  CZ  . PHE A 1 99  ? -2.791  -9.729  8.041   1.00 76.40  ? 91  PHE A CZ  1 
ATOM   635  N  N   . SER A 1 100 ? -1.015  -15.111 6.311   1.00 71.53  ? 92  SER A N   1 
ATOM   636  C  CA  . SER A 1 100 ? -0.800  -15.910 7.507   1.00 71.70  ? 92  SER A CA  1 
ATOM   637  C  C   . SER A 1 100 ? 0.680   -16.275 7.725   1.00 71.28  ? 92  SER A C   1 
ATOM   638  O  O   . SER A 1 100 ? 1.110   -16.410 8.873   1.00 69.77  ? 92  SER A O   1 
ATOM   639  C  CB  . SER A 1 100 ? -1.655  -17.174 7.459   1.00 70.92  ? 92  SER A CB  1 
ATOM   640  O  OG  . SER A 1 100 ? -1.290  -17.972 6.351   1.00 71.60  ? 92  SER A OG  1 
ATOM   641  N  N   . LEU A 1 101 ? 1.454   -16.433 6.646   1.00 72.66  ? 93  LEU A N   1 
ATOM   642  C  CA  . LEU A 1 101 ? 2.904   -16.684 6.766   1.00 73.62  ? 93  LEU A CA  1 
ATOM   643  C  C   . LEU A 1 101 ? 3.630   -15.466 7.335   1.00 73.95  ? 93  LEU A C   1 
ATOM   644  O  O   . LEU A 1 101 ? 4.658   -15.607 7.994   1.00 75.17  ? 93  LEU A O   1 
ATOM   645  C  CB  . LEU A 1 101 ? 3.546   -17.040 5.414   1.00 75.28  ? 93  LEU A CB  1 
ATOM   646  C  CG  . LEU A 1 101 ? 3.068   -18.259 4.614   1.00 75.85  ? 93  LEU A CG  1 
ATOM   647  C  CD1 . LEU A 1 101 ? 4.059   -18.541 3.477   1.00 75.79  ? 93  LEU A CD1 1 
ATOM   648  C  CD2 . LEU A 1 101 ? 2.888   -19.486 5.487   1.00 75.51  ? 93  LEU A CD2 1 
HETATM 649  N  N   . MSE A 1 102 ? 3.092   -14.278 7.069   1.00 72.84  ? 94  MSE A N   1 
HETATM 650  C  CA  . MSE A 1 102 ? 3.626   -13.037 7.621   1.00 74.71  ? 94  MSE A CA  1 
HETATM 651  C  C   . MSE A 1 102 ? 3.206   -12.775 9.080   1.00 73.75  ? 94  MSE A C   1 
HETATM 652  O  O   . MSE A 1 102 ? 3.754   -11.876 9.722   1.00 73.20  ? 94  MSE A O   1 
HETATM 653  C  CB  . MSE A 1 102 ? 3.172   -11.845 6.765   1.00 75.76  ? 94  MSE A CB  1 
HETATM 654  C  CG  . MSE A 1 102 ? 3.622   -11.896 5.308   1.00 76.48  ? 94  MSE A CG  1 
HETATM 655  SE SE  . MSE A 1 102 ? 3.079   -10.282 4.323   1.00 77.15  ? 94  MSE A SE  1 
HETATM 656  C  CE  . MSE A 1 102 ? 4.202   -10.448 2.672   1.00 76.76  ? 94  MSE A CE  1 
ATOM   657  N  N   . GLN A 1 103 ? 2.244   -13.543 9.590   1.00 72.03  ? 95  GLN A N   1 
ATOM   658  C  CA  . GLN A 1 103 ? 1.586   -13.238 10.861  1.00 72.05  ? 95  GLN A CA  1 
ATOM   659  C  C   . GLN A 1 103 ? 2.549   -12.892 11.998  1.00 71.72  ? 95  GLN A C   1 
ATOM   660  O  O   . GLN A 1 103 ? 2.323   -11.919 12.716  1.00 70.51  ? 95  GLN A O   1 
ATOM   661  C  CB  . GLN A 1 103 ? 0.686   -14.397 11.291  1.00 72.61  ? 95  GLN A CB  1 
ATOM   662  N  N   . GLU A 1 104 ? 3.620   -13.674 12.148  1.00 70.32  ? 96  GLU A N   1 
ATOM   663  C  CA  . GLU A 1 104 ? 4.556   -13.503 13.269  1.00 68.36  ? 96  GLU A CA  1 
ATOM   664  C  C   . GLU A 1 104 ? 5.481   -12.305 13.114  1.00 63.87  ? 96  GLU A C   1 
ATOM   665  O  O   . GLU A 1 104 ? 5.761   -11.630 14.087  1.00 62.81  ? 96  GLU A O   1 
ATOM   666  C  CB  . GLU A 1 104 ? 5.394   -14.765 13.459  1.00 69.86  ? 96  GLU A CB  1 
ATOM   667  C  CG  . GLU A 1 104 ? 6.198   -14.794 14.750  1.00 71.02  ? 96  GLU A CG  1 
ATOM   668  C  CD  . GLU A 1 104 ? 7.134   -15.986 14.809  1.00 72.38  ? 96  GLU A CD  1 
ATOM   669  O  OE1 . GLU A 1 104 ? 6.694   -17.102 14.448  1.00 74.59  ? 96  GLU A OE1 1 
ATOM   670  O  OE2 . GLU A 1 104 ? 8.311   -15.805 15.202  1.00 73.13  ? 96  GLU A OE2 1 
ATOM   671  N  N   . ASN A 1 105 ? 5.984   -12.063 11.905  1.00 61.44  ? 97  ASN A N   1 
ATOM   672  C  CA  . ASN A 1 105 ? 6.742   -10.825 11.600  1.00 58.13  ? 97  ASN A CA  1 
ATOM   673  C  C   . ASN A 1 105 ? 5.932   -9.523  11.787  1.00 56.87  ? 97  ASN A C   1 
ATOM   674  O  O   . ASN A 1 105 ? 6.477   -8.491  12.183  1.00 53.99  ? 97  ASN A O   1 
ATOM   675  C  CB  . ASN A 1 105 ? 7.297   -10.863 10.155  1.00 56.90  ? 97  ASN A CB  1 
ATOM   676  C  CG  . ASN A 1 105 ? 8.608   -11.641 10.028  1.00 55.96  ? 97  ASN A CG  1 
ATOM   677  O  OD1 . ASN A 1 105 ? 9.124   -11.822 8.927   1.00 51.79  ? 97  ASN A OD1 1 
ATOM   678  N  ND2 . ASN A 1 105 ? 9.151   -12.093 11.151  1.00 52.81  ? 97  ASN A ND2 1 
ATOM   679  N  N   . ILE A 1 106 ? 4.632   -9.570  11.504  1.00 56.33  ? 98  ILE A N   1 
ATOM   680  C  CA  . ILE A 1 106 ? 3.825   -8.344  11.422  1.00 58.45  ? 98  ILE A CA  1 
ATOM   681  C  C   . ILE A 1 106 ? 3.937   -7.449  12.685  1.00 57.84  ? 98  ILE A C   1 
ATOM   682  O  O   . ILE A 1 106 ? 3.647   -7.879  13.804  1.00 55.28  ? 98  ILE A O   1 
ATOM   683  C  CB  . ILE A 1 106 ? 2.334   -8.682  11.015  1.00 55.95  ? 98  ILE A CB  1 
ATOM   684  C  CG1 . ILE A 1 106 ? 2.246   -8.808  9.485   1.00 57.56  ? 98  ILE A CG1 1 
ATOM   685  C  CG2 . ILE A 1 106 ? 1.342   -7.623  11.489  1.00 54.96  ? 98  ILE A CG2 1 
ATOM   686  C  CD1 . ILE A 1 106 ? 1.088   -9.668  8.980   1.00 57.99  ? 98  ILE A CD1 1 
HETATM 687  N  N   . MSE A 1 111 ? 5.346   -4.435  17.803  1.00 97.11  ? 103 MSE A N   1 
HETATM 688  C  CA  . MSE A 1 111 ? 5.685   -4.861  19.160  1.00 98.56  ? 103 MSE A CA  1 
HETATM 689  C  C   . MSE A 1 111 ? 6.575   -3.938  20.013  1.00 89.22  ? 103 MSE A C   1 
HETATM 690  O  O   . MSE A 1 111 ? 6.101   -3.531  21.072  1.00 90.05  ? 103 MSE A O   1 
HETATM 691  C  CB  . MSE A 1 111 ? 6.263   -6.286  19.212  1.00 102.74 ? 103 MSE A CB  1 
HETATM 692  C  CG  . MSE A 1 111 ? 6.106   -6.945  20.602  1.00 106.02 ? 103 MSE A CG  1 
HETATM 693  SE SE  . MSE A 1 111 ? 7.599   -8.122  21.226  1.00 113.03 ? 103 MSE A SE  1 
HETATM 694  C  CE  . MSE A 1 111 ? 6.761   -8.892  22.922  1.00 108.98 ? 103 MSE A CE  1 
ATOM   695  N  N   . THR A 1 112 ? 7.818   -3.566  19.670  1.00 80.29  ? 104 THR A N   1 
ATOM   696  C  CA  . THR A 1 112 ? 8.456   -3.269  18.352  1.00 71.42  ? 104 THR A CA  1 
ATOM   697  C  C   . THR A 1 112 ? 8.022   -1.941  17.682  1.00 67.45  ? 104 THR A C   1 
ATOM   698  O  O   . THR A 1 112 ? 8.883   -1.113  17.362  1.00 67.34  ? 104 THR A O   1 
ATOM   699  C  CB  . THR A 1 112 ? 8.728   -4.495  17.377  1.00 74.13  ? 104 THR A CB  1 
ATOM   700  O  OG1 . THR A 1 112 ? 9.879   -4.180  16.584  1.00 72.81  ? 104 THR A OG1 1 
ATOM   701  C  CG2 . THR A 1 112 ? 7.570   -4.862  16.427  1.00 73.70  ? 104 THR A CG2 1 
ATOM   702  N  N   . GLU A 1 113 ? 6.722   -1.702  17.519  1.00 58.25  ? 105 GLU A N   1 
ATOM   703  C  CA  . GLU A 1 113 ? 6.221   -0.435  16.981  1.00 55.20  ? 105 GLU A CA  1 
ATOM   704  C  C   . GLU A 1 113 ? 6.848   -0.009  15.643  1.00 43.38  ? 105 GLU A C   1 
ATOM   705  O  O   . GLU A 1 113 ? 7.360   1.101   15.517  1.00 38.54  ? 105 GLU A O   1 
ATOM   706  C  CB  . GLU A 1 113 ? 6.391   0.706   18.000  1.00 55.40  ? 105 GLU A CB  1 
ATOM   707  C  CG  . GLU A 1 113 ? 5.732   0.472   19.345  1.00 56.82  ? 105 GLU A CG  1 
ATOM   708  C  CD  . GLU A 1 113 ? 5.818   1.686   20.256  0.50 56.45  ? 105 GLU A CD  1 
ATOM   709  O  OE1 . GLU A 1 113 ? 6.344   2.736   19.828  0.50 57.74  ? 105 GLU A OE1 1 
ATOM   710  O  OE2 . GLU A 1 113 ? 5.354   1.589   21.406  0.50 56.95  ? 105 GLU A OE2 1 
ATOM   711  N  N   . THR A 1 114 ? 6.789   -0.880  14.645  1.00 38.86  ? 106 THR A N   1 
ATOM   712  C  CA  . THR A 1 114 ? 7.252   -0.504  13.286  1.00 37.76  ? 106 THR A CA  1 
ATOM   713  C  C   . THR A 1 114 ? 6.101   -0.056  12.343  1.00 33.51  ? 106 THR A C   1 
ATOM   714  O  O   . THR A 1 114 ? 5.194   -0.848  12.052  1.00 32.40  ? 106 THR A O   1 
ATOM   715  C  CB  . THR A 1 114 ? 8.177   -1.616  12.647  1.00 41.52  ? 106 THR A CB  1 
ATOM   716  O  OG1 . THR A 1 114 ? 8.093   -1.595  11.214  1.00 42.90  ? 106 THR A OG1 1 
ATOM   717  C  CG2 . THR A 1 114 ? 7.865   -2.986  13.146  1.00 40.75  ? 106 THR A CG2 1 
ATOM   718  N  N   . PRO A 1 115 ? 6.134   1.215   11.876  1.00 29.86  ? 107 PRO A N   1 
ATOM   719  C  CA  . PRO A 1 115 ? 5.178   1.650   10.856  1.00 30.75  ? 107 PRO A CA  1 
ATOM   720  C  C   . PRO A 1 115 ? 5.369   0.946   9.503   1.00 31.89  ? 107 PRO A C   1 
ATOM   721  O  O   . PRO A 1 115 ? 6.441   1.049   8.883   1.00 29.07  ? 107 PRO A O   1 
ATOM   722  C  CB  . PRO A 1 115 ? 5.436   3.165   10.714  1.00 29.97  ? 107 PRO A CB  1 
ATOM   723  C  CG  . PRO A 1 115 ? 6.451   3.534   11.752  1.00 29.86  ? 107 PRO A CG  1 
ATOM   724  C  CD  . PRO A 1 115 ? 7.078   2.290   12.251  1.00 30.52  ? 107 PRO A CD  1 
ATOM   725  N  N   . VAL A 1 116 ? 4.331   0.235   9.070   1.00 30.60  ? 108 VAL A N   1 
ATOM   726  C  CA  . VAL A 1 116 ? 4.296   -0.433  7.764   1.00 28.77  ? 108 VAL A CA  1 
ATOM   727  C  C   . VAL A 1 116 ? 2.848   -0.672  7.319   1.00 27.04  ? 108 VAL A C   1 
ATOM   728  O  O   . VAL A 1 116 ? 1.996   -0.888  8.156   1.00 29.81  ? 108 VAL A O   1 
ATOM   729  C  CB  . VAL A 1 116 ? 5.097   -1.743  7.783   1.00 27.21  ? 108 VAL A CB  1 
ATOM   730  C  CG1 . VAL A 1 116 ? 4.559   -2.743  8.823   1.00 29.91  ? 108 VAL A CG1 1 
ATOM   731  C  CG2 . VAL A 1 116 ? 5.153   -2.391  6.375   1.00 28.20  ? 108 VAL A CG2 1 
ATOM   732  N  N   . VAL A 1 117 ? 2.584   -0.595  6.011   1.00 29.16  ? 109 VAL A N   1 
ATOM   733  C  CA  . VAL A 1 117 ? 1.268   -0.964  5.404   1.00 27.98  ? 109 VAL A CA  1 
ATOM   734  C  C   . VAL A 1 117 ? 1.366   -2.300  4.696   1.00 27.16  ? 109 VAL A C   1 
ATOM   735  O  O   . VAL A 1 117 ? 2.233   -2.497  3.855   1.00 25.00  ? 109 VAL A O   1 
ATOM   736  C  CB  . VAL A 1 117 ? 0.804   0.133   4.440   1.00 27.90  ? 109 VAL A CB  1 
ATOM   737  C  CG1 . VAL A 1 117 ? -0.495  -0.221  3.718   1.00 28.38  ? 109 VAL A CG1 1 
ATOM   738  C  CG2 . VAL A 1 117 ? 0.639   1.406   5.213   1.00 26.78  ? 109 VAL A CG2 1 
ATOM   739  N  N   . ILE A 1 118 ? 0.513   -3.244  5.074   1.00 29.14  ? 110 ILE A N   1 
ATOM   740  C  CA  . ILE A 1 118 ? 0.451   -4.544  4.415   1.00 29.66  ? 110 ILE A CA  1 
ATOM   741  C  C   . ILE A 1 118 ? -0.888  -4.685  3.690   1.00 29.52  ? 110 ILE A C   1 
ATOM   742  O  O   . ILE A 1 118 ? -1.952  -4.698  4.326   1.00 30.49  ? 110 ILE A O   1 
ATOM   743  C  CB  . ILE A 1 118 ? 0.582   -5.732  5.393   1.00 30.24  ? 110 ILE A CB  1 
ATOM   744  C  CG1 . ILE A 1 118 ? 1.955   -5.751  6.091   1.00 33.96  ? 110 ILE A CG1 1 
ATOM   745  C  CG2 . ILE A 1 118 ? 0.335   -7.044  4.647   1.00 29.13  ? 110 ILE A CG2 1 
ATOM   746  C  CD1 . ILE A 1 118 ? 1.968   -5.093  7.461   1.00 36.04  ? 110 ILE A CD1 1 
ATOM   747  N  N   . VAL A 1 119 ? -0.823  -4.797  2.360   1.00 30.96  ? 111 VAL A N   1 
ATOM   748  C  CA  . VAL A 1 119 ? -2.000  -5.083  1.537   1.00 27.49  ? 111 VAL A CA  1 
ATOM   749  C  C   . VAL A 1 119 ? -2.164  -6.575  1.490   1.00 27.16  ? 111 VAL A C   1 
ATOM   750  O  O   . VAL A 1 119 ? -1.273  -7.287  1.063   1.00 30.03  ? 111 VAL A O   1 
ATOM   751  C  CB  . VAL A 1 119 ? -1.884  -4.516  0.110   1.00 28.09  ? 111 VAL A CB  1 
ATOM   752  C  CG1 . VAL A 1 119 ? -3.201  -4.759  -0.700  1.00 29.94  ? 111 VAL A CG1 1 
ATOM   753  C  CG2 . VAL A 1 119 ? -1.596  -3.052  0.164   1.00 26.26  ? 111 VAL A CG2 1 
ATOM   754  N  N   . ASP A 1 120 ? -3.281  -7.046  2.015   1.00 32.34  ? 112 ASP A N   1 
ATOM   755  C  CA  . ASP A 1 120 ? -3.653  -8.445  1.943   1.00 36.33  ? 112 ASP A CA  1 
ATOM   756  C  C   . ASP A 1 120 ? -4.776  -8.567  0.895   1.00 36.55  ? 112 ASP A C   1 
ATOM   757  O  O   . ASP A 1 120 ? -5.853  -8.013  1.085   1.00 34.58  ? 112 ASP A O   1 
ATOM   758  C  CB  . ASP A 1 120 ? -4.143  -8.893  3.319   1.00 37.55  ? 112 ASP A CB  1 
ATOM   759  C  CG  . ASP A 1 120 ? -4.568  -10.360 3.366   1.00 41.36  ? 112 ASP A CG  1 
ATOM   760  O  OD1 . ASP A 1 120 ? -4.169  -11.184 2.510   1.00 42.27  ? 112 ASP A OD1 1 
ATOM   761  O  OD2 . ASP A 1 120 ? -5.315  -10.684 4.309   1.00 47.08  ? 112 ASP A OD2 1 
ATOM   762  N  N   . VAL A 1 121 ? -4.536  -9.285  -0.195  1.00 40.31  ? 113 VAL A N   1 
ATOM   763  C  CA  . VAL A 1 121 ? -5.617  -9.531  -1.189  1.00 42.56  ? 113 VAL A CA  1 
ATOM   764  C  C   . VAL A 1 121 ? -6.369  -10.841 -0.940  1.00 46.01  ? 113 VAL A C   1 
ATOM   765  O  O   . VAL A 1 121 ? -5.827  -11.926 -1.103  1.00 47.44  ? 113 VAL A O   1 
ATOM   766  C  CB  . VAL A 1 121 ? -5.090  -9.497  -2.633  1.00 42.05  ? 113 VAL A CB  1 
ATOM   767  C  CG1 . VAL A 1 121 ? -6.245  -9.635  -3.647  1.00 42.95  ? 113 VAL A CG1 1 
ATOM   768  C  CG2 . VAL A 1 121 ? -4.316  -8.201  -2.865  1.00 42.79  ? 113 VAL A CG2 1 
ATOM   769  N  N   . GLN A 1 122 ? -7.618  -10.709 -0.521  1.00 51.65  ? 114 GLN A N   1 
ATOM   770  C  CA  . GLN A 1 122 ? -8.571  -11.821 -0.408  1.00 57.19  ? 114 GLN A CA  1 
ATOM   771  C  C   . GLN A 1 122 ? -8.458  -12.462 0.957   1.00 60.48  ? 114 GLN A C   1 
ATOM   772  O  O   . GLN A 1 122 ? -8.980  -11.910 1.929   1.00 65.54  ? 114 GLN A O   1 
ATOM   773  C  CB  . GLN A 1 122 ? -8.433  -12.856 -1.545  1.00 58.17  ? 114 GLN A CB  1 
ATOM   774  N  N   . ASP A 1 149 ? -8.527  -14.043 15.747  1.00 72.67  ? 141 ASP A N   1 
ATOM   775  C  CA  . ASP A 1 149 ? -8.244  -13.320 16.988  1.00 74.11  ? 141 ASP A CA  1 
ATOM   776  C  C   . ASP A 1 149 ? -7.013  -12.433 16.806  1.00 71.60  ? 141 ASP A C   1 
ATOM   777  O  O   . ASP A 1 149 ? -5.900  -12.942 16.660  1.00 72.88  ? 141 ASP A O   1 
ATOM   778  C  CB  . ASP A 1 149 ? -7.995  -14.301 18.148  1.00 76.23  ? 141 ASP A CB  1 
ATOM   779  C  CG  . ASP A 1 149 ? -9.263  -15.008 18.621  1.00 78.71  ? 141 ASP A CG  1 
ATOM   780  O  OD1 . ASP A 1 149 ? -10.364 -14.412 18.554  1.00 80.49  ? 141 ASP A OD1 1 
ATOM   781  O  OD2 . ASP A 1 149 ? -9.155  -16.166 19.087  1.00 80.95  ? 141 ASP A OD2 1 
ATOM   782  N  N   . HIS A 1 150 ? -7.201  -11.116 16.812  1.00 66.73  ? 142 HIS A N   1 
ATOM   783  C  CA  . HIS A 1 150 ? -6.068  -10.187 16.688  1.00 61.80  ? 142 HIS A CA  1 
ATOM   784  C  C   . HIS A 1 150 ? -6.414  -8.801  17.200  1.00 57.79  ? 142 HIS A C   1 
ATOM   785  O  O   . HIS A 1 150 ? -7.578  -8.508  17.469  1.00 56.75  ? 142 HIS A O   1 
ATOM   786  C  CB  . HIS A 1 150 ? -5.628  -10.074 15.229  1.00 60.60  ? 142 HIS A CB  1 
ATOM   787  C  CG  . HIS A 1 150 ? -6.662  -9.461  14.334  1.00 59.80  ? 142 HIS A CG  1 
ATOM   788  N  ND1 . HIS A 1 150 ? -6.744  -8.104  14.109  1.00 57.89  ? 142 HIS A ND1 1 
ATOM   789  C  CD2 . HIS A 1 150 ? -7.660  -10.023 13.609  1.00 58.53  ? 142 HIS A CD2 1 
ATOM   790  C  CE1 . HIS A 1 150 ? -7.742  -7.857  13.280  1.00 57.44  ? 142 HIS A CE1 1 
ATOM   791  N  NE2 . HIS A 1 150 ? -8.313  -9.006  12.961  1.00 57.05  ? 142 HIS A NE2 1 
ATOM   792  N  N   . SER A 1 151 ? -5.395  -7.956  17.329  1.00 53.66  ? 143 SER A N   1 
ATOM   793  C  CA  . SER A 1 151 ? -5.593  -6.536  17.642  1.00 52.52  ? 143 SER A CA  1 
ATOM   794  C  C   . SER A 1 151 ? -4.724  -5.692  16.717  1.00 47.28  ? 143 SER A C   1 
ATOM   795  O  O   . SER A 1 151 ? -3.885  -4.900  17.151  1.00 48.45  ? 143 SER A O   1 
ATOM   796  C  CB  . SER A 1 151 ? -5.320  -6.240  19.131  1.00 52.92  ? 143 SER A CB  1 
ATOM   797  O  OG  . SER A 1 151 ? -6.367  -6.763  19.943  1.00 55.35  ? 143 SER A OG  1 
ATOM   798  N  N   . LEU A 1 152 ? -4.948  -5.892  15.430  1.00 42.39  ? 144 LEU A N   1 
ATOM   799  C  CA  . LEU A 1 152 ? -4.384  -5.065  14.384  1.00 38.89  ? 144 LEU A CA  1 
ATOM   800  C  C   . LEU A 1 152 ? -5.423  -4.072  13.892  1.00 34.87  ? 144 LEU A C   1 
ATOM   801  O  O   . LEU A 1 152 ? -6.635  -4.331  13.938  1.00 32.98  ? 144 LEU A O   1 
ATOM   802  C  CB  . LEU A 1 152 ? -3.909  -5.936  13.222  1.00 41.21  ? 144 LEU A CB  1 
ATOM   803  C  CG  . LEU A 1 152 ? -2.795  -6.922  13.582  1.00 42.97  ? 144 LEU A CG  1 
ATOM   804  C  CD1 . LEU A 1 152 ? -2.718  -8.051  12.595  1.00 44.66  ? 144 LEU A CD1 1 
ATOM   805  C  CD2 . LEU A 1 152 ? -1.451  -6.189  13.674  1.00 46.52  ? 144 LEU A CD2 1 
ATOM   806  N  N   . ILE A 1 153 ? -4.930  -2.922  13.449  1.00 31.73  ? 145 ILE A N   1 
ATOM   807  C  CA  . ILE A 1 153 ? -5.734  -1.965  12.734  1.00 34.01  ? 145 ILE A CA  1 
ATOM   808  C  C   . ILE A 1 153 ? -5.895  -2.511  11.296  1.00 36.83  ? 145 ILE A C   1 
ATOM   809  O  O   . ILE A 1 153 ? -4.913  -2.886  10.654  1.00 33.29  ? 145 ILE A O   1 
ATOM   810  C  CB  . ILE A 1 153 ? -5.088  -0.576  12.708  1.00 32.40  ? 145 ILE A CB  1 
ATOM   811  C  CG1 . ILE A 1 153 ? -4.858  -0.044  14.137  1.00 31.43  ? 145 ILE A CG1 1 
ATOM   812  C  CG2 . ILE A 1 153 ? -5.938  0.366   11.898  1.00 32.87  ? 145 ILE A CG2 1 
ATOM   813  C  CD1 . ILE A 1 153 ? -3.942  1.204   14.220  1.00 30.43  ? 145 ILE A CD1 1 
ATOM   814  N  N   . VAL A 1 154 ? -7.142  -2.579  10.829  1.00 37.74  ? 146 VAL A N   1 
ATOM   815  C  CA  . VAL A 1 154 ? -7.482  -3.157  9.530   1.00 37.84  ? 146 VAL A CA  1 
ATOM   816  C  C   . VAL A 1 154 ? -8.503  -2.284  8.825   1.00 38.44  ? 146 VAL A C   1 
ATOM   817  O  O   . VAL A 1 154 ? -9.509  -1.942  9.414   1.00 42.05  ? 146 VAL A O   1 
ATOM   818  C  CB  . VAL A 1 154 ? -8.066  -4.566  9.682   1.00 38.14  ? 146 VAL A CB  1 
ATOM   819  C  CG1 . VAL A 1 154 ? -8.346  -5.195  8.287   1.00 40.47  ? 146 VAL A CG1 1 
ATOM   820  C  CG2 . VAL A 1 154 ? -7.124  -5.449  10.464  1.00 35.30  ? 146 VAL A CG2 1 
ATOM   821  N  N   . LEU A 1 155 ? -8.230  -1.907  7.577   1.00 39.14  ? 147 LEU A N   1 
ATOM   822  C  CA  . LEU A 1 155 ? -9.184  -1.196  6.729   1.00 34.86  ? 147 LEU A CA  1 
ATOM   823  C  C   . LEU A 1 155 ? -9.520  -2.103  5.540   1.00 36.66  ? 147 LEU A C   1 
ATOM   824  O  O   . LEU A 1 155 ? -8.623  -2.712  4.920   1.00 30.61  ? 147 LEU A O   1 
ATOM   825  C  CB  . LEU A 1 155 ? -8.604  0.116   6.206   1.00 37.42  ? 147 LEU A CB  1 
ATOM   826  C  CG  . LEU A 1 155 ? -8.241  1.234   7.198   1.00 39.88  ? 147 LEU A CG  1 
ATOM   827  C  CD1 . LEU A 1 155 ? -6.892  0.984   7.779   1.00 40.20  ? 147 LEU A CD1 1 
ATOM   828  C  CD2 . LEU A 1 155 ? -8.246  2.601   6.528   1.00 40.06  ? 147 LEU A CD2 1 
ATOM   829  N  N   . SER A 1 156 ? -10.811 -2.166  5.217   1.00 36.14  ? 148 SER A N   1 
ATOM   830  C  CA  . SER A 1 156 ? -11.359 -3.058  4.179   1.00 38.61  ? 148 SER A CA  1 
ATOM   831  C  C   . SER A 1 156 ? -12.196 -2.265  3.178   1.00 36.94  ? 148 SER A C   1 
ATOM   832  O  O   . SER A 1 156 ? -13.391 -2.099  3.408   1.00 32.31  ? 148 SER A O   1 
ATOM   833  C  CB  . SER A 1 156 ? -12.263 -4.099  4.821   1.00 39.60  ? 148 SER A CB  1 
ATOM   834  O  OG  . SER A 1 156 ? -11.513 -5.179  5.319   1.00 44.53  ? 148 SER A OG  1 
ATOM   835  N  N   . PRO A 1 157 ? -11.570 -1.761  2.086   1.00 34.53  ? 149 PRO A N   1 
ATOM   836  C  CA  . PRO A 1 157 ? -12.321 -0.985  1.098   1.00 35.08  ? 149 PRO A CA  1 
ATOM   837  C  C   . PRO A 1 157 ? -13.258 -1.879  0.258   1.00 34.32  ? 149 PRO A C   1 
ATOM   838  O  O   . PRO A 1 157 ? -12.949 -3.042  -0.003  1.00 31.44  ? 149 PRO A O   1 
ATOM   839  C  CB  . PRO A 1 157 ? -11.230 -0.365  0.236   1.00 32.55  ? 149 PRO A CB  1 
ATOM   840  C  CG  . PRO A 1 157 ? -10.084 -1.312  0.324   1.00 32.57  ? 149 PRO A CG  1 
ATOM   841  C  CD  . PRO A 1 157 ? -10.149 -1.909  1.703   1.00 33.86  ? 149 PRO A CD  1 
ATOM   842  N  N   . SER A 1 158 ? -14.409 -1.327  -0.112  1.00 38.05  ? 150 SER A N   1 
ATOM   843  C  CA  . SER A 1 158 ? -15.416 -2.051  -0.922  1.00 39.75  ? 150 SER A CA  1 
ATOM   844  C  C   . SER A 1 158 ? -15.650 -1.386  -2.273  1.00 38.83  ? 150 SER A C   1 
ATOM   845  O  O   . SER A 1 158 ? -16.247 -1.979  -3.149  1.00 41.54  ? 150 SER A O   1 
ATOM   846  C  CB  . SER A 1 158 ? -16.735 -2.144  -0.146  1.00 39.44  ? 150 SER A CB  1 
ATOM   847  O  OG  . SER A 1 158 ? -17.250 -0.842  0.057   1.00 40.49  ? 150 SER A OG  1 
ATOM   848  N  N   . THR A 1 159 ? -15.162 -0.156  -2.426  1.00 39.06  ? 151 THR A N   1 
ATOM   849  C  CA  . THR A 1 159 ? -15.174 0.565   -3.673  1.00 37.47  ? 151 THR A CA  1 
ATOM   850  C  C   . THR A 1 159 ? -13.779 1.112   -4.009  1.00 40.54  ? 151 THR A C   1 
ATOM   851  O  O   . THR A 1 159 ? -12.864 1.129   -3.147  1.00 39.81  ? 151 THR A O   1 
ATOM   852  C  CB  . THR A 1 159 ? -16.127 1.755   -3.603  1.00 38.72  ? 151 THR A CB  1 
ATOM   853  O  OG1 . THR A 1 159 ? -15.570 2.779   -2.771  1.00 39.25  ? 151 THR A OG1 1 
ATOM   854  C  CG2 . THR A 1 159 ? -17.485 1.328   -3.030  1.00 42.06  ? 151 THR A CG2 1 
ATOM   855  N  N   . VAL A 1 160 ? -13.641 1.575   -5.256  1.00 35.04  ? 152 VAL A N   1 
ATOM   856  C  CA  . VAL A 1 160 ? -12.407 2.181   -5.760  1.00 34.02  ? 152 VAL A CA  1 
ATOM   857  C  C   . VAL A 1 160 ? -12.091 3.461   -5.003  1.00 34.51  ? 152 VAL A C   1 
ATOM   858  O  O   . VAL A 1 160 ? -10.930 3.700   -4.680  1.00 35.78  ? 152 VAL A O   1 
ATOM   859  C  CB  . VAL A 1 160 ? -12.460 2.461   -7.282  1.00 28.40  ? 152 VAL A CB  1 
ATOM   860  C  CG1 . VAL A 1 160 ? -11.223 3.167   -7.770  1.00 29.06  ? 152 VAL A CG1 1 
ATOM   861  C  CG2 . VAL A 1 160 ? -12.644 1.166   -8.085  1.00 31.53  ? 152 VAL A CG2 1 
ATOM   862  N  N   . GLN A 1 161 ? -13.107 4.285   -4.742  1.00 34.44  ? 153 GLN A N   1 
ATOM   863  C  CA  . GLN A 1 161 ? -12.948 5.490   -3.907  1.00 32.75  ? 153 GLN A CA  1 
ATOM   864  C  C   . GLN A 1 161 ? -12.361 5.131   -2.523  1.00 34.37  ? 153 GLN A C   1 
ATOM   865  O  O   . GLN A 1 161 ? -11.447 5.794   -2.043  1.00 35.47  ? 153 GLN A O   1 
ATOM   866  C  CB  . GLN A 1 161 ? -14.280 6.192   -3.716  1.00 33.27  ? 153 GLN A CB  1 
ATOM   867  C  CG  . GLN A 1 161 ? -14.224 7.490   -2.883  1.00 32.06  ? 153 GLN A CG  1 
ATOM   868  C  CD  . GLN A 1 161 ? -13.453 8.569   -3.575  1.00 35.98  ? 153 GLN A CD  1 
ATOM   869  O  OE1 . GLN A 1 161 ? -13.774 8.939   -4.700  1.00 37.56  ? 153 GLN A OE1 1 
ATOM   870  N  NE2 . GLN A 1 161 ? -12.426 9.101   -2.906  1.00 38.82  ? 153 GLN A NE2 1 
ATOM   871  N  N   . GLU A 1 162 ? -12.885 4.072   -1.916  1.00 34.73  ? 154 GLU A N   1 
ATOM   872  C  CA  . GLU A 1 162 ? -12.391 3.578   -0.632  1.00 34.90  ? 154 GLU A CA  1 
ATOM   873  C  C   . GLU A 1 162 ? -10.992 2.962   -0.701  1.00 34.00  ? 154 GLU A C   1 
ATOM   874  O  O   . GLU A 1 162 ? -10.227 3.109   0.235   1.00 29.69  ? 154 GLU A O   1 
ATOM   875  C  CB  . GLU A 1 162 ? -13.367 2.573   -0.042  1.00 33.90  ? 154 GLU A CB  1 
ATOM   876  C  CG  . GLU A 1 162 ? -14.620 3.243   0.466   1.00 35.06  ? 154 GLU A CG  1 
ATOM   877  C  CD  . GLU A 1 162 ? -15.558 2.286   1.162   1.00 34.23  ? 154 GLU A CD  1 
ATOM   878  O  OE1 . GLU A 1 162 ? -15.395 1.059   1.005   1.00 37.46  ? 154 GLU A OE1 1 
ATOM   879  O  OE2 . GLU A 1 162 ? -16.447 2.781   1.891   1.00 38.78  ? 154 GLU A OE2 1 
ATOM   880  N  N   . ALA A 1 163 ? -10.669 2.268   -1.792  1.00 32.88  ? 155 ALA A N   1 
ATOM   881  C  CA  . ALA A 1 163 ? -9.302  1.820   -2.033  1.00 29.30  ? 155 ALA A CA  1 
ATOM   882  C  C   . ALA A 1 163 ? -8.317  3.004   -2.005  1.00 30.56  ? 155 ALA A C   1 
ATOM   883  O  O   . ALA A 1 163 ? -7.276  2.938   -1.342  1.00 27.46  ? 155 ALA A O   1 
ATOM   884  C  CB  . ALA A 1 163 ? -9.182  1.059   -3.326  1.00 28.77  ? 155 ALA A CB  1 
ATOM   885  N  N   . PHE A 1 164 ? -8.683  4.103   -2.654  1.00 29.13  ? 156 PHE A N   1 
ATOM   886  C  CA  . PHE A 1 164 ? -7.893  5.292   -2.567  1.00 28.58  ? 156 PHE A CA  1 
ATOM   887  C  C   . PHE A 1 164 ? -7.787  5.838   -1.132  1.00 33.03  ? 156 PHE A C   1 
ATOM   888  O  O   . PHE A 1 164 ? -6.674  5.907   -0.594  1.00 30.16  ? 156 PHE A O   1 
ATOM   889  C  CB  . PHE A 1 164 ? -8.394  6.380   -3.482  1.00 27.52  ? 156 PHE A CB  1 
ATOM   890  C  CG  . PHE A 1 164 ? -7.454  7.545   -3.575  1.00 26.91  ? 156 PHE A CG  1 
ATOM   891  C  CD1 . PHE A 1 164 ? -6.347  7.484   -4.403  1.00 29.14  ? 156 PHE A CD1 1 
ATOM   892  C  CD2 . PHE A 1 164 ? -7.641  8.682   -2.796  1.00 31.32  ? 156 PHE A CD2 1 
ATOM   893  C  CE1 . PHE A 1 164 ? -5.453  8.544   -4.475  1.00 27.01  ? 156 PHE A CE1 1 
ATOM   894  C  CE2 . PHE A 1 164 ? -6.729  9.743   -2.838  1.00 29.27  ? 156 PHE A CE2 1 
ATOM   895  C  CZ  . PHE A 1 164 ? -5.647  9.663   -3.690  1.00 31.03  ? 156 PHE A CZ  1 
ATOM   896  N  N   . ASP A 1 165 ? -8.933  6.217   -0.549  1.00 30.81  ? 157 ASP A N   1 
ATOM   897  C  CA  . ASP A 1 165 ? -8.998  6.927   0.719   1.00 30.15  ? 157 ASP A CA  1 
ATOM   898  C  C   . ASP A 1 165 ? -8.483  6.076   1.892   1.00 29.10  ? 157 ASP A C   1 
ATOM   899  O  O   . ASP A 1 165 ? -7.859  6.598   2.784   1.00 27.44  ? 157 ASP A O   1 
ATOM   900  C  CB  . ASP A 1 165 ? -10.438 7.359   1.058   1.00 32.46  ? 157 ASP A CB  1 
ATOM   901  C  CG  . ASP A 1 165 ? -11.002 8.415   0.111   1.00 35.95  ? 157 ASP A CG  1 
ATOM   902  O  OD1 . ASP A 1 165 ? -10.267 9.287   -0.395  1.00 36.38  ? 157 ASP A OD1 1 
ATOM   903  O  OD2 . ASP A 1 165 ? -12.233 8.386   -0.101  1.00 38.60  ? 157 ASP A OD2 1 
ATOM   904  N  N   . PHE A 1 166 ? -8.811  4.791   1.901   1.00 25.69  ? 158 PHE A N   1 
ATOM   905  C  CA  . PHE A 1 166 ? -8.378  3.908   2.930   1.00 25.10  ? 158 PHE A CA  1 
ATOM   906  C  C   . PHE A 1 166 ? -6.864  3.649   2.846   1.00 29.86  ? 158 PHE A C   1 
ATOM   907  O  O   . PHE A 1 166 ? -6.233  3.343   3.875   1.00 26.79  ? 158 PHE A O   1 
ATOM   908  C  CB  . PHE A 1 166 ? -9.124  2.570   2.891   1.00 28.62  ? 158 PHE A CB  1 
ATOM   909  C  CG  . PHE A 1 166 ? -10.590 2.631   3.318   1.00 30.30  ? 158 PHE A CG  1 
ATOM   910  C  CD1 . PHE A 1 166 ? -11.319 3.807   3.318   1.00 30.98  ? 158 PHE A CD1 1 
ATOM   911  C  CD2 . PHE A 1 166 ? -11.244 1.471   3.662   1.00 30.62  ? 158 PHE A CD2 1 
ATOM   912  C  CE1 . PHE A 1 166 ? -12.669 3.807   3.676   1.00 32.04  ? 158 PHE A CE1 1 
ATOM   913  C  CE2 . PHE A 1 166 ? -12.584 1.478   4.021   1.00 33.04  ? 158 PHE A CE2 1 
ATOM   914  C  CZ  . PHE A 1 166 ? -13.289 2.653   4.026   1.00 29.07  ? 158 PHE A CZ  1 
ATOM   915  N  N   . THR A 1 167 ? -6.287  3.723   1.638   1.00 28.46  ? 159 THR A N   1 
ATOM   916  C  CA  . THR A 1 167 ? -4.842  3.541   1.489   1.00 28.61  ? 159 THR A CA  1 
ATOM   917  C  C   . THR A 1 167 ? -4.102  4.739   2.144   1.00 29.47  ? 159 THR A C   1 
ATOM   918  O  O   . THR A 1 167 ? -3.169  4.538   2.919   1.00 25.02  ? 159 THR A O   1 
ATOM   919  C  CB  . THR A 1 167 ? -4.424  3.287   0.013   1.00 25.44  ? 159 THR A CB  1 
ATOM   920  O  OG1 . THR A 1 167 ? -4.905  1.993   -0.385  1.00 25.15  ? 159 THR A OG1 1 
ATOM   921  C  CG2 . THR A 1 167 ? -2.902  3.298   -0.143  1.00 26.39  ? 159 THR A CG2 1 
ATOM   922  N  N   . ILE A 1 168 ? -4.554  5.959   1.863   1.00 25.26  ? 160 ILE A N   1 
ATOM   923  C  CA  . ILE A 1 168 ? -4.012  7.135   2.514   1.00 30.56  ? 160 ILE A CA  1 
ATOM   924  C  C   . ILE A 1 168 ? -4.196  7.081   4.033   1.00 32.79  ? 160 ILE A C   1 
ATOM   925  O  O   . ILE A 1 168 ? -3.261  7.397   4.793   1.00 31.97  ? 160 ILE A O   1 
ATOM   926  C  CB  . ILE A 1 168 ? -4.600  8.422   1.924   1.00 33.45  ? 160 ILE A CB  1 
ATOM   927  C  CG1 . ILE A 1 168 ? -3.999  8.665   0.541   1.00 35.21  ? 160 ILE A CG1 1 
ATOM   928  C  CG2 . ILE A 1 168 ? -4.313  9.622   2.832   1.00 32.82  ? 160 ILE A CG2 1 
ATOM   929  C  CD1 . ILE A 1 168 ? -4.735  9.668   -0.234  1.00 39.84  ? 160 ILE A CD1 1 
ATOM   930  N  N   . ARG A 1 169 ? -5.386  6.674   4.474   1.00 30.41  ? 161 ARG A N   1 
ATOM   931  C  CA  . ARG A 1 169 ? -5.653  6.557   5.880   1.00 31.36  ? 161 ARG A CA  1 
ATOM   932  C  C   . ARG A 1 169 ? -4.751  5.502   6.520   1.00 28.77  ? 161 ARG A C   1 
ATOM   933  O  O   . ARG A 1 169 ? -4.316  5.693   7.651   1.00 28.18  ? 161 ARG A O   1 
ATOM   934  C  CB  . ARG A 1 169 ? -7.140  6.297   6.138   1.00 35.16  ? 161 ARG A CB  1 
ATOM   935  C  CG  . ARG A 1 169 ? -7.515  6.128   7.612   1.00 39.27  ? 161 ARG A CG  1 
ATOM   936  C  CD  . ARG A 1 169 ? -8.921  6.676   7.948   1.00 44.31  ? 161 ARG A CD  1 
ATOM   937  N  NE  . ARG A 1 169 ? -9.985  6.184   7.065   1.00 48.24  ? 161 ARG A NE  1 
ATOM   938  C  CZ  . ARG A 1 169 ? -10.702 6.937   6.215   1.00 50.75  ? 161 ARG A CZ  1 
ATOM   939  N  NH1 . ARG A 1 169 ? -11.639 6.352   5.485   1.00 49.26  ? 161 ARG A NH1 1 
ATOM   940  N  NH2 . ARG A 1 169 ? -10.500 8.251   6.058   1.00 51.24  ? 161 ARG A NH2 1 
ATOM   941  N  N   . ALA A 1 170 ? -4.444  4.410   5.805   1.00 26.96  ? 162 ALA A N   1 
ATOM   942  C  CA  . ALA A 1 170 ? -3.616  3.354   6.363   1.00 24.62  ? 162 ALA A CA  1 
ATOM   943  C  C   . ALA A 1 170 ? -2.178  3.832   6.617   1.00 25.63  ? 162 ALA A C   1 
ATOM   944  O  O   . ALA A 1 170 ? -1.598  3.459   7.611   1.00 25.44  ? 162 ALA A O   1 
ATOM   945  C  CB  . ALA A 1 170 ? -3.604  2.140   5.478   1.00 25.89  ? 162 ALA A CB  1 
ATOM   946  N  N   . PHE A 1 171 ? -1.615  4.623   5.704   1.00 25.27  ? 163 PHE A N   1 
ATOM   947  C  CA  . PHE A 1 171 ? -0.295  5.195   5.917   1.00 31.02  ? 163 PHE A CA  1 
ATOM   948  C  C   . PHE A 1 171 ? -0.358  6.169   7.100   1.00 29.87  ? 163 PHE A C   1 
ATOM   949  O  O   . PHE A 1 171 ? 0.489   6.091   8.001   1.00 29.13  ? 163 PHE A O   1 
ATOM   950  C  CB  . PHE A 1 171 ? 0.268   5.868   4.656   1.00 28.82  ? 163 PHE A CB  1 
ATOM   951  C  CG  . PHE A 1 171 ? 0.844   4.901   3.679   1.00 29.17  ? 163 PHE A CG  1 
ATOM   952  C  CD1 . PHE A 1 171 ? 0.107   4.475   2.570   1.00 28.88  ? 163 PHE A CD1 1 
ATOM   953  C  CD2 . PHE A 1 171 ? 2.101   4.384   3.878   1.00 29.85  ? 163 PHE A CD2 1 
ATOM   954  C  CE1 . PHE A 1 171 ? 0.607   3.537   1.702   1.00 29.96  ? 163 PHE A CE1 1 
ATOM   955  C  CE2 . PHE A 1 171 ? 2.629   3.463   2.993   1.00 32.95  ? 163 PHE A CE2 1 
ATOM   956  C  CZ  . PHE A 1 171 ? 1.875   3.035   1.889   1.00 30.71  ? 163 PHE A CZ  1 
ATOM   957  N  N   . ASN A 1 172 ? -1.369  7.039   7.123   1.00 27.47  ? 164 ASN A N   1 
ATOM   958  C  CA  . ASN A 1 172 ? -1.522  7.982   8.235   1.00 29.51  ? 164 ASN A CA  1 
ATOM   959  C  C   . ASN A 1 172 ? -1.637  7.295   9.572   1.00 29.59  ? 164 ASN A C   1 
ATOM   960  O  O   . ASN A 1 172 ? -1.009  7.747   10.509  1.00 30.06  ? 164 ASN A O   1 
ATOM   961  C  CB  . ASN A 1 172 ? -2.678  8.955   8.049   1.00 30.42  ? 164 ASN A CB  1 
ATOM   962  C  CG  . ASN A 1 172 ? -2.382  9.961   7.020   1.00 32.55  ? 164 ASN A CG  1 
ATOM   963  O  OD1 . ASN A 1 172 ? -1.233  10.088  6.638   1.00 32.39  ? 164 ASN A OD1 1 
ATOM   964  N  ND2 . ASN A 1 172 ? -3.410  10.681  6.529   1.00 31.03  ? 164 ASN A ND2 1 
ATOM   965  N  N   . LEU A 1 173 ? -2.361  6.179   9.649   1.00 29.75  ? 165 LEU A N   1 
ATOM   966  C  CA  . LEU A 1 173 ? -2.491  5.439   10.921  1.00 29.53  ? 165 LEU A CA  1 
ATOM   967  C  C   . LEU A 1 173 ? -1.197  4.743   11.326  1.00 28.85  ? 165 LEU A C   1 
ATOM   968  O  O   . LEU A 1 173 ? -0.926  4.643   12.514  1.00 25.14  ? 165 LEU A O   1 
ATOM   969  C  CB  . LEU A 1 173 ? -3.635  4.385   10.891  1.00 26.95  ? 165 LEU A CB  1 
ATOM   970  C  CG  . LEU A 1 173 ? -5.063  4.959   10.708  1.00 32.13  ? 165 LEU A CG  1 
ATOM   971  C  CD1 . LEU A 1 173 ? -6.068  3.850   10.325  1.00 32.92  ? 165 LEU A CD1 1 
ATOM   972  C  CD2 . LEU A 1 173 ? -5.547  5.742   11.943  1.00 32.42  ? 165 LEU A CD2 1 
ATOM   973  N  N   . SER A 1 174 ? -0.457  4.176   10.367  1.00 25.89  ? 166 SER A N   1 
ATOM   974  C  CA  . SER A 1 174 ? 0.756   3.427   10.720  1.00 28.94  ? 166 SER A CA  1 
ATOM   975  C  C   . SER A 1 174 ? 1.809   4.432   11.233  1.00 25.01  ? 166 SER A C   1 
ATOM   976  O  O   . SER A 1 174 ? 2.491   4.157   12.174  1.00 28.25  ? 166 SER A O   1 
ATOM   977  C  CB  . SER A 1 174 ? 1.312   2.567   9.568   1.00 24.82  ? 166 SER A CB  1 
ATOM   978  O  OG  . SER A 1 174 ? 1.818   3.361   8.527   1.00 26.99  ? 166 SER A OG  1 
ATOM   979  N  N   . GLU A 1 175 ? 1.885   5.594   10.626  1.00 26.64  ? 167 GLU A N   1 
ATOM   980  C  CA  . GLU A 1 175 ? 2.747   6.656   11.127  1.00 29.61  ? 167 GLU A CA  1 
ATOM   981  C  C   . GLU A 1 175 ? 2.300   7.233   12.487  1.00 32.10  ? 167 GLU A C   1 
ATOM   982  O  O   . GLU A 1 175 ? 3.118   7.303   13.411  1.00 34.98  ? 167 GLU A O   1 
ATOM   983  C  CB  . GLU A 1 175 ? 2.870   7.766   10.108  1.00 27.75  ? 167 GLU A CB  1 
ATOM   984  C  CG  . GLU A 1 175 ? 3.431   7.322   8.761   1.00 30.52  ? 167 GLU A CG  1 
ATOM   985  C  CD  . GLU A 1 175 ? 4.913   7.024   8.792   1.00 31.91  ? 167 GLU A CD  1 
ATOM   986  O  OE1 . GLU A 1 175 ? 5.616   7.784   9.445   1.00 35.31  ? 167 GLU A OE1 1 
ATOM   987  O  OE2 . GLU A 1 175 ? 5.372   6.031   8.182   1.00 31.12  ? 167 GLU A OE2 1 
ATOM   988  N  N   . LYS A 1 176 ? 1.027   7.627   12.609  1.00 34.85  ? 168 LYS A N   1 
ATOM   989  C  CA  . LYS A 1 176 ? 0.430   8.093   13.880  1.00 33.87  ? 168 LYS A CA  1 
ATOM   990  C  C   . LYS A 1 176 ? 0.636   7.129   15.046  1.00 33.90  ? 168 LYS A C   1 
ATOM   991  O  O   . LYS A 1 176 ? 1.015   7.553   16.139  1.00 33.12  ? 168 LYS A O   1 
ATOM   992  C  CB  . LYS A 1 176 ? -1.090  8.396   13.762  1.00 36.25  ? 168 LYS A CB  1 
ATOM   993  C  CG  . LYS A 1 176 ? -1.584  9.444   14.824  1.00 40.19  ? 168 LYS A CG  1 
ATOM   994  C  CD  . LYS A 1 176 ? -3.098  9.329   15.216  1.00 43.80  ? 168 LYS A CD  1 
ATOM   995  C  CE  . LYS A 1 176 ? -4.045  10.430  14.623  1.00 46.12  ? 168 LYS A CE  1 
ATOM   996  N  NZ  . LYS A 1 176 ? -5.494  10.185  14.931  1.00 42.73  ? 168 LYS A NZ  1 
ATOM   997  N  N   . TYR A 1 177 ? 0.386   5.841   14.846  1.00 26.79  ? 169 TYR A N   1 
ATOM   998  C  CA  . TYR A 1 177 ? 0.462   4.923   15.966  1.00 31.21  ? 169 TYR A CA  1 
ATOM   999  C  C   . TYR A 1 177 ? 1.699   4.048   15.953  1.00 32.68  ? 169 TYR A C   1 
ATOM   1000 O  O   . TYR A 1 177 ? 1.821   3.177   16.799  1.00 35.59  ? 169 TYR A O   1 
ATOM   1001 C  CB  . TYR A 1 177 ? -0.811  4.076   16.026  1.00 32.78  ? 169 TYR A CB  1 
ATOM   1002 C  CG  . TYR A 1 177 ? -2.049  4.917   16.276  1.00 31.03  ? 169 TYR A CG  1 
ATOM   1003 C  CD1 . TYR A 1 177 ? -2.246  5.541   17.509  1.00 30.97  ? 169 TYR A CD1 1 
ATOM   1004 C  CD2 . TYR A 1 177 ? -3.025  5.090   15.276  1.00 30.94  ? 169 TYR A CD2 1 
ATOM   1005 C  CE1 . TYR A 1 177 ? -3.400  6.343   17.751  1.00 32.05  ? 169 TYR A CE1 1 
ATOM   1006 C  CE2 . TYR A 1 177 ? -4.174  5.869   15.500  1.00 29.14  ? 169 TYR A CE2 1 
ATOM   1007 C  CZ  . TYR A 1 177 ? -4.349  6.487   16.750  1.00 31.76  ? 169 TYR A CZ  1 
ATOM   1008 O  OH  . TYR A 1 177 ? -5.454  7.242   16.995  1.00 33.64  ? 169 TYR A OH  1 
ATOM   1009 N  N   . ARG A 1 178 ? 2.611   4.306   15.003  1.00 35.71  ? 170 ARG A N   1 
ATOM   1010 C  CA  . ARG A 1 178 ? 3.881   3.574   14.833  1.00 35.29  ? 170 ARG A CA  1 
ATOM   1011 C  C   . ARG A 1 178 ? 3.674   2.082   14.834  1.00 32.56  ? 170 ARG A C   1 
ATOM   1012 O  O   . ARG A 1 178 ? 4.215   1.344   15.658  1.00 27.90  ? 170 ARG A O   1 
ATOM   1013 C  CB  . ARG A 1 178 ? 4.922   4.012   15.876  1.00 37.83  ? 170 ARG A CB  1 
ATOM   1014 C  CG  . ARG A 1 178 ? 5.389   5.455   15.656  1.00 39.93  ? 170 ARG A CG  1 
ATOM   1015 C  CD  . ARG A 1 178 ? 6.247   5.975   16.811  1.00 42.29  ? 170 ARG A CD  1 
ATOM   1016 N  N   . THR A 1 179 ? 2.923   1.615   13.851  1.00 32.91  ? 171 THR A N   1 
ATOM   1017 C  CA  . THR A 1 179 ? 2.422   0.261   13.932  1.00 28.05  ? 171 THR A CA  1 
ATOM   1018 C  C   . THR A 1 179 ? 2.051   -0.272  12.544  1.00 25.81  ? 171 THR A C   1 
ATOM   1019 O  O   . THR A 1 179 ? 1.813   0.504   11.629  1.00 25.04  ? 171 THR A O   1 
ATOM   1020 C  CB  . THR A 1 179 ? 1.230   0.248   14.924  1.00 24.02  ? 171 THR A CB  1 
ATOM   1021 O  OG1 . THR A 1 179 ? 1.006   -1.078  15.395  1.00 26.90  ? 171 THR A OG1 1 
ATOM   1022 C  CG2 . THR A 1 179 ? -0.049  0.789   14.268  1.00 24.14  ? 171 THR A CG2 1 
ATOM   1023 N  N   . PRO A 1 180 ? 2.017   -1.597  12.383  1.00 27.44  ? 172 PRO A N   1 
ATOM   1024 C  CA  . PRO A 1 180 ? 1.506   -2.161  11.135  1.00 28.79  ? 172 PRO A CA  1 
ATOM   1025 C  C   . PRO A 1 180 ? 0.000   -1.874  10.929  1.00 30.65  ? 172 PRO A C   1 
ATOM   1026 O  O   . PRO A 1 180 ? -0.784  -1.973  11.883  1.00 32.36  ? 172 PRO A O   1 
ATOM   1027 C  CB  . PRO A 1 180 ? 1.727   -3.658  11.295  1.00 28.60  ? 172 PRO A CB  1 
ATOM   1028 C  CG  . PRO A 1 180 ? 2.567   -3.851  12.521  1.00 29.71  ? 172 PRO A CG  1 
ATOM   1029 C  CD  . PRO A 1 180 ? 2.458   -2.629  13.338  1.00 30.08  ? 172 PRO A CD  1 
ATOM   1030 N  N   . VAL A 1 181 ? -0.378  -1.468  9.716   1.00 30.54  ? 173 VAL A N   1 
ATOM   1031 C  CA  . VAL A 1 181 ? -1.789  -1.352  9.334   1.00 31.02  ? 173 VAL A CA  1 
ATOM   1032 C  C   . VAL A 1 181 ? -2.083  -2.224  8.108   1.00 33.34  ? 173 VAL A C   1 
ATOM   1033 O  O   . VAL A 1 181 ? -1.325  -2.241  7.139   1.00 27.56  ? 173 VAL A O   1 
ATOM   1034 C  CB  . VAL A 1 181 ? -2.195  0.100   9.115   1.00 29.22  ? 173 VAL A CB  1 
ATOM   1035 C  CG1 . VAL A 1 181 ? -3.686  0.219   8.763   1.00 29.48  ? 173 VAL A CG1 1 
ATOM   1036 C  CG2 . VAL A 1 181 ? -1.904  0.911   10.358  1.00 29.84  ? 173 VAL A CG2 1 
ATOM   1037 N  N   . ILE A 1 182 ? -3.176  -2.981  8.192   1.00 35.07  ? 174 ILE A N   1 
ATOM   1038 C  CA  . ILE A 1 182 ? -3.560  -3.936  7.171   1.00 35.05  ? 174 ILE A CA  1 
ATOM   1039 C  C   . ILE A 1 182 ? -4.612  -3.317  6.264   1.00 33.91  ? 174 ILE A C   1 
ATOM   1040 O  O   . ILE A 1 182 ? -5.647  -2.884  6.742   1.00 31.58  ? 174 ILE A O   1 
ATOM   1041 C  CB  . ILE A 1 182 ? -4.136  -5.226  7.806   1.00 36.33  ? 174 ILE A CB  1 
ATOM   1042 C  CG1 . ILE A 1 182 ? -3.217  -5.724  8.912   1.00 37.82  ? 174 ILE A CG1 1 
ATOM   1043 C  CG2 . ILE A 1 182 ? -4.376  -6.346  6.740   1.00 34.14  ? 174 ILE A CG2 1 
ATOM   1044 C  CD1 . ILE A 1 182 ? -1.851  -6.040  8.471   1.00 37.75  ? 174 ILE A CD1 1 
ATOM   1045 N  N   . LEU A 1 183 ? -4.329  -3.251  4.963   1.00 37.82  ? 175 LEU A N   1 
ATOM   1046 C  CA  . LEU A 1 183 ? -5.361  -2.909  3.963   1.00 37.21  ? 175 LEU A CA  1 
ATOM   1047 C  C   . LEU A 1 183 ? -5.819  -4.246  3.380   1.00 35.24  ? 175 LEU A C   1 
ATOM   1048 O  O   . LEU A 1 183 ? -5.053  -4.931  2.728   1.00 33.02  ? 175 LEU A O   1 
ATOM   1049 C  CB  . LEU A 1 183 ? -4.862  -1.953  2.879   1.00 37.70  ? 175 LEU A CB  1 
ATOM   1050 C  CG  . LEU A 1 183 ? -5.977  -1.351  2.005   1.00 39.08  ? 175 LEU A CG  1 
ATOM   1051 C  CD1 . LEU A 1 183 ? -6.616  -0.119  2.620   1.00 36.86  ? 175 LEU A CD1 1 
ATOM   1052 C  CD2 . LEU A 1 183 ? -5.427  -1.007  0.637   1.00 41.96  ? 175 LEU A CD2 1 
ATOM   1053 N  N   . LEU A 1 184 ? -7.042  -4.636  3.721   1.00 37.04  ? 176 LEU A N   1 
ATOM   1054 C  CA  . LEU A 1 184 ? -7.582  -5.934  3.373   1.00 40.40  ? 176 LEU A CA  1 
ATOM   1055 C  C   . LEU A 1 184 ? -8.487  -5.731  2.158   1.00 41.72  ? 176 LEU A C   1 
ATOM   1056 O  O   . LEU A 1 184 ? -9.499  -5.042  2.253   1.00 39.97  ? 176 LEU A O   1 
ATOM   1057 C  CB  . LEU A 1 184 ? -8.358  -6.510  4.553   1.00 41.15  ? 176 LEU A CB  1 
ATOM   1058 C  CG  . LEU A 1 184 ? -9.098  -7.835  4.334   1.00 44.71  ? 176 LEU A CG  1 
ATOM   1059 C  CD1 . LEU A 1 184 ? -8.156  -8.934  3.873   1.00 48.89  ? 176 LEU A CD1 1 
ATOM   1060 C  CD2 . LEU A 1 184 ? -9.813  -8.251  5.608   1.00 45.31  ? 176 LEU A CD2 1 
ATOM   1061 N  N   . THR A 1 185 ? -8.093  -6.288  1.018   1.00 39.93  ? 177 THR A N   1 
ATOM   1062 C  CA  . THR A 1 185 ? -8.824  -6.075  -0.225  1.00 44.65  ? 177 THR A CA  1 
ATOM   1063 C  C   . THR A 1 185 ? -9.126  -7.423  -0.904  1.00 46.16  ? 177 THR A C   1 
ATOM   1064 O  O   . THR A 1 185 ? -8.892  -8.489  -0.320  1.00 44.00  ? 177 THR A O   1 
ATOM   1065 C  CB  . THR A 1 185 ? -8.059  -5.091  -1.171  1.00 44.71  ? 177 THR A CB  1 
ATOM   1066 O  OG1 . THR A 1 185 ? -8.862  -4.805  -2.329  1.00 48.69  ? 177 THR A OG1 1 
ATOM   1067 C  CG2 . THR A 1 185 ? -6.733  -5.660  -1.621  1.00 42.93  ? 177 THR A CG2 1 
ATOM   1068 N  N   . ASP A 1 186 ? -9.689  -7.373  -2.108  1.00 47.93  ? 178 ASP A N   1 
ATOM   1069 C  CA  . ASP A 1 186 ? -9.895  -8.580  -2.919  1.00 47.77  ? 178 ASP A CA  1 
ATOM   1070 C  C   . ASP A 1 186 ? -9.765  -8.259  -4.403  1.00 44.13  ? 178 ASP A C   1 
ATOM   1071 O  O   . ASP A 1 186 ? -9.693  -7.100  -4.781  1.00 41.31  ? 178 ASP A O   1 
ATOM   1072 C  CB  . ASP A 1 186 ? -11.252 -9.239  -2.596  1.00 47.69  ? 178 ASP A CB  1 
ATOM   1073 C  CG  . ASP A 1 186 ? -12.420 -8.290  -2.746  1.00 53.00  ? 178 ASP A CG  1 
ATOM   1074 O  OD1 . ASP A 1 186 ? -12.457 -7.516  -3.733  1.00 56.84  ? 178 ASP A OD1 1 
ATOM   1075 O  OD2 . ASP A 1 186 ? -13.320 -8.314  -1.880  1.00 53.94  ? 178 ASP A OD2 1 
ATOM   1076 N  N   . ALA A 1 187 ? -9.738  -9.296  -5.232  1.00 43.65  ? 179 ALA A N   1 
ATOM   1077 C  CA  . ALA A 1 187 ? -9.644  -9.137  -6.686  1.00 45.01  ? 179 ALA A CA  1 
ATOM   1078 C  C   . ALA A 1 187 ? -10.820 -8.385  -7.322  1.00 42.56  ? 179 ALA A C   1 
ATOM   1079 O  O   . ALA A 1 187 ? -10.648 -7.763  -8.379  1.00 39.70  ? 179 ALA A O   1 
ATOM   1080 C  CB  . ALA A 1 187 ? -9.467  -10.499 -7.368  1.00 46.85  ? 179 ALA A CB  1 
ATOM   1081 N  N   . GLU A 1 188 ? -11.985 -8.431  -6.675  1.00 42.92  ? 180 GLU A N   1 
ATOM   1082 C  CA  . GLU A 1 188 ? -13.189 -7.745  -7.159  1.00 45.72  ? 180 GLU A CA  1 
ATOM   1083 C  C   . GLU A 1 188 ? -12.989 -6.245  -7.052  1.00 40.58  ? 180 GLU A C   1 
ATOM   1084 O  O   . GLU A 1 188 ? -13.072 -5.522  -8.047  1.00 37.46  ? 180 GLU A O   1 
ATOM   1085 C  CB  . GLU A 1 188 ? -14.437 -8.169  -6.359  1.00 48.82  ? 180 GLU A CB  1 
ATOM   1086 C  CG  . GLU A 1 188 ? -15.711 -8.288  -7.191  1.00 54.14  ? 180 GLU A CG  1 
ATOM   1087 C  CD  . GLU A 1 188 ? -16.989 -7.844  -6.456  1.00 55.87  ? 180 GLU A CD  1 
ATOM   1088 O  OE1 . GLU A 1 188 ? -17.122 -8.138  -5.250  1.00 60.82  ? 180 GLU A OE1 1 
ATOM   1089 O  OE2 . GLU A 1 188 ? -17.868 -7.208  -7.103  1.00 58.54  ? 180 GLU A OE2 1 
ATOM   1090 N  N   . VAL A 1 189 ? -12.684 -5.783  -5.842  1.00 39.29  ? 181 VAL A N   1 
ATOM   1091 C  CA  . VAL A 1 189 ? -12.368 -4.370  -5.616  1.00 37.99  ? 181 VAL A CA  1 
ATOM   1092 C  C   . VAL A 1 189 ? -11.186 -3.913  -6.477  1.00 35.20  ? 181 VAL A C   1 
ATOM   1093 O  O   . VAL A 1 189 ? -11.220 -2.826  -7.053  1.00 37.49  ? 181 VAL A O   1 
ATOM   1094 C  CB  . VAL A 1 189 ? -12.076 -4.089  -4.140  1.00 41.47  ? 181 VAL A CB  1 
ATOM   1095 C  CG1 . VAL A 1 189 ? -11.564 -2.682  -3.953  1.00 43.10  ? 181 VAL A CG1 1 
ATOM   1096 C  CG2 . VAL A 1 189 ? -13.341 -4.287  -3.318  1.00 43.70  ? 181 VAL A CG2 1 
ATOM   1097 N  N   . GLY A 1 190 ? -10.151 -4.739  -6.568  1.00 30.59  ? 182 GLY A N   1 
ATOM   1098 C  CA  . GLY A 1 190 ? -8.979  -4.396  -7.336  1.00 33.88  ? 182 GLY A CA  1 
ATOM   1099 C  C   . GLY A 1 190 ? -9.227  -4.121  -8.804  1.00 36.58  ? 182 GLY A C   1 
ATOM   1100 O  O   . GLY A 1 190 ? -8.512  -3.315  -9.410  1.00 33.43  ? 182 GLY A O   1 
ATOM   1101 N  N   . HIS A 1 191 ? -10.243 -4.783  -9.369  1.00 39.16  ? 183 HIS A N   1 
ATOM   1102 C  CA  . HIS A 1 191 ? -10.540 -4.681  -10.802 1.00 40.12  ? 183 HIS A CA  1 
ATOM   1103 C  C   . HIS A 1 191 ? -11.781 -3.878  -11.142 1.00 39.58  ? 183 HIS A C   1 
ATOM   1104 O  O   . HIS A 1 191 ? -11.996 -3.587  -12.317 1.00 39.13  ? 183 HIS A O   1 
ATOM   1105 C  CB  . HIS A 1 191 ? -10.579 -6.068  -11.442 1.00 39.22  ? 183 HIS A CB  1 
ATOM   1106 C  CG  . HIS A 1 191 ? -9.273  -6.788  -11.333 1.00 40.32  ? 183 HIS A CG  1 
ATOM   1107 N  ND1 . HIS A 1 191 ? -8.908  -7.494  -10.205 1.00 40.07  ? 183 HIS A ND1 1 
ATOM   1108 C  CD2 . HIS A 1 191 ? -8.230  -6.881  -12.192 1.00 39.45  ? 183 HIS A CD2 1 
ATOM   1109 C  CE1 . HIS A 1 191 ? -7.704  -8.004  -10.385 1.00 41.37  ? 183 HIS A CE1 1 
ATOM   1110 N  NE2 . HIS A 1 191 ? -7.263  -7.636  -11.575 1.00 39.94  ? 183 HIS A NE2 1 
HETATM 1111 N  N   . MSE A 1 192 ? -12.551 -3.472  -10.133 1.00 40.63  ? 184 MSE A N   1 
HETATM 1112 C  CA  . MSE A 1 192 ? -13.611 -2.486  -10.327 1.00 43.12  ? 184 MSE A CA  1 
HETATM 1113 C  C   . MSE A 1 192 ? -13.002 -1.247  -10.896 1.00 37.02  ? 184 MSE A C   1 
HETATM 1114 O  O   . MSE A 1 192 ? -11.853 -0.944  -10.585 1.00 34.64  ? 184 MSE A O   1 
HETATM 1115 C  CB  . MSE A 1 192 ? -14.234 -2.046  -9.020  1.00 47.20  ? 184 MSE A CB  1 
HETATM 1116 C  CG  . MSE A 1 192 ? -14.904 -3.104  -8.260  1.00 52.08  ? 184 MSE A CG  1 
HETATM 1117 SE SE  . MSE A 1 192 ? -15.916 -2.323  -6.797  1.00 59.53  ? 184 MSE A SE  1 
HETATM 1118 C  CE  . MSE A 1 192 ? -16.327 -4.030  -6.012  1.00 53.17  ? 184 MSE A CE  1 
ATOM   1119 N  N   . ARG A 1 193 ? -13.799 -0.498  -11.655 1.00 32.71  ? 185 ARG A N   1 
ATOM   1120 C  CA  . ARG A 1 193 ? -13.365 0.742   -12.295 1.00 30.75  ? 185 ARG A CA  1 
ATOM   1121 C  C   . ARG A 1 193 ? -14.315 1.820   -11.871 1.00 31.04  ? 185 ARG A C   1 
ATOM   1122 O  O   . ARG A 1 193 ? -15.517 1.603   -11.878 1.00 35.19  ? 185 ARG A O   1 
ATOM   1123 C  CB  A ARG A 1 193 ? -13.435 0.639   -13.818 0.50 31.09  ? 185 ARG A CB  1 
ATOM   1124 C  CB  B ARG A 1 193 ? -13.356 0.553   -13.808 0.50 31.92  ? 185 ARG A CB  1 
ATOM   1125 C  CG  A ARG A 1 193 ? -12.395 -0.228  -14.448 0.50 28.49  ? 185 ARG A CG  1 
ATOM   1126 C  CG  B ARG A 1 193 ? -12.694 1.663   -14.599 0.50 29.72  ? 185 ARG A CG  1 
ATOM   1127 C  CD  A ARG A 1 193 ? -12.499 -0.237  -15.982 0.50 25.61  ? 185 ARG A CD  1 
ATOM   1128 C  CD  B ARG A 1 193 ? -12.387 1.194   -16.017 0.50 30.45  ? 185 ARG A CD  1 
ATOM   1129 N  NE  A ARG A 1 193 ? -11.562 -1.186  -16.567 0.50 20.95  ? 185 ARG A NE  1 
ATOM   1130 N  NE  B ARG A 1 193 ? -11.016 0.690   -16.048 0.50 32.65  ? 185 ARG A NE  1 
ATOM   1131 C  CZ  A ARG A 1 193 ? -11.728 -2.504  -16.542 0.50 25.48  ? 185 ARG A CZ  1 
ATOM   1132 C  CZ  B ARG A 1 193 ? -9.935  1.431   -16.289 0.50 31.69  ? 185 ARG A CZ  1 
ATOM   1133 N  NH1 A ARG A 1 193 ? -12.805 -3.051  -15.963 0.50 26.90  ? 185 ARG A NH1 1 
ATOM   1134 N  NH1 B ARG A 1 193 ? -10.036 2.728   -16.619 0.50 25.32  ? 185 ARG A NH1 1 
ATOM   1135 N  NH2 A ARG A 1 193 ? -10.811 -3.297  -17.089 0.50 23.23  ? 185 ARG A NH2 1 
ATOM   1136 N  NH2 B ARG A 1 193 ? -8.735  0.844   -16.232 0.50 33.73  ? 185 ARG A NH2 1 
ATOM   1137 N  N   . GLU A 1 194 ? -13.801 2.980   -11.478 1.00 30.95  ? 186 GLU A N   1 
ATOM   1138 C  CA  . GLU A 1 194 ? -14.655 4.068   -11.040 1.00 32.45  ? 186 GLU A CA  1 
ATOM   1139 C  C   . GLU A 1 194 ? -13.919 5.338   -11.304 1.00 32.49  ? 186 GLU A C   1 
ATOM   1140 O  O   . GLU A 1 194 ? -12.683 5.347   -11.285 1.00 36.29  ? 186 GLU A O   1 
ATOM   1141 C  CB  . GLU A 1 194 ? -15.009 3.919   -9.550  1.00 35.81  ? 186 GLU A CB  1 
ATOM   1142 C  CG  . GLU A 1 194 ? -15.547 5.186   -8.902  1.00 37.83  ? 186 GLU A CG  1 
ATOM   1143 C  CD  . GLU A 1 194 ? -15.944 5.058   -7.414  1.00 41.38  ? 186 GLU A CD  1 
ATOM   1144 O  OE1 . GLU A 1 194 ? -15.764 3.982   -6.755  1.00 44.06  ? 186 GLU A OE1 1 
ATOM   1145 O  OE2 . GLU A 1 194 ? -16.460 6.091   -6.913  1.00 43.57  ? 186 GLU A OE2 1 
ATOM   1146 N  N   . ARG A 1 195 ? -14.663 6.415   -11.567 1.00 34.75  ? 187 ARG A N   1 
ATOM   1147 C  CA  . ARG A 1 195 ? -14.066 7.723   -11.808 1.00 37.44  ? 187 ARG A CA  1 
ATOM   1148 C  C   . ARG A 1 195 ? -13.901 8.413   -10.460 1.00 39.64  ? 187 ARG A C   1 
ATOM   1149 O  O   . ARG A 1 195 ? -14.884 8.670   -9.769  1.00 43.96  ? 187 ARG A O   1 
ATOM   1150 C  CB  . ARG A 1 195 ? -14.945 8.563   -12.729 1.00 39.45  ? 187 ARG A CB  1 
ATOM   1151 C  CG  . ARG A 1 195 ? -14.343 9.889   -13.197 1.00 36.85  ? 187 ARG A CG  1 
ATOM   1152 C  CD  . ARG A 1 195 ? -15.278 10.548  -14.256 1.00 38.61  ? 187 ARG A CD  1 
ATOM   1153 N  NE  . ARG A 1 195 ? -14.678 11.757  -14.817 1.00 35.02  ? 187 ARG A NE  1 
ATOM   1154 C  CZ  . ARG A 1 195 ? -15.138 12.990  -14.652 1.00 35.79  ? 187 ARG A CZ  1 
ATOM   1155 N  NH1 . ARG A 1 195 ? -16.273 13.219  -14.009 1.00 39.15  ? 187 ARG A NH1 1 
ATOM   1156 N  NH2 . ARG A 1 195 ? -14.469 14.011  -15.168 1.00 36.38  ? 187 ARG A NH2 1 
ATOM   1157 N  N   . VAL A 1 196 ? -12.657 8.666   -10.071 1.00 37.84  ? 188 VAL A N   1 
ATOM   1158 C  CA  . VAL A 1 196 ? -12.378 9.294   -8.793  1.00 38.03  ? 188 VAL A CA  1 
ATOM   1159 C  C   . VAL A 1 196 ? -11.449 10.478  -8.974  1.00 35.15  ? 188 VAL A C   1 
ATOM   1160 O  O   . VAL A 1 196 ? -10.515 10.455  -9.782  1.00 35.21  ? 188 VAL A O   1 
ATOM   1161 C  CB  . VAL A 1 196 ? -11.788 8.300   -7.729  1.00 39.85  ? 188 VAL A CB  1 
ATOM   1162 C  CG1 . VAL A 1 196 ? -12.683 7.085   -7.573  1.00 42.24  ? 188 VAL A CG1 1 
ATOM   1163 C  CG2 . VAL A 1 196 ? -10.424 7.872   -8.094  1.00 41.82  ? 188 VAL A CG2 1 
ATOM   1164 N  N   . TYR A 1 197 ? -11.757 11.519  -8.216  1.00 33.38  ? 189 TYR A N   1 
ATOM   1165 C  CA  . TYR A 1 197 ? -10.901 12.669  -8.084  1.00 34.83  ? 189 TYR A CA  1 
ATOM   1166 C  C   . TYR A 1 197 ? -9.602  12.290  -7.327  1.00 33.20  ? 189 TYR A C   1 
ATOM   1167 O  O   . TYR A 1 197 ? -9.630  11.821  -6.187  1.00 33.75  ? 189 TYR A O   1 
ATOM   1168 C  CB  . TYR A 1 197 ? -11.653 13.812  -7.375  1.00 33.05  ? 189 TYR A CB  1 
ATOM   1169 C  CG  . TYR A 1 197 ? -10.779 15.021  -7.234  1.00 32.67  ? 189 TYR A CG  1 
ATOM   1170 C  CD1 . TYR A 1 197 ? -10.455 15.789  -8.338  1.00 30.53  ? 189 TYR A CD1 1 
ATOM   1171 C  CD2 . TYR A 1 197 ? -10.215 15.360  -6.009  1.00 30.59  ? 189 TYR A CD2 1 
ATOM   1172 C  CE1 . TYR A 1 197 ? -9.602  16.877  -8.229  1.00 31.87  ? 189 TYR A CE1 1 
ATOM   1173 C  CE2 . TYR A 1 197 ? -9.374  16.475  -5.892  1.00 30.41  ? 189 TYR A CE2 1 
ATOM   1174 C  CZ  . TYR A 1 197 ? -9.064  17.218  -6.998  1.00 31.31  ? 189 TYR A CZ  1 
ATOM   1175 O  OH  . TYR A 1 197 ? -8.203  18.315  -6.907  1.00 32.52  ? 189 TYR A OH  1 
ATOM   1176 N  N   . ILE A 1 198 ? -8.479  12.479  -8.009  1.00 34.77  ? 190 ILE A N   1 
ATOM   1177 C  CA  . ILE A 1 198 ? -7.152  12.211  -7.480  1.00 32.35  ? 190 ILE A CA  1 
ATOM   1178 C  C   . ILE A 1 198 ? -6.602  13.554  -7.045  1.00 32.00  ? 190 ILE A C   1 
ATOM   1179 O  O   . ILE A 1 198 ? -6.264  14.363  -7.896  1.00 32.38  ? 190 ILE A O   1 
ATOM   1180 C  CB  . ILE A 1 198 ? -6.192  11.647  -8.549  1.00 30.40  ? 190 ILE A CB  1 
ATOM   1181 C  CG1 . ILE A 1 198 ? -6.753  10.363  -9.188  1.00 30.24  ? 190 ILE A CG1 1 
ATOM   1182 C  CG2 . ILE A 1 198 ? -4.787  11.410  -7.918  1.00 33.00  ? 190 ILE A CG2 1 
ATOM   1183 C  CD1 . ILE A 1 198 ? -6.965  9.193   -8.229  1.00 32.64  ? 190 ILE A CD1 1 
ATOM   1184 N  N   . PRO A 1 199 ? -6.511  13.798  -5.725  1.00 33.56  ? 191 PRO A N   1 
ATOM   1185 C  CA  . PRO A 1 199 ? -6.177  15.139  -5.265  1.00 35.07  ? 191 PRO A CA  1 
ATOM   1186 C  C   . PRO A 1 199 ? -4.739  15.558  -5.545  1.00 34.98  ? 191 PRO A C   1 
ATOM   1187 O  O   . PRO A 1 199 ? -3.882  14.723  -5.771  1.00 38.25  ? 191 PRO A O   1 
ATOM   1188 C  CB  . PRO A 1 199 ? -6.427  15.065  -3.748  1.00 37.69  ? 191 PRO A CB  1 
ATOM   1189 C  CG  . PRO A 1 199 ? -7.184  13.777  -3.516  1.00 37.70  ? 191 PRO A CG  1 
ATOM   1190 C  CD  . PRO A 1 199 ? -6.710  12.870  -4.592  1.00 35.76  ? 191 PRO A CD  1 
ATOM   1191 N  N   . ASN A 1 200 ? -4.498  16.859  -5.571  1.00 36.97  ? 192 ASN A N   1 
ATOM   1192 C  CA  . ASN A 1 200 ? -3.144  17.388  -5.499  1.00 41.69  ? 192 ASN A CA  1 
ATOM   1193 C  C   . ASN A 1 200 ? -2.542  17.075  -4.127  1.00 42.20  ? 192 ASN A C   1 
ATOM   1194 O  O   . ASN A 1 200 ? -3.268  16.997  -3.137  1.00 39.99  ? 192 ASN A O   1 
ATOM   1195 C  CB  . ASN A 1 200 ? -3.140  18.906  -5.707  1.00 40.71  ? 192 ASN A CB  1 
ATOM   1196 C  CG  . ASN A 1 200 ? -3.465  19.291  -7.121  1.00 42.77  ? 192 ASN A CG  1 
ATOM   1197 O  OD1 . ASN A 1 200 ? -2.720  18.960  -8.041  1.00 43.65  ? 192 ASN A OD1 1 
ATOM   1198 N  ND2 . ASN A 1 200 ? -4.586  19.989  -7.313  1.00 42.32  ? 192 ASN A ND2 1 
ATOM   1199 N  N   . PRO A 1 201 ? -1.216  16.902  -4.064  1.00 45.40  ? 193 PRO A N   1 
ATOM   1200 C  CA  . PRO A 1 201 ? -0.519  16.700  -2.797  1.00 46.08  ? 193 PRO A CA  1 
ATOM   1201 C  C   . PRO A 1 201 ? -0.987  17.668  -1.712  1.00 47.89  ? 193 PRO A C   1 
ATOM   1202 O  O   . PRO A 1 201 ? -1.362  17.242  -0.617  1.00 46.79  ? 193 PRO A O   1 
ATOM   1203 C  CB  . PRO A 1 201 ? 0.946   16.972  -3.168  1.00 47.22  ? 193 PRO A CB  1 
ATOM   1204 C  CG  . PRO A 1 201 ? 1.051   16.546  -4.572  1.00 46.58  ? 193 PRO A CG  1 
ATOM   1205 C  CD  . PRO A 1 201 ? -0.282  16.888  -5.209  1.00 46.92  ? 193 PRO A CD  1 
ATOM   1206 N  N   . ASP A 1 202 ? -1.000  18.957  -2.039  1.00 51.23  ? 194 ASP A N   1 
ATOM   1207 C  CA  . ASP A 1 202 ? -1.373  20.003  -1.082  1.00 55.17  ? 194 ASP A CA  1 
ATOM   1208 C  C   . ASP A 1 202 ? -2.817  19.889  -0.571  1.00 55.10  ? 194 ASP A C   1 
ATOM   1209 O  O   . ASP A 1 202 ? -3.161  20.525  0.422   1.00 57.61  ? 194 ASP A O   1 
ATOM   1210 C  CB  . ASP A 1 202 ? -1.123  21.410  -1.665  1.00 58.82  ? 194 ASP A CB  1 
ATOM   1211 C  CG  . ASP A 1 202 ? -1.758  21.607  -3.045  1.00 62.67  ? 194 ASP A CG  1 
ATOM   1212 O  OD1 . ASP A 1 202 ? -2.856  22.198  -3.108  1.00 61.41  ? 194 ASP A OD1 1 
ATOM   1213 O  OD2 . ASP A 1 202 ? -1.155  21.164  -4.064  1.00 66.15  ? 194 ASP A OD2 1 
ATOM   1214 N  N   . GLU A 1 203 ? -3.645  19.079  -1.232  1.00 50.37  ? 195 GLU A N   1 
ATOM   1215 C  CA  . GLU A 1 203 ? -5.001  18.796  -0.761  1.00 48.34  ? 195 GLU A CA  1 
ATOM   1216 C  C   . GLU A 1 203 ? -5.097  17.625  0.206   1.00 45.04  ? 195 GLU A C   1 
ATOM   1217 O  O   . GLU A 1 203 ? -6.172  17.376  0.745   1.00 40.07  ? 195 GLU A O   1 
ATOM   1218 C  CB  . GLU A 1 203 ? -5.920  18.502  -1.953  1.00 49.32  ? 195 GLU A CB  1 
ATOM   1219 C  CG  . GLU A 1 203 ? -6.110  19.699  -2.847  1.00 51.87  ? 195 GLU A CG  1 
ATOM   1220 C  CD  . GLU A 1 203 ? -6.772  19.353  -4.157  1.00 52.61  ? 195 GLU A CD  1 
ATOM   1221 O  OE1 . GLU A 1 203 ? -7.333  18.259  -4.272  1.00 54.51  ? 195 GLU A OE1 1 
ATOM   1222 O  OE2 . GLU A 1 203 ? -6.710  20.177  -5.082  1.00 56.95  ? 195 GLU A OE2 1 
ATOM   1223 N  N   . ILE A 1 204 ? -4.002  16.886  0.400   1.00 44.85  ? 196 ILE A N   1 
ATOM   1224 C  CA  . ILE A 1 204 ? -4.022  15.675  1.240   1.00 43.42  ? 196 ILE A CA  1 
ATOM   1225 C  C   . ILE A 1 204 ? -3.263  15.856  2.564   1.00 42.92  ? 196 ILE A C   1 
ATOM   1226 O  O   . ILE A 1 204 ? -2.084  16.234  2.577   1.00 39.75  ? 196 ILE A O   1 
ATOM   1227 C  CB  . ILE A 1 204 ? -3.422  14.446  0.493   1.00 43.08  ? 196 ILE A CB  1 
ATOM   1228 C  CG1 . ILE A 1 204 ? -3.967  14.371  -0.932  1.00 43.52  ? 196 ILE A CG1 1 
ATOM   1229 C  CG2 . ILE A 1 204 ? -3.743  13.152  1.241   1.00 41.61  ? 196 ILE A CG2 1 
ATOM   1230 C  CD1 . ILE A 1 204 ? -3.354  13.296  -1.798  1.00 41.08  ? 196 ILE A CD1 1 
ATOM   1231 N  N   . GLU A 1 205 ? -3.952  15.546  3.659   1.00 43.80  ? 197 GLU A N   1 
ATOM   1232 C  CA  . GLU A 1 205 ? -3.366  15.511  4.990   1.00 48.01  ? 197 GLU A CA  1 
ATOM   1233 C  C   . GLU A 1 205 ? -2.537  14.239  5.169   1.00 43.81  ? 197 GLU A C   1 
ATOM   1234 O  O   . GLU A 1 205 ? -3.085  13.137  5.224   1.00 43.78  ? 197 GLU A O   1 
ATOM   1235 C  CB  . GLU A 1 205 ? -4.465  15.582  6.073   1.00 52.40  ? 197 GLU A CB  1 
ATOM   1236 C  CG  . GLU A 1 205 ? -4.004  16.163  7.448   1.00 58.32  ? 197 GLU A CG  1 
ATOM   1237 C  CD  . GLU A 1 205 ? -4.123  15.201  8.655   1.00 61.36  ? 197 GLU A CD  1 
ATOM   1238 O  OE1 . GLU A 1 205 ? -4.679  14.083  8.528   1.00 64.15  ? 197 GLU A OE1 1 
ATOM   1239 O  OE2 . GLU A 1 205 ? -3.658  15.583  9.757   1.00 62.88  ? 197 GLU A OE2 1 
ATOM   1240 N  N   . ILE A 1 206 ? -1.217  14.412  5.261   1.00 40.04  ? 198 ILE A N   1 
ATOM   1241 C  CA  . ILE A 1 206 ? -0.288  13.322  5.563   1.00 41.02  ? 198 ILE A CA  1 
ATOM   1242 C  C   . ILE A 1 206 ? 0.276   13.458  6.983   1.00 40.02  ? 198 ILE A C   1 
ATOM   1243 O  O   . ILE A 1 206 ? 0.783   14.505  7.345   1.00 40.80  ? 198 ILE A O   1 
ATOM   1244 C  CB  . ILE A 1 206 ? 0.881   13.291  4.546   1.00 41.20  ? 198 ILE A CB  1 
ATOM   1245 C  CG1 . ILE A 1 206 ? 0.366   13.149  3.103   1.00 39.11  ? 198 ILE A CG1 1 
ATOM   1246 C  CG2 . ILE A 1 206 ? 1.838   12.167  4.860   1.00 43.87  ? 198 ILE A CG2 1 
ATOM   1247 C  CD1 . ILE A 1 206 ? -0.580  12.015  2.901   1.00 39.10  ? 198 ILE A CD1 1 
ATOM   1248 N  N   . ILE A 1 207 ? 0.157   12.403  7.786   1.00 38.66  ? 199 ILE A N   1 
ATOM   1249 C  CA  . ILE A 1 207 ? 0.857   12.315  9.066   1.00 38.15  ? 199 ILE A CA  1 
ATOM   1250 C  C   . ILE A 1 207 ? 2.183   11.548  8.902   1.00 41.21  ? 199 ILE A C   1 
ATOM   1251 O  O   . ILE A 1 207 ? 2.219   10.474  8.292   1.00 42.14  ? 199 ILE A O   1 
ATOM   1252 C  CB  . ILE A 1 207 ? 0.023   11.579  10.124  1.00 37.64  ? 199 ILE A CB  1 
ATOM   1253 C  CG1 . ILE A 1 207 ? -1.334  12.249  10.325  1.00 37.83  ? 199 ILE A CG1 1 
ATOM   1254 C  CG2 . ILE A 1 207 ? 0.781   11.525  11.482  1.00 37.90  ? 199 ILE A CG2 1 
ATOM   1255 C  CD1 . ILE A 1 207 ? -2.226  11.505  11.313  1.00 37.65  ? 199 ILE A CD1 1 
ATOM   1256 N  N   . ASN A 1 208 ? 3.260   12.096  9.462   1.00 42.90  ? 200 ASN A N   1 
ATOM   1257 C  CA  . ASN A 1 208 ? 4.568   11.425  9.498   1.00 44.61  ? 200 ASN A CA  1 
ATOM   1258 C  C   . ASN A 1 208 ? 4.966   11.028  10.925  1.00 42.05  ? 200 ASN A C   1 
ATOM   1259 O  O   . ASN A 1 208 ? 4.597   11.694  11.883  1.00 39.43  ? 200 ASN A O   1 
ATOM   1260 C  CB  . ASN A 1 208 ? 5.608   12.305  8.833   1.00 47.56  ? 200 ASN A CB  1 
ATOM   1261 C  CG  . ASN A 1 208 ? 5.363   12.442  7.342   1.00 50.83  ? 200 ASN A CG  1 
ATOM   1262 O  OD1 . ASN A 1 208 ? 5.217   11.436  6.629   1.00 52.01  ? 200 ASN A OD1 1 
ATOM   1263 N  ND2 . ASN A 1 208 ? 5.298   13.685  6.860   1.00 51.10  ? 200 ASN A ND2 1 
ATOM   1264 N  N   . ARG A 1 209 ? 5.648   9.897   11.064  1.00 41.19  ? 201 ARG A N   1 
ATOM   1265 C  CA  . ARG A 1 209 ? 5.991   9.349   12.399  1.00 42.38  ? 201 ARG A CA  1 
ATOM   1266 C  C   . ARG A 1 209 ? 6.772   10.361  13.271  1.00 42.01  ? 201 ARG A C   1 
ATOM   1267 O  O   . ARG A 1 209 ? 7.574   11.169  12.760  1.00 42.72  ? 201 ARG A O   1 
ATOM   1268 C  CB  . ARG A 1 209 ? 6.829   8.074   12.266  1.00 40.48  ? 201 ARG A CB  1 
ATOM   1269 C  CG  . ARG A 1 209 ? 8.221   8.353   11.602  1.00 38.41  ? 201 ARG A CG  1 
ATOM   1270 C  CD  . ARG A 1 209 ? 8.898   7.049   11.213  1.00 37.43  ? 201 ARG A CD  1 
ATOM   1271 N  NE  . ARG A 1 209 ? 8.261   6.465   10.034  1.00 37.03  ? 201 ARG A NE  1 
ATOM   1272 C  CZ  . ARG A 1 209 ? 8.732   5.437   9.348   1.00 33.76  ? 201 ARG A CZ  1 
ATOM   1273 N  NH1 . ARG A 1 209 ? 9.875   4.866   9.699   1.00 33.21  ? 201 ARG A NH1 1 
ATOM   1274 N  NH2 . ARG A 1 209 ? 8.066   4.995   8.283   1.00 28.89  ? 201 ARG A NH2 1 
ATOM   1275 N  N   . LYS A 1 210 ? 6.539   10.297  14.578  1.00 45.01  ? 202 LYS A N   1 
ATOM   1276 C  CA  . LYS A 1 210 ? 7.225   11.178  15.530  1.00 51.50  ? 202 LYS A CA  1 
ATOM   1277 C  C   . LYS A 1 210 ? 8.686   10.767  15.648  1.00 53.71  ? 202 LYS A C   1 
ATOM   1278 O  O   . LYS A 1 210 ? 8.968   9.614   15.969  1.00 59.92  ? 202 LYS A O   1 
ATOM   1279 C  CB  . LYS A 1 210 ? 6.551   11.120  16.905  1.00 51.16  ? 202 LYS A CB  1 
HETATM 1280 X  UNK . UNX B 2 .   ? -9.150  -3.630  13.163  1.00 43.84  ? 388 UNX A UNK 1 
HETATM 1281 X  UNK . UNX C 2 .   ? -0.922  -2.415  -12.806 1.00 24.26  ? 389 UNX A UNK 1 
HETATM 1282 X  UNK . UNX D 2 .   ? -5.267  -1.545  -11.822 1.00 26.92  ? 390 UNX A UNK 1 
HETATM 1283 X  UNK . UNX E 2 .   ? -2.740  -0.430  -12.394 1.00 35.63  ? 391 UNX A UNK 1 
HETATM 1284 X  UNK . UNX F 2 .   ? 10.320  1.880   11.862  1.00 45.86  ? 392 UNX A UNK 1 
HETATM 1285 X  UNK . UNX G 2 .   ? 0.494   -8.267  -8.804  1.00 37.85  ? 393 UNX A UNK 1 
HETATM 1286 O  O   . HOH H 3 .   ? -0.378  6.977   -14.877 1.00 35.88  ? 394 HOH A O   1 
HETATM 1287 O  O   . HOH H 3 .   ? -13.942 11.116  -6.081  1.00 32.79  ? 395 HOH A O   1 
HETATM 1288 O  O   . HOH H 3 .   ? 3.921   3.943   6.987   1.00 25.14  ? 396 HOH A O   1 
HETATM 1289 O  O   . HOH H 3 .   ? -13.724 6.673   0.954   1.00 34.86  ? 397 HOH A O   1 
HETATM 1290 O  O   . HOH H 3 .   ? 1.376   8.667   6.170   1.00 35.95  ? 398 HOH A O   1 
HETATM 1291 O  O   . HOH H 3 .   ? 6.258   2.483   6.763   1.00 27.53  ? 399 HOH A O   1 
HETATM 1292 O  O   . HOH H 3 .   ? -2.218  -2.542  14.155  1.00 25.61  ? 400 HOH A O   1 
HETATM 1293 O  O   . HOH H 3 .   ? -17.434 5.792   -12.063 1.00 34.98  ? 401 HOH A O   1 
HETATM 1294 O  O   . HOH H 3 .   ? 9.193   3.050   -14.702 1.00 35.31  ? 402 HOH A O   1 
HETATM 1295 O  O   . HOH H 3 .   ? 9.808   6.582   2.312   1.00 36.51  ? 403 HOH A O   1 
HETATM 1296 O  O   . HOH H 3 .   ? -17.042 4.713   -2.201  1.00 41.72  ? 404 HOH A O   1 
HETATM 1297 O  O   . HOH H 3 .   ? -9.995  11.562  -1.559  1.00 37.60  ? 405 HOH A O   1 
HETATM 1298 O  O   . HOH H 3 .   ? -9.830  14.149  -15.847 1.00 40.11  ? 406 HOH A O   1 
HETATM 1299 O  O   . HOH H 3 .   ? -14.341 -6.371  -10.322 1.00 39.78  ? 407 HOH A O   1 
HETATM 1300 O  O   . HOH H 3 .   ? 5.418   -2.381  -14.448 1.00 40.03  ? 408 HOH A O   1 
HETATM 1301 O  O   . HOH H 3 .   ? -11.665 4.267   7.557   1.00 45.51  ? 409 HOH A O   1 
HETATM 1302 O  O   . HOH H 3 .   ? -7.440  1.996   -18.090 1.00 28.31  ? 410 HOH A O   1 
HETATM 1303 O  O   . HOH H 3 .   ? 12.578  9.011   -2.813  1.00 40.94  ? 411 HOH A O   1 
HETATM 1304 O  O   . HOH H 3 .   ? -13.947 7.319   3.836   1.00 46.16  ? 412 HOH A O   1 
HETATM 1305 O  O   . HOH H 3 .   ? 10.994  -1.030  -11.243 1.00 34.70  ? 413 HOH A O   1 
HETATM 1306 O  O   . HOH H 3 .   ? -3.168  -9.078  17.063  1.00 43.27  ? 414 HOH A O   1 
HETATM 1307 O  O   . HOH H 3 .   ? 9.442   0.606   -14.934 1.00 41.64  ? 415 HOH A O   1 
HETATM 1308 O  O   . HOH H 3 .   ? -11.001 11.475  -4.126  1.00 30.96  ? 416 HOH A O   1 
HETATM 1309 O  O   . HOH H 3 .   ? -6.549  9.916   6.552   1.00 41.70  ? 417 HOH A O   1 
HETATM 1310 O  O   . HOH H 3 .   ? -16.558 8.502   -5.920  1.00 42.95  ? 418 HOH A O   1 
# 
